data_2VAL
# 
_entry.id   2VAL 
# 
_audit_conform.dict_name       mmcif_pdbx.dic 
_audit_conform.dict_version    5.391 
_audit_conform.dict_location   http://mmcif.pdb.org/dictionaries/ascii/mmcif_pdbx.dic 
# 
loop_
_database_2.database_id 
_database_2.database_code 
_database_2.pdbx_database_accession 
_database_2.pdbx_DOI 
PDB   2VAL         pdb_00002val 10.2210/pdb2val/pdb 
PDBE  EBI-33657    ?            ?                   
WWPDB D_1290033657 ?            ?                   
# 
loop_
_pdbx_audit_revision_history.ordinal 
_pdbx_audit_revision_history.data_content_type 
_pdbx_audit_revision_history.major_revision 
_pdbx_audit_revision_history.minor_revision 
_pdbx_audit_revision_history.revision_date 
1 'Structure model' 1 0 2007-10-16 
2 'Structure model' 1 1 2011-05-08 
3 'Structure model' 1 2 2011-07-13 
4 'Structure model' 1 3 2019-07-24 
5 'Structure model' 1 4 2019-10-16 
6 'Structure model' 1 5 2024-05-08 
# 
_pdbx_audit_revision_details.ordinal             1 
_pdbx_audit_revision_details.revision_ordinal    1 
_pdbx_audit_revision_details.data_content_type   'Structure model' 
_pdbx_audit_revision_details.provider            repository 
_pdbx_audit_revision_details.type                'Initial release' 
_pdbx_audit_revision_details.description         ? 
_pdbx_audit_revision_details.details             ? 
# 
loop_
_pdbx_audit_revision_group.ordinal 
_pdbx_audit_revision_group.revision_ordinal 
_pdbx_audit_revision_group.data_content_type 
_pdbx_audit_revision_group.group 
1 2 'Structure model' 'Version format compliance' 
2 3 'Structure model' 'Version format compliance' 
3 4 'Structure model' 'Data collection'           
4 5 'Structure model' 'Data collection'           
5 5 'Structure model' Other                       
6 6 'Structure model' 'Data collection'           
7 6 'Structure model' 'Database references'       
# 
loop_
_pdbx_audit_revision_category.ordinal 
_pdbx_audit_revision_category.revision_ordinal 
_pdbx_audit_revision_category.data_content_type 
_pdbx_audit_revision_category.category 
1 4 'Structure model' diffrn_source        
2 5 'Structure model' pdbx_database_status 
3 5 'Structure model' reflns               
4 5 'Structure model' reflns_shell         
5 6 'Structure model' chem_comp_atom       
6 6 'Structure model' chem_comp_bond       
7 6 'Structure model' database_2           
# 
loop_
_pdbx_audit_revision_item.ordinal 
_pdbx_audit_revision_item.revision_ordinal 
_pdbx_audit_revision_item.data_content_type 
_pdbx_audit_revision_item.item 
1 4 'Structure model' '_diffrn_source.pdbx_synchrotron_site' 
2 5 'Structure model' '_pdbx_database_status.status_code_sf' 
3 5 'Structure model' '_reflns.pdbx_Rmerge_I_obs'            
4 5 'Structure model' '_reflns_shell.Rmerge_I_obs'           
5 6 'Structure model' '_database_2.pdbx_DOI'                 
6 6 'Structure model' '_database_2.pdbx_database_accession'  
# 
_pdbx_database_status.status_code                     REL 
_pdbx_database_status.entry_id                        2VAL 
_pdbx_database_status.deposit_site                    PDBE 
_pdbx_database_status.process_site                    PDBE 
_pdbx_database_status.SG_entry                        . 
_pdbx_database_status.recvd_initial_deposition_date   2007-09-03 
_pdbx_database_status.pdb_format_compatible           Y 
_pdbx_database_status.status_code_sf                  REL 
_pdbx_database_status.status_code_mr                  ? 
_pdbx_database_status.status_code_cs                  ? 
_pdbx_database_status.methods_development_category    ? 
_pdbx_database_status.status_code_nmr_data            ? 
# 
loop_
_audit_author.name 
_audit_author.pdbx_ordinal 
'Forster, C.'    1 
'Brauer, A.B.E.' 2 
'Perbandt, M.'   3 
'Lehmann, D.'    4 
'Furste, J.P.'   5 
'Betzel, C.'     6 
'Erdmann, V.A.'  7 
# 
_citation.id                        primary 
_citation.title                     'Crystal Structure of an Escherichia Coli Trnagly Microhelix at 2.0 Angstrom Resolution' 
_citation.journal_abbrev            Biochem.Biophys.Res.Commun. 
_citation.journal_volume            363 
_citation.page_first                621 
_citation.page_last                 ? 
_citation.year                      2007 
_citation.journal_id_ASTM           BBRCA9 
_citation.country                   US 
_citation.journal_id_ISSN           0006-291X 
_citation.journal_id_CSD            0146 
_citation.book_publisher            ? 
_citation.pdbx_database_id_PubMed   17888869 
_citation.pdbx_database_id_DOI      10.1016/J.BBRC.2007.09.008 
# 
loop_
_citation_author.citation_id 
_citation_author.name 
_citation_author.ordinal 
_citation_author.identifier_ORCID 
primary 'Forster, C.'    1 ? 
primary 'Brauer, A.B.E.' 2 ? 
primary 'Perbandt, M.'   3 ? 
primary 'Lehmann, D.'    4 ? 
primary 'Furste, J.P.'   5 ? 
primary 'Betzel, C.'     6 ? 
primary 'Erdmann, V.A.'  7 ? 
# 
loop_
_entity.id 
_entity.type 
_entity.src_method 
_entity.pdbx_description 
_entity.formula_weight 
_entity.pdbx_number_of_molecules 
_entity.pdbx_ec 
_entity.pdbx_mutation 
_entity.pdbx_fragment 
_entity.details 
1 polymer     syn "5'-R(*GP*CP*GP*GP*GP*AP*AP)-3'" 2299.459 2  ? ? ? ? 
2 polymer     syn "5'-R(*UP*UP*CP*CP*CP*GP*CP)-3'" 2133.307 2  ? ? ? ? 
3 non-polymer syn 'MAGNESIUM ION'                  24.305   1  ? ? ? ? 
4 water       nat water                            18.015   56 ? ? ? ? 
# 
loop_
_entity_name_com.entity_id 
_entity_name_com.name 
1 'E.COLI TRNAGLY MICROHELIX' 
2 'E.COLI TRNAGLY MICROHELIX' 
# 
loop_
_entity_poly.entity_id 
_entity_poly.type 
_entity_poly.nstd_linkage 
_entity_poly.nstd_monomer 
_entity_poly.pdbx_seq_one_letter_code 
_entity_poly.pdbx_seq_one_letter_code_can 
_entity_poly.pdbx_strand_id 
_entity_poly.pdbx_target_identifier 
1 polyribonucleotide no no GCGGGAA GCGGGAA A,B ? 
2 polyribonucleotide no no UUCCCGC UUCCCGC C,D ? 
# 
loop_
_pdbx_entity_nonpoly.entity_id 
_pdbx_entity_nonpoly.name 
_pdbx_entity_nonpoly.comp_id 
3 'MAGNESIUM ION' MG  
4 water           HOH 
# 
loop_
_entity_poly_seq.entity_id 
_entity_poly_seq.num 
_entity_poly_seq.mon_id 
_entity_poly_seq.hetero 
1 1 G n 
1 2 C n 
1 3 G n 
1 4 G n 
1 5 G n 
1 6 A n 
1 7 A n 
2 1 U n 
2 2 U n 
2 3 C n 
2 4 C n 
2 5 C n 
2 6 G n 
2 7 C n 
# 
loop_
_pdbx_entity_src_syn.entity_id 
_pdbx_entity_src_syn.pdbx_src_id 
_pdbx_entity_src_syn.pdbx_alt_source_flag 
_pdbx_entity_src_syn.pdbx_beg_seq_num 
_pdbx_entity_src_syn.pdbx_end_seq_num 
_pdbx_entity_src_syn.organism_scientific 
_pdbx_entity_src_syn.organism_common_name 
_pdbx_entity_src_syn.ncbi_taxonomy_id 
_pdbx_entity_src_syn.details 
1 1 sample ? ? 'ESCHERICHIA COLI' ? 562 ? 
2 1 sample ? ? 'ESCHERICHIA COLI' ? 562 ? 
# 
loop_
_chem_comp.id 
_chem_comp.type 
_chem_comp.mon_nstd_flag 
_chem_comp.name 
_chem_comp.pdbx_synonyms 
_chem_comp.formula 
_chem_comp.formula_weight 
A   'RNA linking' y "ADENOSINE-5'-MONOPHOSPHATE" ? 'C10 H14 N5 O7 P' 347.221 
C   'RNA linking' y "CYTIDINE-5'-MONOPHOSPHATE"  ? 'C9 H14 N3 O8 P'  323.197 
G   'RNA linking' y "GUANOSINE-5'-MONOPHOSPHATE" ? 'C10 H14 N5 O8 P' 363.221 
HOH non-polymer   . WATER                        ? 'H2 O'            18.015  
MG  non-polymer   . 'MAGNESIUM ION'              ? 'Mg 2'            24.305  
U   'RNA linking' y "URIDINE-5'-MONOPHOSPHATE"   ? 'C9 H13 N2 O9 P'  324.181 
# 
loop_
_pdbx_poly_seq_scheme.asym_id 
_pdbx_poly_seq_scheme.entity_id 
_pdbx_poly_seq_scheme.seq_id 
_pdbx_poly_seq_scheme.mon_id 
_pdbx_poly_seq_scheme.ndb_seq_num 
_pdbx_poly_seq_scheme.pdb_seq_num 
_pdbx_poly_seq_scheme.auth_seq_num 
_pdbx_poly_seq_scheme.pdb_mon_id 
_pdbx_poly_seq_scheme.auth_mon_id 
_pdbx_poly_seq_scheme.pdb_strand_id 
_pdbx_poly_seq_scheme.pdb_ins_code 
_pdbx_poly_seq_scheme.hetero 
A 1 1 G 1 1  1  G G A . n 
A 1 2 C 2 2  2  C C A . n 
A 1 3 G 3 3  3  G G A . n 
A 1 4 G 4 4  4  G G A . n 
A 1 5 G 5 5  5  G G A . n 
A 1 6 A 6 6  6  A A A . n 
A 1 7 A 7 7  7  A A A . n 
B 1 1 G 1 1  1  G G B . n 
B 1 2 C 2 2  2  C C B . n 
B 1 3 G 3 3  3  G G B . n 
B 1 4 G 4 4  4  G G B . n 
B 1 5 G 5 5  5  G G B . n 
B 1 6 A 6 6  6  A A B . n 
B 1 7 A 7 7  7  A A B . n 
C 2 1 U 1 66 66 U U C . n 
C 2 2 U 2 67 67 U U C . n 
C 2 3 C 3 68 68 C C C . n 
C 2 4 C 4 69 69 C C C . n 
C 2 5 C 5 70 70 C C C . n 
C 2 6 G 6 71 71 G G C . n 
C 2 7 C 7 72 72 C C C . n 
D 2 1 U 1 66 66 U U D . n 
D 2 2 U 2 67 67 U U D . n 
D 2 3 C 3 68 68 C C D . n 
D 2 4 C 4 69 69 C C D . n 
D 2 5 C 5 70 70 C C D . n 
D 2 6 G 6 71 71 G G D . n 
D 2 7 C 7 72 72 C C D . n 
# 
loop_
_pdbx_nonpoly_scheme.asym_id 
_pdbx_nonpoly_scheme.entity_id 
_pdbx_nonpoly_scheme.mon_id 
_pdbx_nonpoly_scheme.ndb_seq_num 
_pdbx_nonpoly_scheme.pdb_seq_num 
_pdbx_nonpoly_scheme.auth_seq_num 
_pdbx_nonpoly_scheme.pdb_mon_id 
_pdbx_nonpoly_scheme.auth_mon_id 
_pdbx_nonpoly_scheme.pdb_strand_id 
_pdbx_nonpoly_scheme.pdb_ins_code 
E 3 MG  1  1073 1073 MG  MG  C . 
F 4 HOH 1  2001 2001 HOH HOH A . 
F 4 HOH 2  2002 2002 HOH HOH A . 
F 4 HOH 3  2003 2003 HOH HOH A . 
F 4 HOH 4  2004 2004 HOH HOH A . 
F 4 HOH 5  2005 2005 HOH HOH A . 
F 4 HOH 6  2006 2006 HOH HOH A . 
F 4 HOH 7  2007 2007 HOH HOH A . 
F 4 HOH 8  2008 2008 HOH HOH A . 
F 4 HOH 9  2009 2009 HOH HOH A . 
F 4 HOH 10 2010 2010 HOH HOH A . 
F 4 HOH 11 2011 2011 HOH HOH A . 
F 4 HOH 12 2012 2012 HOH HOH A . 
G 4 HOH 1  2001 2001 HOH HOH B . 
G 4 HOH 2  2002 2002 HOH HOH B . 
G 4 HOH 3  2003 2003 HOH HOH B . 
G 4 HOH 4  2004 2004 HOH HOH B . 
G 4 HOH 5  2005 2005 HOH HOH B . 
G 4 HOH 6  2006 2006 HOH HOH B . 
G 4 HOH 7  2007 2007 HOH HOH B . 
G 4 HOH 8  2008 2008 HOH HOH B . 
G 4 HOH 9  2009 2009 HOH HOH B . 
G 4 HOH 10 2010 2010 HOH HOH B . 
G 4 HOH 11 2011 2011 HOH HOH B . 
G 4 HOH 12 2012 2012 HOH HOH B . 
G 4 HOH 13 2013 2013 HOH HOH B . 
G 4 HOH 14 2014 2014 HOH HOH B . 
G 4 HOH 15 2015 2015 HOH HOH B . 
H 4 HOH 1  2001 2001 HOH HOH C . 
H 4 HOH 2  2002 2002 HOH HOH C . 
H 4 HOH 3  2003 2003 HOH HOH C . 
H 4 HOH 4  2004 2004 HOH HOH C . 
H 4 HOH 5  2005 2005 HOH HOH C . 
H 4 HOH 6  2006 2006 HOH HOH C . 
H 4 HOH 7  2007 2007 HOH HOH C . 
H 4 HOH 8  2008 2008 HOH HOH C . 
H 4 HOH 9  2009 2009 HOH HOH C . 
H 4 HOH 10 2010 2010 HOH HOH C . 
H 4 HOH 11 2011 2011 HOH HOH C . 
H 4 HOH 12 2012 2012 HOH HOH C . 
H 4 HOH 13 2013 2013 HOH HOH C . 
H 4 HOH 14 2014 2014 HOH HOH C . 
H 4 HOH 15 2015 2015 HOH HOH C . 
H 4 HOH 16 2016 2016 HOH HOH C . 
H 4 HOH 17 2017 2017 HOH HOH C . 
H 4 HOH 18 2018 2018 HOH HOH C . 
I 4 HOH 1  2001 2001 HOH HOH D . 
I 4 HOH 2  2002 2002 HOH HOH D . 
I 4 HOH 3  2003 2003 HOH HOH D . 
I 4 HOH 4  2004 2004 HOH HOH D . 
I 4 HOH 5  2005 2005 HOH HOH D . 
I 4 HOH 6  2006 2006 HOH HOH D . 
I 4 HOH 7  2007 2007 HOH HOH D . 
I 4 HOH 8  2008 2008 HOH HOH D . 
I 4 HOH 9  2009 2009 HOH HOH D . 
I 4 HOH 10 2010 2010 HOH HOH D . 
I 4 HOH 11 2011 2011 HOH HOH D . 
# 
loop_
_software.name 
_software.classification 
_software.version 
_software.citation_id 
_software.pdbx_ordinal 
_software.date 
_software.type 
_software.location 
_software.language 
REFMAC refinement 5.0 ? 1 ? ? ? ? 
PHASER phasing    .   ? 2 ? ? ? ? 
# 
_cell.entry_id           2VAL 
_cell.length_a           35.348 
_cell.length_b           35.348 
_cell.length_c           130.821 
_cell.angle_alpha        90.00 
_cell.angle_beta         90.00 
_cell.angle_gamma        120.00 
_cell.Z_PDB              12 
_cell.pdbx_unique_axis   ? 
# 
_symmetry.entry_id                         2VAL 
_symmetry.space_group_name_H-M             'P 32 2 1' 
_symmetry.pdbx_full_space_group_name_H-M   ? 
_symmetry.cell_setting                     ? 
_symmetry.Int_Tables_number                154 
# 
_exptl.entry_id          2VAL 
_exptl.method            'X-RAY DIFFRACTION' 
_exptl.crystals_number   ? 
# 
_exptl_crystal.id                    1 
_exptl_crystal.density_meas          ? 
_exptl_crystal.density_Matthews      2.68 
_exptl_crystal.density_percent_sol   65 
_exptl_crystal.description           NONE 
_exptl_crystal.preparation           ? 
# 
_exptl_crystal_grow.crystal_id      1 
_exptl_crystal_grow.method          ? 
_exptl_crystal_grow.temp            ? 
_exptl_crystal_grow.temp_details    ? 
_exptl_crystal_grow.pH              ? 
_exptl_crystal_grow.pdbx_pH_range   ? 
_exptl_crystal_grow.pdbx_details    
'50 MM SODIUM CACODYLATE, PH 6.0, 10 MM SPERMINE, 10 MM MAGNESIUM SULFATE, 2.0 M AMMONIUM SULFATE, 0.5 MM RNA, ROOM TEMPERATUE.' 
# 
_diffrn.id                               1 
_diffrn.ambient_temp                     100 
_diffrn.ambient_temp_details             ? 
_diffrn.crystal_id                       1 
_diffrn.pdbx_serial_crystal_experiment   ? 
# 
_diffrn_detector.diffrn_id              1 
_diffrn_detector.detector               CCD 
_diffrn_detector.type                   MARRESEARCH 
_diffrn_detector.pdbx_collection_date   ? 
_diffrn_detector.details                ? 
# 
_diffrn_radiation.diffrn_id                        1 
_diffrn_radiation.wavelength_id                    1 
_diffrn_radiation.pdbx_monochromatic_or_laue_m_l   M 
_diffrn_radiation.monochromator                    ? 
_diffrn_radiation.pdbx_diffrn_protocol             'SINGLE WAVELENGTH' 
_diffrn_radiation.pdbx_scattering_type             x-ray 
# 
_diffrn_radiation_wavelength.id           1 
_diffrn_radiation_wavelength.wavelength   0.80630 
_diffrn_radiation_wavelength.wt           1.0 
# 
_diffrn_source.diffrn_id                   1 
_diffrn_source.source                      SYNCHROTRON 
_diffrn_source.type                        'EMBL/DESY, HAMBURG BEAMLINE X13' 
_diffrn_source.pdbx_synchrotron_site       'EMBL/DESY, HAMBURG' 
_diffrn_source.pdbx_synchrotron_beamline   X13 
_diffrn_source.pdbx_wavelength             0.80630 
_diffrn_source.pdbx_wavelength_list        ? 
# 
_reflns.pdbx_diffrn_id               1 
_reflns.pdbx_ordinal                 1 
_reflns.entry_id                     2VAL 
_reflns.observed_criterion_sigma_I   2.0 
_reflns.observed_criterion_sigma_F   ? 
_reflns.d_resolution_low             20.00 
_reflns.d_resolution_high            2.00 
_reflns.number_obs                   6908 
_reflns.number_all                   ? 
_reflns.percent_possible_obs         99.1 
_reflns.pdbx_Rmerge_I_obs            0.079 
_reflns.pdbx_Rsym_value              ? 
_reflns.pdbx_netI_over_sigmaI        34.00 
_reflns.B_iso_Wilson_estimate        ? 
_reflns.pdbx_redundancy              9.4 
_reflns.pdbx_CC_half                 ? 
_reflns.pdbx_Rpim_I_all              ? 
_reflns.pdbx_Rrim_I_all              ? 
# 
_reflns_shell.pdbx_diffrn_id         1 
_reflns_shell.pdbx_ordinal           1 
_reflns_shell.d_res_high             2.00 
_reflns_shell.d_res_low              2.03 
_reflns_shell.percent_possible_all   83.4 
_reflns_shell.Rmerge_I_obs           0.293 
_reflns_shell.pdbx_Rsym_value        ? 
_reflns_shell.meanI_over_sigI_obs    5.80 
_reflns_shell.pdbx_redundancy        4.1 
_reflns_shell.number_measured_obs    ? 
_reflns_shell.number_unique_all      ? 
_reflns_shell.number_unique_obs      ? 
_reflns_shell.pdbx_CC_half           ? 
_reflns_shell.pdbx_Rpim_I_all        ? 
_reflns_shell.pdbx_Rrim_I_all        ? 
# 
_refine.pdbx_refine_id                           'X-RAY DIFFRACTION' 
_refine.entry_id                                 2VAL 
_refine.pdbx_diffrn_id                           1 
_refine.pdbx_TLS_residual_ADP_flag               ? 
_refine.ls_number_reflns_obs                     9123 
_refine.ls_number_reflns_all                     ? 
_refine.pdbx_ls_sigma_I                          ? 
_refine.pdbx_ls_sigma_F                          2.000 
_refine.pdbx_data_cutoff_high_absF               ? 
_refine.pdbx_data_cutoff_low_absF                ? 
_refine.pdbx_data_cutoff_high_rms_absF           ? 
_refine.ls_d_res_low                             17.67 
_refine.ls_d_res_high                            2.00 
_refine.ls_percent_reflns_obs                    99.1 
_refine.ls_R_factor_obs                          ? 
_refine.ls_R_factor_all                          ? 
_refine.ls_R_factor_R_work                       0.241 
_refine.ls_R_factor_R_free                       0.318 
_refine.ls_R_factor_R_free_error                 ? 
_refine.ls_R_factor_R_free_error_details         ? 
_refine.ls_percent_reflns_R_free                 5.000 
_refine.ls_number_reflns_R_free                  ? 
_refine.ls_number_parameters                     ? 
_refine.ls_number_restraints                     ? 
_refine.occupancy_min                            ? 
_refine.occupancy_max                            ? 
_refine.correlation_coeff_Fo_to_Fc               ? 
_refine.correlation_coeff_Fo_to_Fc_free          ? 
_refine.B_iso_mean                               ? 
_refine.aniso_B[1][1]                            ? 
_refine.aniso_B[2][2]                            ? 
_refine.aniso_B[3][3]                            ? 
_refine.aniso_B[1][2]                            ? 
_refine.aniso_B[1][3]                            ? 
_refine.aniso_B[2][3]                            ? 
_refine.solvent_model_details                    ? 
_refine.solvent_model_param_ksol                 ? 
_refine.solvent_model_param_bsol                 ? 
_refine.pdbx_solvent_vdw_probe_radii             ? 
_refine.pdbx_solvent_ion_probe_radii             ? 
_refine.pdbx_solvent_shrinkage_radii             ? 
_refine.pdbx_ls_cross_valid_method               THROUGHOUT 
_refine.details                                  'HYDROGENS HAVE BEEN ADDED IN THE RIDING POSITIONS.' 
_refine.pdbx_starting_model                      ? 
_refine.pdbx_method_to_determine_struct          'MOLECULAR REPLACEMENT' 
_refine.pdbx_isotropic_thermal_model             ? 
_refine.pdbx_stereochemistry_target_values       'MAXIMUM LIKELIHOOD' 
_refine.pdbx_stereochem_target_val_spec_case     ? 
_refine.pdbx_R_Free_selection_details            RANDOM 
_refine.pdbx_overall_ESU_R                       ? 
_refine.pdbx_overall_ESU_R_Free                  ? 
_refine.overall_SU_ML                            ? 
_refine.pdbx_overall_phase_error                 ? 
_refine.overall_SU_B                             ? 
_refine.overall_SU_R_Cruickshank_DPI             ? 
_refine.pdbx_overall_SU_R_free_Cruickshank_DPI   ? 
_refine.pdbx_overall_SU_R_Blow_DPI               ? 
_refine.pdbx_overall_SU_R_free_Blow_DPI          ? 
# 
_refine_hist.pdbx_refine_id                   'X-RAY DIFFRACTION' 
_refine_hist.cycle_id                         LAST 
_refine_hist.pdbx_number_atoms_protein        0 
_refine_hist.pdbx_number_atoms_nucleic_acid   586 
_refine_hist.pdbx_number_atoms_ligand         1 
_refine_hist.number_atoms_solvent             56 
_refine_hist.number_atoms_total               643 
_refine_hist.d_res_high                       2.00 
_refine_hist.d_res_low                        17.67 
# 
_struct.entry_id                  2VAL 
_struct.title                     'Crystal structure of an Escherichia coli tRNAGly microhelix at 2.0 Angstrom resolution' 
_struct.pdbx_model_details        ? 
_struct.pdbx_CASP_flag            ? 
_struct.pdbx_model_type_details   ? 
# 
_struct_keywords.entry_id        2VAL 
_struct_keywords.pdbx_keywords   RNA 
_struct_keywords.text            
'RNA, GLYCYL-TRNA SYNTHETASE (GLYRS) SYSTEM, TRNAGLY ACCEPTOR STEM MICROHELIX, RNA TRNA IDENTITY ELEMENTS, MAGNESIUM BINDING SITES' 
# 
loop_
_struct_asym.id 
_struct_asym.pdbx_blank_PDB_chainid_flag 
_struct_asym.pdbx_modified 
_struct_asym.entity_id 
_struct_asym.details 
A N N 1 ? 
B N N 1 ? 
C N N 2 ? 
D N N 2 ? 
E N N 3 ? 
F N N 4 ? 
G N N 4 ? 
H N N 4 ? 
I N N 4 ? 
# 
loop_
_struct_ref.id 
_struct_ref.db_name 
_struct_ref.db_code 
_struct_ref.entity_id 
_struct_ref.pdbx_seq_one_letter_code 
_struct_ref.pdbx_align_begin 
_struct_ref.pdbx_db_accession 
_struct_ref.pdbx_db_isoform 
1 PDB 2VAL 1 ? ? 2VAL ? 
2 PDB 2VAL 2 ? ? 2VAL ? 
# 
loop_
_struct_ref_seq.align_id 
_struct_ref_seq.ref_id 
_struct_ref_seq.pdbx_PDB_id_code 
_struct_ref_seq.pdbx_strand_id 
_struct_ref_seq.seq_align_beg 
_struct_ref_seq.pdbx_seq_align_beg_ins_code 
_struct_ref_seq.seq_align_end 
_struct_ref_seq.pdbx_seq_align_end_ins_code 
_struct_ref_seq.pdbx_db_accession 
_struct_ref_seq.db_align_beg 
_struct_ref_seq.pdbx_db_align_beg_ins_code 
_struct_ref_seq.db_align_end 
_struct_ref_seq.pdbx_db_align_end_ins_code 
_struct_ref_seq.pdbx_auth_seq_align_beg 
_struct_ref_seq.pdbx_auth_seq_align_end 
1 1 2VAL A 1 ? 7 ? 2VAL 1  ? 7  ? 1  7  
2 1 2VAL B 1 ? 7 ? 2VAL 1  ? 7  ? 1  7  
3 2 2VAL C 1 ? 7 ? 2VAL 66 ? 72 ? 66 72 
4 2 2VAL D 1 ? 7 ? 2VAL 66 ? 72 ? 66 72 
# 
loop_
_pdbx_struct_assembly.id 
_pdbx_struct_assembly.details 
_pdbx_struct_assembly.method_details 
_pdbx_struct_assembly.oligomeric_details 
_pdbx_struct_assembly.oligomeric_count 
1 author_and_software_defined_assembly PQS dimeric 2 
2 author_and_software_defined_assembly PQS dimeric 2 
# 
loop_
_pdbx_struct_assembly_prop.biol_id 
_pdbx_struct_assembly_prop.type 
_pdbx_struct_assembly_prop.value 
_pdbx_struct_assembly_prop.details 
1 'ABSA (A^2)' 960  ? 
1 MORE         0.0  ? 
1 'SSA (A^2)'  3370 ? 
2 'ABSA (A^2)' 890  ? 
2 MORE         0.0  ? 
2 'SSA (A^2)'  3310 ? 
# 
loop_
_pdbx_struct_assembly_gen.assembly_id 
_pdbx_struct_assembly_gen.oper_expression 
_pdbx_struct_assembly_gen.asym_id_list 
1 1 A,C,E,F,H 
2 1 B,D,G,I   
# 
_pdbx_struct_oper_list.id                   1 
_pdbx_struct_oper_list.type                 'identity operation' 
_pdbx_struct_oper_list.name                 1_555 
_pdbx_struct_oper_list.symmetry_operation   x,y,z 
_pdbx_struct_oper_list.matrix[1][1]         1.0000000000 
_pdbx_struct_oper_list.matrix[1][2]         0.0000000000 
_pdbx_struct_oper_list.matrix[1][3]         0.0000000000 
_pdbx_struct_oper_list.vector[1]            0.0000000000 
_pdbx_struct_oper_list.matrix[2][1]         0.0000000000 
_pdbx_struct_oper_list.matrix[2][2]         1.0000000000 
_pdbx_struct_oper_list.matrix[2][3]         0.0000000000 
_pdbx_struct_oper_list.vector[2]            0.0000000000 
_pdbx_struct_oper_list.matrix[3][1]         0.0000000000 
_pdbx_struct_oper_list.matrix[3][2]         0.0000000000 
_pdbx_struct_oper_list.matrix[3][3]         1.0000000000 
_pdbx_struct_oper_list.vector[3]            0.0000000000 
# 
loop_
_struct_conn.id 
_struct_conn.conn_type_id 
_struct_conn.pdbx_leaving_atom_flag 
_struct_conn.pdbx_PDB_id 
_struct_conn.ptnr1_label_asym_id 
_struct_conn.ptnr1_label_comp_id 
_struct_conn.ptnr1_label_seq_id 
_struct_conn.ptnr1_label_atom_id 
_struct_conn.pdbx_ptnr1_label_alt_id 
_struct_conn.pdbx_ptnr1_PDB_ins_code 
_struct_conn.pdbx_ptnr1_standard_comp_id 
_struct_conn.ptnr1_symmetry 
_struct_conn.ptnr2_label_asym_id 
_struct_conn.ptnr2_label_comp_id 
_struct_conn.ptnr2_label_seq_id 
_struct_conn.ptnr2_label_atom_id 
_struct_conn.pdbx_ptnr2_label_alt_id 
_struct_conn.pdbx_ptnr2_PDB_ins_code 
_struct_conn.ptnr1_auth_asym_id 
_struct_conn.ptnr1_auth_comp_id 
_struct_conn.ptnr1_auth_seq_id 
_struct_conn.ptnr2_auth_asym_id 
_struct_conn.ptnr2_auth_comp_id 
_struct_conn.ptnr2_auth_seq_id 
_struct_conn.ptnr2_symmetry 
_struct_conn.pdbx_ptnr3_label_atom_id 
_struct_conn.pdbx_ptnr3_label_seq_id 
_struct_conn.pdbx_ptnr3_label_comp_id 
_struct_conn.pdbx_ptnr3_label_asym_id 
_struct_conn.pdbx_ptnr3_label_alt_id 
_struct_conn.pdbx_ptnr3_PDB_ins_code 
_struct_conn.details 
_struct_conn.pdbx_dist_value 
_struct_conn.pdbx_value_order 
_struct_conn.pdbx_role 
hydrog1  hydrog ? ? A G 1 N1 ? ? ? 1_555 C C 7 N3 ? ? A G 1 C C 72 1_555 ? ? ? ? ? ? WATSON-CRICK ? ? ? 
hydrog2  hydrog ? ? A G 1 N2 ? ? ? 1_555 C C 7 O2 ? ? A G 1 C C 72 1_555 ? ? ? ? ? ? WATSON-CRICK ? ? ? 
hydrog3  hydrog ? ? A G 1 O6 ? ? ? 1_555 C C 7 N4 ? ? A G 1 C C 72 1_555 ? ? ? ? ? ? WATSON-CRICK ? ? ? 
hydrog4  hydrog ? ? A C 2 N3 ? ? ? 1_555 C G 6 N1 ? ? A C 2 C G 71 1_555 ? ? ? ? ? ? WATSON-CRICK ? ? ? 
hydrog5  hydrog ? ? A C 2 N4 ? ? ? 1_555 C G 6 O6 ? ? A C 2 C G 71 1_555 ? ? ? ? ? ? WATSON-CRICK ? ? ? 
hydrog6  hydrog ? ? A C 2 O2 ? ? ? 1_555 C G 6 N2 ? ? A C 2 C G 71 1_555 ? ? ? ? ? ? WATSON-CRICK ? ? ? 
hydrog7  hydrog ? ? A G 3 N1 ? ? ? 1_555 C C 5 N3 ? ? A G 3 C C 70 1_555 ? ? ? ? ? ? WATSON-CRICK ? ? ? 
hydrog8  hydrog ? ? A G 3 N2 ? ? ? 1_555 C C 5 O2 ? ? A G 3 C C 70 1_555 ? ? ? ? ? ? WATSON-CRICK ? ? ? 
hydrog9  hydrog ? ? A G 3 O6 ? ? ? 1_555 C C 5 N4 ? ? A G 3 C C 70 1_555 ? ? ? ? ? ? WATSON-CRICK ? ? ? 
hydrog10 hydrog ? ? A G 4 N1 ? ? ? 1_555 C C 4 N3 ? ? A G 4 C C 69 1_555 ? ? ? ? ? ? WATSON-CRICK ? ? ? 
hydrog11 hydrog ? ? A G 4 N2 ? ? ? 1_555 C C 4 O2 ? ? A G 4 C C 69 1_555 ? ? ? ? ? ? WATSON-CRICK ? ? ? 
hydrog12 hydrog ? ? A G 4 O6 ? ? ? 1_555 C C 4 N4 ? ? A G 4 C C 69 1_555 ? ? ? ? ? ? WATSON-CRICK ? ? ? 
hydrog13 hydrog ? ? A G 5 N1 ? ? ? 1_555 C C 3 N3 ? ? A G 5 C C 68 1_555 ? ? ? ? ? ? WATSON-CRICK ? ? ? 
hydrog14 hydrog ? ? A G 5 N2 ? ? ? 1_555 C C 3 O2 ? ? A G 5 C C 68 1_555 ? ? ? ? ? ? WATSON-CRICK ? ? ? 
hydrog15 hydrog ? ? A G 5 O6 ? ? ? 1_555 C C 3 N4 ? ? A G 5 C C 68 1_555 ? ? ? ? ? ? WATSON-CRICK ? ? ? 
hydrog16 hydrog ? ? A A 6 N1 ? ? ? 1_555 C U 2 N3 ? ? A A 6 C U 67 1_555 ? ? ? ? ? ? WATSON-CRICK ? ? ? 
hydrog17 hydrog ? ? A A 6 N6 ? ? ? 1_555 C U 2 O4 ? ? A A 6 C U 67 1_555 ? ? ? ? ? ? WATSON-CRICK ? ? ? 
hydrog18 hydrog ? ? A A 7 N1 ? ? ? 1_555 C U 1 N3 ? ? A A 7 C U 66 1_555 ? ? ? ? ? ? WATSON-CRICK ? ? ? 
hydrog19 hydrog ? ? A A 7 N6 ? ? ? 1_555 C U 1 O4 ? ? A A 7 C U 66 1_555 ? ? ? ? ? ? WATSON-CRICK ? ? ? 
hydrog20 hydrog ? ? B G 1 N1 ? ? ? 1_555 D C 7 N3 ? ? B G 1 D C 72 1_555 ? ? ? ? ? ? WATSON-CRICK ? ? ? 
hydrog21 hydrog ? ? B G 1 N2 ? ? ? 1_555 D C 7 O2 ? ? B G 1 D C 72 1_555 ? ? ? ? ? ? WATSON-CRICK ? ? ? 
hydrog22 hydrog ? ? B G 1 O6 ? ? ? 1_555 D C 7 N4 ? ? B G 1 D C 72 1_555 ? ? ? ? ? ? WATSON-CRICK ? ? ? 
hydrog23 hydrog ? ? B C 2 N3 ? ? ? 1_555 D G 6 N1 ? ? B C 2 D G 71 1_555 ? ? ? ? ? ? WATSON-CRICK ? ? ? 
hydrog24 hydrog ? ? B C 2 N4 ? ? ? 1_555 D G 6 O6 ? ? B C 2 D G 71 1_555 ? ? ? ? ? ? WATSON-CRICK ? ? ? 
hydrog25 hydrog ? ? B C 2 O2 ? ? ? 1_555 D G 6 N2 ? ? B C 2 D G 71 1_555 ? ? ? ? ? ? WATSON-CRICK ? ? ? 
hydrog26 hydrog ? ? B G 3 N1 ? ? ? 1_555 D C 5 N3 ? ? B G 3 D C 70 1_555 ? ? ? ? ? ? WATSON-CRICK ? ? ? 
hydrog27 hydrog ? ? B G 3 N2 ? ? ? 1_555 D C 5 O2 ? ? B G 3 D C 70 1_555 ? ? ? ? ? ? WATSON-CRICK ? ? ? 
hydrog28 hydrog ? ? B G 3 O6 ? ? ? 1_555 D C 5 N4 ? ? B G 3 D C 70 1_555 ? ? ? ? ? ? WATSON-CRICK ? ? ? 
hydrog29 hydrog ? ? B G 4 N1 ? ? ? 1_555 D C 4 N3 ? ? B G 4 D C 69 1_555 ? ? ? ? ? ? WATSON-CRICK ? ? ? 
hydrog30 hydrog ? ? B G 4 N2 ? ? ? 1_555 D C 4 O2 ? ? B G 4 D C 69 1_555 ? ? ? ? ? ? WATSON-CRICK ? ? ? 
hydrog31 hydrog ? ? B G 4 O6 ? ? ? 1_555 D C 4 N4 ? ? B G 4 D C 69 1_555 ? ? ? ? ? ? WATSON-CRICK ? ? ? 
hydrog32 hydrog ? ? B G 5 N1 ? ? ? 1_555 D C 3 N3 ? ? B G 5 D C 68 1_555 ? ? ? ? ? ? WATSON-CRICK ? ? ? 
hydrog33 hydrog ? ? B G 5 N2 ? ? ? 1_555 D C 3 O2 ? ? B G 5 D C 68 1_555 ? ? ? ? ? ? WATSON-CRICK ? ? ? 
hydrog34 hydrog ? ? B G 5 O6 ? ? ? 1_555 D C 3 N4 ? ? B G 5 D C 68 1_555 ? ? ? ? ? ? WATSON-CRICK ? ? ? 
hydrog35 hydrog ? ? B A 6 N1 ? ? ? 1_555 D U 2 N3 ? ? B A 6 D U 67 1_555 ? ? ? ? ? ? WATSON-CRICK ? ? ? 
hydrog36 hydrog ? ? B A 6 N6 ? ? ? 1_555 D U 2 O4 ? ? B A 6 D U 67 1_555 ? ? ? ? ? ? WATSON-CRICK ? ? ? 
hydrog37 hydrog ? ? B A 7 N1 ? ? ? 1_555 D U 1 N3 ? ? B A 7 D U 66 1_555 ? ? ? ? ? ? WATSON-CRICK ? ? ? 
hydrog38 hydrog ? ? B A 7 N6 ? ? ? 1_555 D U 1 O4 ? ? B A 7 D U 66 1_555 ? ? ? ? ? ? WATSON-CRICK ? ? ? 
# 
_struct_conn_type.id          hydrog 
_struct_conn_type.criteria    ? 
_struct_conn_type.reference   ? 
# 
loop_
_pdbx_validate_rmsd_bond.id 
_pdbx_validate_rmsd_bond.PDB_model_num 
_pdbx_validate_rmsd_bond.auth_atom_id_1 
_pdbx_validate_rmsd_bond.auth_asym_id_1 
_pdbx_validate_rmsd_bond.auth_comp_id_1 
_pdbx_validate_rmsd_bond.auth_seq_id_1 
_pdbx_validate_rmsd_bond.PDB_ins_code_1 
_pdbx_validate_rmsd_bond.label_alt_id_1 
_pdbx_validate_rmsd_bond.auth_atom_id_2 
_pdbx_validate_rmsd_bond.auth_asym_id_2 
_pdbx_validate_rmsd_bond.auth_comp_id_2 
_pdbx_validate_rmsd_bond.auth_seq_id_2 
_pdbx_validate_rmsd_bond.PDB_ins_code_2 
_pdbx_validate_rmsd_bond.label_alt_id_2 
_pdbx_validate_rmsd_bond.bond_value 
_pdbx_validate_rmsd_bond.bond_target_value 
_pdbx_validate_rmsd_bond.bond_deviation 
_pdbx_validate_rmsd_bond.bond_standard_deviation 
_pdbx_validate_rmsd_bond.linker_flag 
1  1 C6    A G 1  ? ? N1    A G 1  ? ? 1.346 1.391 -0.045 0.007 N 
2  1 N7    A G 1  ? ? C8    A G 1  ? ? 1.368 1.305 0.063  0.006 N 
3  1 "C2'" A C 2  ? ? "C1'" A C 2  ? ? 1.476 1.526 -0.050 0.008 N 
4  1 C4    A C 2  ? ? C5    A C 2  ? ? 1.478 1.425 0.053  0.008 N 
5  1 C5    A C 2  ? ? C6    A C 2  ? ? 1.394 1.339 0.055  0.008 N 
6  1 "O4'" A G 3  ? ? "C1'" A G 3  ? ? 1.498 1.415 0.083  0.012 N 
7  1 C2    A G 3  ? ? N3    A G 3  ? ? 1.443 1.323 0.120  0.008 N 
8  1 C5    A G 3  ? ? C6    A G 3  ? ? 1.319 1.419 -0.100 0.010 N 
9  1 C6    A G 3  ? ? N1    A G 3  ? ? 1.458 1.391 0.067  0.007 N 
10 1 C5    A G 3  ? ? N7    A G 3  ? ? 1.451 1.388 0.063  0.006 N 
11 1 "O4'" A G 4  ? ? "C1'" A G 4  ? ? 1.525 1.415 0.110  0.012 N 
12 1 "C2'" A G 4  ? ? "O2'" A G 4  ? ? 1.313 1.412 -0.099 0.013 N 
13 1 C4    A G 4  ? ? C5    A G 4  ? ? 1.335 1.379 -0.044 0.007 N 
14 1 N9    A G 4  ? ? C4    A G 4  ? ? 1.427 1.375 0.052  0.008 N 
15 1 P     A G 5  ? ? "O5'" A G 5  ? ? 1.700 1.593 0.107  0.010 N 
16 1 "O3'" A G 5  ? ? "C3'" A G 5  ? ? 1.322 1.417 -0.095 0.014 N 
17 1 N1    A G 5  ? ? C2    A G 5  ? ? 1.427 1.373 0.054  0.008 N 
18 1 C6    A G 5  ? ? N1    A G 5  ? ? 1.441 1.391 0.050  0.007 N 
19 1 "O5'" A A 6  ? ? "C5'" A A 6  ? ? 1.318 1.420 -0.102 0.009 N 
20 1 "C5'" A A 6  ? ? "C4'" A A 6  ? ? 1.609 1.509 0.100  0.012 N 
21 1 "O3'" A A 6  ? ? "C3'" A A 6  ? ? 1.506 1.427 0.079  0.012 N 
22 1 C2    A A 6  ? ? N3    A A 6  ? ? 1.269 1.331 -0.062 0.009 N 
23 1 N3    A A 6  ? ? C4    A A 6  ? ? 1.466 1.344 0.122  0.006 N 
24 1 C6    A A 6  ? ? N1    A A 6  ? ? 1.398 1.351 0.047  0.007 N 
25 1 C5    A A 6  ? ? N7    A A 6  ? ? 1.447 1.388 0.059  0.006 N 
26 1 C6    A A 6  ? ? N6    A A 6  ? ? 1.388 1.335 0.053  0.008 N 
27 1 "C2'" A A 7  ? ? "C1'" A A 7  ? ? 1.614 1.529 0.085  0.011 N 
28 1 "O4'" A A 7  ? ? "C1'" A A 7  ? ? 1.493 1.415 0.078  0.012 N 
29 1 "C1'" A A 7  ? ? N9    A A 7  ? ? 1.575 1.483 0.092  0.015 N 
30 1 C5    A A 7  ? ? C6    A A 7  ? ? 1.489 1.406 0.083  0.009 N 
31 1 C5    A A 7  ? ? N7    A A 7  ? ? 1.429 1.388 0.041  0.006 N 
32 1 N7    A A 7  ? ? C8    A A 7  ? ? 1.396 1.311 0.085  0.007 N 
33 1 C8    A A 7  ? ? N9    A A 7  ? ? 1.424 1.373 0.051  0.008 N 
34 1 N9    A A 7  ? ? C4    A A 7  ? ? 1.423 1.374 0.049  0.006 N 
35 1 C6    A A 7  ? ? N6    A A 7  ? ? 1.429 1.335 0.094  0.008 N 
36 1 C2    B G 1  ? ? N3    B G 1  ? ? 1.375 1.323 0.052  0.008 N 
37 1 "O3'" B C 2  ? ? "C3'" B C 2  ? ? 1.542 1.427 0.115  0.012 N 
38 1 C2    B G 3  ? ? N3    B G 3  ? ? 1.400 1.323 0.077  0.008 N 
39 1 C5    B G 3  ? ? C6    B G 3  ? ? 1.352 1.419 -0.067 0.010 N 
40 1 C6    B G 3  ? ? N1    B G 3  ? ? 1.494 1.391 0.103  0.007 N 
41 1 C5    B G 3  ? ? N7    B G 3  ? ? 1.434 1.388 0.046  0.006 N 
42 1 N9    B G 3  ? ? C4    B G 3  ? ? 1.425 1.375 0.050  0.008 N 
43 1 "C5'" B G 4  ? ? "C4'" B G 4  ? ? 1.454 1.508 -0.054 0.007 N 
44 1 "O4'" B G 4  ? ? "C1'" B G 4  ? ? 1.507 1.415 0.092  0.012 N 
45 1 N1    B G 4  ? ? C2    B G 4  ? ? 1.423 1.373 0.050  0.008 N 
46 1 C5    B G 4  ? ? C6    B G 4  ? ? 1.308 1.419 -0.111 0.010 N 
47 1 C6    B G 4  ? ? N1    B G 4  ? ? 1.471 1.391 0.080  0.007 N 
48 1 C5    B G 4  ? ? N7    B G 4  ? ? 1.435 1.388 0.047  0.006 N 
49 1 C2    B G 4  ? ? N2    B G 4  ? ? 1.415 1.341 0.074  0.010 N 
50 1 "O3'" B G 4  ? ? P     B G 5  ? ? 1.502 1.607 -0.105 0.012 Y 
51 1 C2    B G 5  ? ? N3    B G 5  ? ? 1.460 1.323 0.137  0.008 N 
52 1 C6    B G 5  ? ? N1    B G 5  ? ? 1.514 1.391 0.123  0.007 N 
53 1 C5    B G 5  ? ? N7    B G 5  ? ? 1.441 1.388 0.053  0.006 N 
54 1 N9    B G 5  ? ? C4    B G 5  ? ? 1.449 1.375 0.074  0.008 N 
55 1 C2    B G 5  ? ? N2    B G 5  ? ? 1.409 1.341 0.068  0.010 N 
56 1 "O3'" B G 5  ? ? P     B A 6  ? ? 1.712 1.607 0.105  0.012 Y 
57 1 "O3'" B A 6  ? ? "C3'" B A 6  ? ? 1.515 1.427 0.088  0.012 N 
58 1 C6    B A 6  ? ? N1    B A 6  ? ? 1.395 1.351 0.044  0.007 N 
59 1 C8    B A 6  ? ? N9    B A 6  ? ? 1.316 1.373 -0.057 0.008 N 
60 1 "O3'" B A 6  ? ? P     B A 7  ? ? 1.719 1.607 0.112  0.012 Y 
61 1 "O3'" B A 7  ? ? "C3'" B A 7  ? ? 1.555 1.427 0.128  0.012 N 
62 1 N3    B A 7  ? ? C4    B A 7  ? ? 1.421 1.344 0.077  0.006 N 
63 1 C5    B A 7  ? ? C6    B A 7  ? ? 1.467 1.406 0.061  0.009 N 
64 1 N7    B A 7  ? ? C8    B A 7  ? ? 1.391 1.311 0.080  0.007 N 
65 1 C6    B A 7  ? ? N6    B A 7  ? ? 1.454 1.335 0.119  0.008 N 
66 1 "C1'" C C 68 ? ? N1    C C 68 ? ? 1.600 1.483 0.117  0.015 N 
67 1 C4    C C 68 ? ? N4    C C 68 ? ? 1.403 1.335 0.068  0.009 N 
68 1 "O3'" C C 69 ? ? "C3'" C C 69 ? ? 1.505 1.427 0.078  0.012 N 
69 1 N3    C C 69 ? ? C4    C C 69 ? ? 1.247 1.335 -0.088 0.007 N 
70 1 "O5'" C C 70 ? ? "C5'" C C 70 ? ? 1.346 1.420 -0.074 0.009 N 
71 1 "C1'" C C 70 ? ? N1    C C 70 ? ? 1.582 1.483 0.099  0.015 N 
72 1 C4    C C 70 ? ? C5    C C 70 ? ? 1.473 1.425 0.048  0.008 N 
73 1 P     C G 71 ? ? "O5'" C G 71 ? ? 1.663 1.593 0.070  0.010 N 
74 1 N1    C G 71 ? ? C2    C G 71 ? ? 1.301 1.373 -0.072 0.008 N 
75 1 C4    C G 71 ? ? C5    C G 71 ? ? 1.335 1.379 -0.044 0.007 N 
76 1 P     C C 72 ? ? "O5'" C C 72 ? ? 1.655 1.593 0.062  0.010 N 
77 1 "O3'" C C 72 ? ? "C3'" C C 72 ? ? 1.527 1.427 0.100  0.012 N 
78 1 C2    C C 72 ? ? N3    C C 72 ? ? 1.293 1.353 -0.060 0.008 N 
79 1 C5    C C 72 ? ? C6    C C 72 ? ? 1.286 1.339 -0.053 0.008 N 
80 1 "O3'" D U 66 ? ? "C3'" D U 66 ? ? 1.291 1.417 -0.126 0.014 N 
81 1 N1    D U 66 ? ? C2    D U 66 ? ? 1.295 1.381 -0.086 0.009 N 
82 1 C2    D U 66 ? ? N3    D U 66 ? ? 1.299 1.373 -0.074 0.007 N 
83 1 "C1'" D U 67 ? ? N1    D U 67 ? ? 1.616 1.483 0.133  0.015 N 
84 1 C2    D U 67 ? ? O2    D U 67 ? ? 1.290 1.219 0.071  0.009 N 
85 1 C2    D U 67 ? ? N3    D U 67 ? ? 1.417 1.373 0.044  0.007 N 
86 1 P     D C 68 ? ? "O5'" D C 68 ? ? 1.493 1.593 -0.100 0.010 N 
87 1 C4    D C 68 ? ? N4    D C 68 ? ? 1.423 1.335 0.088  0.009 N 
88 1 P     D C 69 ? ? "O5'" D C 69 ? ? 1.662 1.593 0.069  0.010 N 
89 1 N1    D C 69 ? ? C6    D C 69 ? ? 1.419 1.367 0.052  0.006 N 
90 1 N1    D C 70 ? ? C6    D C 70 ? ? 1.416 1.367 0.049  0.006 N 
91 1 C4    D C 70 ? ? C5    D C 70 ? ? 1.479 1.425 0.054  0.008 N 
92 1 P     D G 71 ? ? "O5'" D G 71 ? ? 1.667 1.593 0.074  0.010 N 
93 1 "C5'" D G 71 ? ? "C4'" D G 71 ? ? 1.593 1.509 0.084  0.012 N 
94 1 "C4'" D G 71 ? ? "C3'" D G 71 ? ? 1.423 1.521 -0.098 0.010 N 
95 1 "O3'" D G 71 ? ? "C3'" D G 71 ? ? 1.526 1.427 0.099  0.012 N 
96 1 C4    D G 71 ? ? C5    D G 71 ? ? 1.425 1.379 0.046  0.007 N 
97 1 C8    D G 71 ? ? N9    D G 71 ? ? 1.443 1.374 0.069  0.007 N 
98 1 P     D C 72 ? ? "O5'" D C 72 ? ? 1.694 1.593 0.101  0.010 N 
99 1 C4    D C 72 ? ? N4    D C 72 ? ? 1.393 1.335 0.058  0.009 N 
# 
loop_
_pdbx_validate_rmsd_angle.id 
_pdbx_validate_rmsd_angle.PDB_model_num 
_pdbx_validate_rmsd_angle.auth_atom_id_1 
_pdbx_validate_rmsd_angle.auth_asym_id_1 
_pdbx_validate_rmsd_angle.auth_comp_id_1 
_pdbx_validate_rmsd_angle.auth_seq_id_1 
_pdbx_validate_rmsd_angle.PDB_ins_code_1 
_pdbx_validate_rmsd_angle.label_alt_id_1 
_pdbx_validate_rmsd_angle.auth_atom_id_2 
_pdbx_validate_rmsd_angle.auth_asym_id_2 
_pdbx_validate_rmsd_angle.auth_comp_id_2 
_pdbx_validate_rmsd_angle.auth_seq_id_2 
_pdbx_validate_rmsd_angle.PDB_ins_code_2 
_pdbx_validate_rmsd_angle.label_alt_id_2 
_pdbx_validate_rmsd_angle.auth_atom_id_3 
_pdbx_validate_rmsd_angle.auth_asym_id_3 
_pdbx_validate_rmsd_angle.auth_comp_id_3 
_pdbx_validate_rmsd_angle.auth_seq_id_3 
_pdbx_validate_rmsd_angle.PDB_ins_code_3 
_pdbx_validate_rmsd_angle.label_alt_id_3 
_pdbx_validate_rmsd_angle.angle_value 
_pdbx_validate_rmsd_angle.angle_target_value 
_pdbx_validate_rmsd_angle.angle_deviation 
_pdbx_validate_rmsd_angle.angle_standard_deviation 
_pdbx_validate_rmsd_angle.linker_flag 
1   1 "C4'" A G 1  ? ? "C3'" A G 1  ? ? "C2'" A G 1  ? ? 91.44  102.60 -11.16 1.00 N 
2   1 "O4'" A G 1  ? ? "C1'" A G 1  ? ? N9    A G 1  ? ? 100.95 108.20 -7.25  0.80 N 
3   1 N1    A G 1  ? ? C2    A G 1  ? ? N2    A G 1  ? ? 110.19 116.20 -6.01  0.90 N 
4   1 N3    A G 1  ? ? C2    A G 1  ? ? N2    A G 1  ? ? 127.19 119.90 7.29   0.70 N 
5   1 N1    A G 1  ? ? C6    A G 1  ? ? O6    A G 1  ? ? 116.28 119.90 -3.62  0.60 N 
6   1 "C3'" A G 1  ? ? "O3'" A G 1  ? ? P     A C 2  ? ? 130.54 119.70 10.84  1.20 Y 
7   1 "O5'" A C 2  ? ? "C5'" A C 2  ? ? "C4'" A C 2  ? ? 99.68  109.40 -9.72  0.80 N 
8   1 "O4'" A C 2  ? ? "C4'" A C 2  ? ? "C3'" A C 2  ? ? 93.96  104.00 -10.04 1.00 N 
9   1 "C1'" A C 2  ? ? "O4'" A C 2  ? ? "C4'" A C 2  ? ? 104.03 109.70 -5.67  0.70 N 
10  1 "C4'" A C 2  ? ? "C3'" A C 2  ? ? "C2'" A C 2  ? ? 95.43  102.60 -7.17  1.00 N 
11  1 "O3'" A C 2  ? ? P     A G 3  ? ? OP2   A G 3  ? ? 119.41 110.50 8.91   1.10 Y 
12  1 "O5'" A G 3  ? ? P     A G 3  ? ? OP1   A G 3  ? ? 99.48  105.70 -6.22  0.90 N 
13  1 P     A G 3  ? ? "O5'" A G 3  ? ? "C5'" A G 3  ? ? 107.99 120.90 -12.91 1.60 N 
14  1 "O4'" A G 3  ? ? "C1'" A G 3  ? ? N9    A G 3  ? ? 101.20 108.20 -7.00  0.80 N 
15  1 C2    A G 3  ? ? N3    A G 3  ? ? C4    A G 3  ? ? 106.91 111.90 -4.99  0.50 N 
16  1 N3    A G 3  ? ? C4    A G 3  ? ? C5    A G 3  ? ? 134.62 128.60 6.02   0.50 N 
17  1 C5    A G 3  ? ? C6    A G 3  ? ? N1    A G 3  ? ? 116.68 111.50 5.18   0.50 N 
18  1 C4    A G 3  ? ? C5    A G 3  ? ? N7    A G 3  ? ? 115.24 110.80 4.44   0.40 N 
19  1 C5    A G 3  ? ? N7    A G 3  ? ? C8    A G 3  ? ? 100.69 104.30 -3.61  0.50 N 
20  1 C8    A G 3  ? ? N9    A G 3  ? ? C4    A G 3  ? ? 109.54 106.40 3.14   0.40 N 
21  1 N9    A G 3  ? ? C4    A G 3  ? ? C5    A G 3  ? ? 100.79 105.40 -4.61  0.40 N 
22  1 N1    A G 3  ? ? C6    A G 3  ? ? O6    A G 3  ? ? 136.98 119.90 17.08  0.60 N 
23  1 C5    A G 3  ? ? C6    A G 3  ? ? O6    A G 3  ? ? 106.29 128.60 -22.31 0.60 N 
24  1 OP1   A G 4  ? ? P     A G 4  ? ? OP2   A G 4  ? ? 129.55 119.60 9.95   1.50 N 
25  1 "O5'" A G 4  ? ? P     A G 4  ? ? OP1   A G 4  ? ? 97.40  105.70 -8.30  0.90 N 
26  1 "O5'" A G 4  ? ? "C5'" A G 4  ? ? "C4'" A G 4  ? ? 103.99 109.40 -5.41  0.80 N 
27  1 "O4'" A G 4  ? ? "C1'" A G 4  ? ? N9    A G 4  ? ? 100.45 108.20 -7.75  0.80 N 
28  1 C2    A G 4  ? ? N3    A G 4  ? ? C4    A G 4  ? ? 107.34 111.90 -4.56  0.50 N 
29  1 N3    A G 4  ? ? C4    A G 4  ? ? C5    A G 4  ? ? 135.05 128.60 6.45   0.50 N 
30  1 N7    A G 4  ? ? C8    A G 4  ? ? N9    A G 4  ? ? 109.17 113.10 -3.93  0.50 N 
31  1 C8    A G 4  ? ? N9    A G 4  ? ? C4    A G 4  ? ? 108.90 106.40 2.50   0.40 N 
32  1 N3    A G 4  ? ? C4    A G 4  ? ? N9    A G 4  ? ? 120.86 126.00 -5.14  0.60 N 
33  1 C4    A G 4  ? ? N9    A G 4  ? ? "C1'" A G 4  ? ? 118.08 126.50 -8.42  1.30 N 
34  1 OP1   A G 5  ? ? P     A G 5  ? ? OP2   A G 5  ? ? 138.32 119.60 18.72  1.50 N 
35  1 C6    A G 5  ? ? N1    A G 5  ? ? C2    A G 5  ? ? 116.39 125.10 -8.71  0.60 N 
36  1 C4    A G 5  ? ? C5    A G 5  ? ? C6    A G 5  ? ? 122.99 118.80 4.19   0.60 N 
37  1 C5    A G 5  ? ? C6    A G 5  ? ? N1    A G 5  ? ? 115.49 111.50 3.99   0.50 N 
38  1 C4    A G 5  ? ? C5    A G 5  ? ? N7    A G 5  ? ? 108.29 110.80 -2.51  0.40 N 
39  1 C5    A G 5  ? ? N7    A G 5  ? ? C8    A G 5  ? ? 108.32 104.30 4.02   0.50 N 
40  1 N7    A G 5  ? ? C8    A G 5  ? ? N9    A G 5  ? ? 108.92 113.10 -4.18  0.50 N 
41  1 C8    A G 5  ? ? N9    A G 5  ? ? C4    A G 5  ? ? 109.37 106.40 2.97   0.40 N 
42  1 N1    A G 5  ? ? C6    A G 5  ? ? O6    A G 5  ? ? 124.47 119.90 4.57   0.60 N 
43  1 C5    A G 5  ? ? C6    A G 5  ? ? O6    A G 5  ? ? 119.96 128.60 -8.64  0.60 N 
44  1 "O5'" A A 6  ? ? P     A A 6  ? ? OP2   A A 6  ? ? 95.25  105.70 -10.45 0.90 N 
45  1 "O4'" A A 6  ? ? "C1'" A A 6  ? ? N9    A A 6  ? ? 101.97 108.20 -6.23  0.80 N 
46  1 C6    A A 6  ? ? N1    A A 6  ? ? C2    A A 6  ? ? 125.16 118.60 6.56   0.60 N 
47  1 N1    A A 6  ? ? C2    A A 6  ? ? N3    A A 6  ? ? 124.30 129.30 -5.00  0.50 N 
48  1 C4    A A 6  ? ? C5    A A 6  ? ? C6    A A 6  ? ? 111.19 117.00 -5.81  0.50 N 
49  1 C4    A A 6  ? ? C5    A A 6  ? ? N7    A A 6  ? ? 107.46 110.70 -3.24  0.50 N 
50  1 C5    A A 6  ? ? N7    A A 6  ? ? C8    A A 6  ? ? 108.26 103.90 4.36   0.50 N 
51  1 N7    A A 6  ? ? C8    A A 6  ? ? N9    A A 6  ? ? 106.32 113.80 -7.48  0.50 N 
52  1 C8    A A 6  ? ? N9    A A 6  ? ? C4    A A 6  ? ? 112.33 105.80 6.53   0.40 N 
53  1 C6    A A 6  ? ? C5    A A 6  ? ? N7    A A 6  ? ? 140.95 132.30 8.65   0.70 N 
54  1 N1    A A 6  ? ? C6    A A 6  ? ? N6    A A 6  ? ? 108.38 118.60 -10.22 0.60 N 
55  1 C5    A A 6  ? ? C6    A A 6  ? ? N6    A A 6  ? ? 133.97 123.70 10.27  0.80 N 
56  1 C4    A A 6  ? ? N9    A A 6  ? ? "C1'" A A 6  ? ? 115.43 126.30 -10.87 1.80 N 
57  1 OP1   A A 7  ? ? P     A A 7  ? ? OP2   A A 7  ? ? 128.69 119.60 9.09   1.50 N 
58  1 "O5'" A A 7  ? ? P     A A 7  ? ? OP1   A A 7  ? ? 127.37 110.70 16.67  1.20 N 
59  1 "O5'" A A 7  ? ? P     A A 7  ? ? OP2   A A 7  ? ? 93.78  105.70 -11.92 0.90 N 
60  1 "O4'" A A 7  ? ? "C1'" A A 7  ? ? N9    A A 7  ? ? 114.82 108.50 6.32   0.70 N 
61  1 C6    A A 7  ? ? N1    A A 7  ? ? C2    A A 7  ? ? 113.32 118.60 -5.28  0.60 N 
62  1 N1    A A 7  ? ? C2    A A 7  ? ? N3    A A 7  ? ? 123.75 129.30 -5.55  0.50 N 
63  1 C2    A A 7  ? ? N3    A A 7  ? ? C4    A A 7  ? ? 123.77 110.60 13.17  0.50 N 
64  1 N3    A A 7  ? ? C4    A A 7  ? ? C5    A A 7  ? ? 118.12 126.80 -8.68  0.70 N 
65  1 C5    A A 7  ? ? C6    A A 7  ? ? N1    A A 7  ? ? 126.18 117.70 8.48   0.50 N 
66  1 C4    A A 7  ? ? C5    A A 7  ? ? N7    A A 7  ? ? 107.49 110.70 -3.21  0.50 N 
67  1 N9    A A 7  ? ? C4    A A 7  ? ? C5    A A 7  ? ? 109.47 105.80 3.67   0.40 N 
68  1 N3    A A 7  ? ? C4    A A 7  ? ? N9    A A 7  ? ? 132.41 127.40 5.01   0.80 N 
69  1 C6    A A 7  ? ? C5    A A 7  ? ? N7    A A 7  ? ? 137.90 132.30 5.60   0.70 N 
70  1 N1    A A 7  ? ? C6    A A 7  ? ? N6    A A 7  ? ? 110.71 118.60 -7.89  0.60 N 
71  1 "O4'" B G 1  ? ? "C4'" B G 1  ? ? "C3'" B G 1  ? ? 97.81  104.00 -6.19  1.00 N 
72  1 "C1'" B G 1  ? ? "O4'" B G 1  ? ? "C4'" B G 1  ? ? 115.84 109.90 5.94   0.80 N 
73  1 "C3'" B G 1  ? ? "C2'" B G 1  ? ? "C1'" B G 1  ? ? 96.90  101.30 -4.40  0.70 N 
74  1 C6    B G 1  ? ? N1    B G 1  ? ? C2    B G 1  ? ? 120.02 125.10 -5.08  0.60 N 
75  1 C5    B G 1  ? ? C6    B G 1  ? ? N1    B G 1  ? ? 115.94 111.50 4.44   0.50 N 
76  1 C4    B G 1  ? ? C5    B G 1  ? ? N7    B G 1  ? ? 114.01 110.80 3.21   0.40 N 
77  1 N1    B G 1  ? ? C2    B G 1  ? ? N2    B G 1  ? ? 102.52 116.20 -13.68 0.90 N 
78  1 N3    B G 1  ? ? C2    B G 1  ? ? N2    B G 1  ? ? 130.01 119.90 10.11  0.70 N 
79  1 "O3'" B G 1  ? ? P     B C 2  ? ? "O5'" B C 2  ? ? 132.79 104.00 28.79  1.90 Y 
80  1 "O3'" B G 1  ? ? P     B C 2  ? ? OP1   B C 2  ? ? 91.11  105.20 -14.09 2.20 Y 
81  1 "O5'" B C 2  ? ? "C5'" B C 2  ? ? "C4'" B C 2  ? ? 103.90 109.40 -5.50  0.80 N 
82  1 "O4'" B C 2  ? ? "C4'" B C 2  ? ? "C3'" B C 2  ? ? 97.01  104.00 -6.99  1.00 N 
83  1 C4    B C 2  ? ? C5    B C 2  ? ? C6    B C 2  ? ? 113.90 117.40 -3.50  0.50 N 
84  1 C5    B C 2  ? ? C6    B C 2  ? ? N1    B C 2  ? ? 124.06 121.00 3.06   0.50 N 
85  1 "O4'" B G 3  ? ? "C1'" B G 3  ? ? N9    B G 3  ? ? 113.51 108.50 5.01   0.70 N 
86  1 C6    B G 3  ? ? N1    B G 3  ? ? C2    B G 3  ? ? 116.05 125.10 -9.05  0.60 N 
87  1 C2    B G 3  ? ? N3    B G 3  ? ? C4    B G 3  ? ? 116.44 111.90 4.54   0.50 N 
88  1 C5    B G 3  ? ? C6    B G 3  ? ? N1    B G 3  ? ? 119.86 111.50 8.36   0.50 N 
89  1 C4    B G 3  ? ? C5    B G 3  ? ? N7    B G 3  ? ? 117.21 110.80 6.41   0.40 N 
90  1 C5    B G 3  ? ? N7    B G 3  ? ? C8    B G 3  ? ? 98.01  104.30 -6.29  0.50 N 
91  1 N7    B G 3  ? ? C8    B G 3  ? ? N9    B G 3  ? ? 116.88 113.10 3.78   0.50 N 
92  1 N9    B G 3  ? ? C4    B G 3  ? ? C5    B G 3  ? ? 101.84 105.40 -3.56  0.40 N 
93  1 N3    B G 3  ? ? C4    B G 3  ? ? N9    B G 3  ? ? 132.52 126.00 6.52   0.60 N 
94  1 C6    B G 3  ? ? C5    B G 3  ? ? N7    B G 3  ? ? 123.06 130.40 -7.34  0.60 N 
95  1 N1    B G 3  ? ? C6    B G 3  ? ? O6    B G 3  ? ? 131.34 119.90 11.44  0.60 N 
96  1 C5    B G 3  ? ? C6    B G 3  ? ? O6    B G 3  ? ? 108.79 128.60 -19.81 0.60 N 
97  1 "C2'" B G 4  ? ? "C3'" B G 4  ? ? "O3'" B G 4  ? ? 123.65 113.70 9.95   1.60 N 
98  1 N1    B G 4  ? ? C2    B G 4  ? ? N3    B G 4  ? ? 116.28 123.90 -7.62  0.60 N 
99  1 N3    B G 4  ? ? C4    B G 4  ? ? C5    B G 4  ? ? 133.29 128.60 4.69   0.50 N 
100 1 C4    B G 4  ? ? C5    B G 4  ? ? C6    B G 4  ? ? 114.33 118.80 -4.47  0.60 N 
101 1 C5    B G 4  ? ? C6    B G 4  ? ? N1    B G 4  ? ? 117.49 111.50 5.99   0.50 N 
102 1 C4    B G 4  ? ? C5    B G 4  ? ? N7    B G 4  ? ? 120.07 110.80 9.27   0.40 N 
103 1 C5    B G 4  ? ? N7    B G 4  ? ? C8    B G 4  ? ? 94.23  104.30 -10.07 0.50 N 
104 1 N7    B G 4  ? ? C8    B G 4  ? ? N9    B G 4  ? ? 119.24 113.10 6.14   0.50 N 
105 1 N9    B G 4  ? ? C4    B G 4  ? ? C5    B G 4  ? ? 99.25  105.40 -6.15  0.40 N 
106 1 C6    B G 4  ? ? C5    B G 4  ? ? N7    B G 4  ? ? 125.38 130.40 -5.02  0.60 N 
107 1 N1    B G 4  ? ? C2    B G 4  ? ? N2    B G 4  ? ? 124.00 116.20 7.80   0.90 N 
108 1 N1    B G 4  ? ? C6    B G 4  ? ? O6    B G 4  ? ? 132.55 119.90 12.65  0.60 N 
109 1 C5    B G 4  ? ? C6    B G 4  ? ? O6    B G 4  ? ? 109.84 128.60 -18.76 0.60 N 
110 1 "C3'" B G 4  ? ? "O3'" B G 4  ? ? P     B G 5  ? ? 135.59 119.70 15.89  1.20 Y 
111 1 "O3'" B G 4  ? ? P     B G 5  ? ? "O5'" B G 5  ? ? 82.86  104.00 -21.14 1.90 Y 
112 1 "O5'" B G 5  ? ? P     B G 5  ? ? OP2   B G 5  ? ? 119.36 110.70 8.66   1.20 N 
113 1 P     B G 5  ? ? "O5'" B G 5  ? ? "C5'" B G 5  ? ? 132.26 120.90 11.36  1.60 N 
114 1 "C3'" B G 5  ? ? "C2'" B G 5  ? ? "C1'" B G 5  ? ? 96.99  101.30 -4.31  0.70 N 
115 1 "O4'" B G 5  ? ? "C1'" B G 5  ? ? N9    B G 5  ? ? 114.27 108.50 5.77   0.70 N 
116 1 C6    B G 5  ? ? N1    B G 5  ? ? C2    B G 5  ? ? 116.28 125.10 -8.82  0.60 N 
117 1 C5    B G 5  ? ? C6    B G 5  ? ? N1    B G 5  ? ? 118.24 111.50 6.74   0.50 N 
118 1 N7    B G 5  ? ? C8    B G 5  ? ? N9    B G 5  ? ? 119.70 113.10 6.60   0.50 N 
119 1 C8    B G 5  ? ? N9    B G 5  ? ? C4    B G 5  ? ? 101.90 106.40 -4.50  0.40 N 
120 1 N1    B G 5  ? ? C6    B G 5  ? ? O6    B G 5  ? ? 125.30 119.90 5.40   0.60 N 
121 1 C5    B G 5  ? ? C6    B G 5  ? ? O6    B G 5  ? ? 116.14 128.60 -12.46 0.60 N 
122 1 "O3'" B G 5  ? ? P     B A 6  ? ? "O5'" B A 6  ? ? 118.78 104.00 14.78  1.90 Y 
123 1 OP1   B A 6  ? ? P     B A 6  ? ? OP2   B A 6  ? ? 129.73 119.60 10.13  1.50 N 
124 1 "C3'" B A 6  ? ? "C2'" B A 6  ? ? "C1'" B A 6  ? ? 95.60  101.30 -5.70  0.70 N 
125 1 "O4'" B A 6  ? ? "C1'" B A 6  ? ? N9    B A 6  ? ? 113.61 108.50 5.11   0.70 N 
126 1 C6    B A 6  ? ? N1    B A 6  ? ? C2    B A 6  ? ? 122.69 118.60 4.09   0.60 N 
127 1 N1    B A 6  ? ? C2    B A 6  ? ? N3    B A 6  ? ? 124.93 129.30 -4.37  0.50 N 
128 1 C4    B A 6  ? ? C5    B A 6  ? ? N7    B A 6  ? ? 104.70 110.70 -6.00  0.50 N 
129 1 C5    B A 6  ? ? N7    B A 6  ? ? C8    B A 6  ? ? 109.77 103.90 5.87   0.50 N 
130 1 C6    B A 6  ? ? C5    B A 6  ? ? N7    B A 6  ? ? 138.23 132.30 5.93   0.70 N 
131 1 C5    B A 6  ? ? C6    B A 6  ? ? N6    B A 6  ? ? 129.24 123.70 5.54   0.80 N 
132 1 "C3'" B A 6  ? ? "O3'" B A 6  ? ? P     B A 7  ? ? 138.68 119.70 18.98  1.20 Y 
133 1 "O3'" B A 6  ? ? P     B A 7  ? ? OP2   B A 7  ? ? 76.90  105.20 -28.30 2.20 Y 
134 1 "O3'" B A 6  ? ? P     B A 7  ? ? OP1   B A 7  ? ? 126.40 110.50 15.90  1.10 Y 
135 1 "C5'" B A 7  ? ? "C4'" B A 7  ? ? "O4'" B A 7  ? ? 120.32 109.80 10.52  0.90 N 
136 1 "C3'" B A 7  ? ? "C2'" B A 7  ? ? "C1'" B A 7  ? ? 106.62 101.50 5.12   0.80 N 
137 1 N9    B A 7  ? ? "C1'" B A 7  ? ? "C2'" B A 7  ? ? 122.65 114.00 8.65   1.30 N 
138 1 N1    B A 7  ? ? C2    B A 7  ? ? N3    B A 7  ? ? 123.08 129.30 -6.22  0.50 N 
139 1 C2    B A 7  ? ? N3    B A 7  ? ? C4    B A 7  ? ? 119.43 110.60 8.83   0.50 N 
140 1 N3    B A 7  ? ? C4    B A 7  ? ? C5    B A 7  ? ? 119.73 126.80 -7.07  0.70 N 
141 1 N3    B A 7  ? ? C4    B A 7  ? ? N9    B A 7  ? ? 133.58 127.40 6.18   0.80 N 
142 1 "O5'" C U 66 ? ? "C5'" C U 66 ? ? "C4'" C U 66 ? ? 103.24 109.40 -6.16  0.80 N 
143 1 "O4'" C U 66 ? ? "C4'" C U 66 ? ? "C3'" C U 66 ? ? 94.75  104.00 -9.25  1.00 N 
144 1 "C1'" C U 66 ? ? "O4'" C U 66 ? ? "C4'" C U 66 ? ? 116.02 109.90 6.12   0.80 N 
145 1 N1    C U 66 ? ? C2    C U 66 ? ? O2    C U 66 ? ? 129.25 122.80 6.45   0.70 N 
146 1 N3    C U 66 ? ? C2    C U 66 ? ? O2    C U 66 ? ? 115.74 122.20 -6.46  0.70 N 
147 1 C5    C U 66 ? ? C4    C U 66 ? ? O4    C U 66 ? ? 129.80 125.90 3.90   0.60 N 
148 1 "C3'" C U 67 ? ? "C2'" C U 67 ? ? "C1'" C U 67 ? ? 94.35  101.30 -6.95  0.70 N 
149 1 C2    C U 67 ? ? N3    C U 67 ? ? C4    C U 67 ? ? 120.86 127.00 -6.14  0.60 N 
150 1 N3    C U 67 ? ? C4    C U 67 ? ? C5    C U 67 ? ? 119.95 114.60 5.35   0.60 N 
151 1 N3    C U 67 ? ? C4    C U 67 ? ? O4    C U 67 ? ? 114.23 119.40 -5.17  0.70 N 
152 1 "O3'" C U 67 ? ? P     C C 68 ? ? OP2   C C 68 ? ? 121.60 110.50 11.10  1.10 Y 
153 1 "C3'" C C 68 ? ? "C2'" C C 68 ? ? "C1'" C C 68 ? ? 90.43  101.30 -10.87 0.70 N 
154 1 C6    C C 68 ? ? N1    C C 68 ? ? C2    C C 68 ? ? 124.36 120.30 4.06   0.40 N 
155 1 C5    C C 68 ? ? C6    C C 68 ? ? N1    C C 68 ? ? 116.56 121.00 -4.44  0.50 N 
156 1 N1    C C 68 ? ? C2    C C 68 ? ? O2    C C 68 ? ? 125.61 118.90 6.71   0.60 N 
157 1 N3    C C 68 ? ? C4    C C 68 ? ? N4    C C 68 ? ? 110.94 118.00 -7.06  0.70 N 
158 1 C5    C C 68 ? ? C4    C C 68 ? ? N4    C C 68 ? ? 128.67 120.20 8.47   0.70 N 
159 1 "O5'" C C 69 ? ? "C5'" C C 69 ? ? "C4'" C C 69 ? ? 102.51 109.40 -6.89  0.80 N 
160 1 "O4'" C C 69 ? ? "C4'" C C 69 ? ? "C3'" C C 69 ? ? 97.63  104.00 -6.37  1.00 N 
161 1 C2    C C 69 ? ? N3    C C 69 ? ? C4    C C 69 ? ? 124.95 119.90 5.05   0.50 N 
162 1 N1    C C 69 ? ? C2    C C 69 ? ? O2    C C 69 ? ? 131.06 118.90 12.16  0.60 N 
163 1 N3    C C 69 ? ? C2    C C 69 ? ? O2    C C 69 ? ? 112.27 121.90 -9.63  0.70 N 
164 1 N3    C C 69 ? ? C4    C C 69 ? ? N4    C C 69 ? ? 109.36 118.00 -8.64  0.70 N 
165 1 C5    C C 69 ? ? C4    C C 69 ? ? N4    C C 69 ? ? 129.29 120.20 9.09   0.70 N 
166 1 C2    C C 69 ? ? N1    C C 69 ? ? "C1'" C C 69 ? ? 125.40 118.80 6.60   1.10 N 
167 1 OP1   C C 70 ? ? P     C C 70 ? ? OP2   C C 70 ? ? 130.87 119.60 11.27  1.50 N 
168 1 "O5'" C C 70 ? ? P     C C 70 ? ? OP2   C C 70 ? ? 120.58 110.70 9.88   1.20 N 
169 1 N3    C C 70 ? ? C4    C C 70 ? ? C5    C C 70 ? ? 124.43 121.90 2.53   0.40 N 
170 1 "C3'" C G 71 ? ? "C2'" C G 71 ? ? "C1'" C G 71 ? ? 97.08  101.30 -4.22  0.70 N 
171 1 C2    C G 71 ? ? N3    C G 71 ? ? C4    C G 71 ? ? 108.34 111.90 -3.56  0.50 N 
172 1 C5    C G 71 ? ? C6    C G 71 ? ? O6    C G 71 ? ? 123.84 128.60 -4.76  0.60 N 
173 1 OP1   C C 72 ? ? P     C C 72 ? ? OP2   C C 72 ? ? 129.99 119.60 10.39  1.50 N 
174 1 "O4'" C C 72 ? ? "C1'" C C 72 ? ? N1    C C 72 ? ? 117.65 108.50 9.15   0.70 N 
175 1 C6    C C 72 ? ? N1    C C 72 ? ? C2    C C 72 ? ? 124.15 120.30 3.85   0.40 N 
176 1 N3    C C 72 ? ? C4    C C 72 ? ? C5    C C 72 ? ? 126.16 121.90 4.26   0.40 N 
177 1 N1    C C 72 ? ? C2    C C 72 ? ? O2    C C 72 ? ? 125.37 118.90 6.47   0.60 N 
178 1 N3    C C 72 ? ? C2    C C 72 ? ? O2    C C 72 ? ? 117.20 121.90 -4.70  0.70 N 
179 1 "C3'" D U 66 ? ? "C2'" D U 66 ? ? "C1'" D U 66 ? ? 95.92  101.30 -5.38  0.70 N 
180 1 "O4'" D U 66 ? ? "C1'" D U 66 ? ? N1    D U 66 ? ? 116.94 108.50 8.44   0.70 N 
181 1 N1    D U 66 ? ? C2    D U 66 ? ? N3    D U 66 ? ? 121.13 114.90 6.23   0.60 N 
182 1 C5    D U 66 ? ? C6    D U 66 ? ? N1    D U 66 ? ? 118.95 122.70 -3.75  0.50 N 
183 1 N1    D U 66 ? ? C2    D U 66 ? ? O2    D U 66 ? ? 115.66 122.80 -7.14  0.70 N 
184 1 N3    D U 66 ? ? C4    D U 66 ? ? O4    D U 66 ? ? 111.25 119.40 -8.15  0.70 N 
185 1 C5    D U 66 ? ? C4    D U 66 ? ? O4    D U 66 ? ? 132.11 125.90 6.21   0.60 N 
186 1 C6    D U 66 ? ? N1    D U 66 ? ? "C1'" D U 66 ? ? 130.68 121.20 9.48   1.40 N 
187 1 C2    D U 66 ? ? N1    D U 66 ? ? "C1'" D U 66 ? ? 108.05 117.70 -9.65  1.20 N 
188 1 "O5'" D U 67 ? ? P     D U 67 ? ? OP1   D U 67 ? ? 124.56 110.70 13.86  1.20 N 
189 1 "O5'" D U 67 ? ? P     D U 67 ? ? OP2   D U 67 ? ? 92.68  105.70 -13.02 0.90 N 
190 1 "O5'" D U 67 ? ? "C5'" D U 67 ? ? "C4'" D U 67 ? ? 102.20 109.40 -7.20  0.80 N 
191 1 "O4'" D U 67 ? ? "C4'" D U 67 ? ? "C3'" D U 67 ? ? 95.80  104.00 -8.20  1.00 N 
192 1 "C3'" D U 67 ? ? "C2'" D U 67 ? ? "C1'" D U 67 ? ? 95.40  101.30 -5.90  0.70 N 
193 1 N3    D U 67 ? ? C4    D U 67 ? ? C5    D U 67 ? ? 119.30 114.60 4.70   0.60 N 
194 1 N1    D U 67 ? ? C2    D U 67 ? ? O2    D U 67 ? ? 128.03 122.80 5.23   0.70 N 
195 1 N3    D U 67 ? ? C4    D U 67 ? ? O4    D U 67 ? ? 113.31 119.40 -6.09  0.70 N 
196 1 OP1   D C 68 ? ? P     D C 68 ? ? OP2   D C 68 ? ? 109.85 119.60 -9.75  1.50 N 
197 1 "O4'" D C 68 ? ? "C4'" D C 68 ? ? "C3'" D C 68 ? ? 95.98  104.00 -8.02  1.00 N 
198 1 "O4'" D C 68 ? ? "C1'" D C 68 ? ? N1    D C 68 ? ? 102.64 108.20 -5.56  0.80 N 
199 1 C6    D C 68 ? ? N1    D C 68 ? ? C2    D C 68 ? ? 116.77 120.30 -3.53  0.40 N 
200 1 C2    D C 68 ? ? N3    D C 68 ? ? C4    D C 68 ? ? 123.50 119.90 3.60   0.50 N 
201 1 C4    D C 68 ? ? C5    D C 68 ? ? C6    D C 68 ? ? 113.03 117.40 -4.37  0.50 N 
202 1 C5    D C 68 ? ? C6    D C 68 ? ? N1    D C 68 ? ? 128.60 121.00 7.60   0.50 N 
203 1 C2    D C 68 ? ? N1    D C 68 ? ? "C1'" D C 68 ? ? 127.29 118.80 8.49   1.10 N 
204 1 N1    D C 69 ? ? C2    D C 69 ? ? O2    D C 69 ? ? 124.28 118.90 5.38   0.60 N 
205 1 N3    D C 69 ? ? C2    D C 69 ? ? O2    D C 69 ? ? 114.64 121.90 -7.26  0.70 N 
206 1 N3    D C 69 ? ? C4    D C 69 ? ? N4    D C 69 ? ? 106.48 118.00 -11.52 0.70 N 
207 1 C5    D C 69 ? ? C4    D C 69 ? ? N4    D C 69 ? ? 130.60 120.20 10.40  0.70 N 
208 1 "C5'" D C 70 ? ? "C4'" D C 70 ? ? "O4'" D C 70 ? ? 121.27 109.80 11.47  0.90 N 
209 1 N3    D C 70 ? ? C4    D C 70 ? ? N4    D C 70 ? ? 104.59 118.00 -13.41 0.70 N 
210 1 C5    D C 70 ? ? C4    D C 70 ? ? N4    D C 70 ? ? 133.53 120.20 13.33  0.70 N 
211 1 C6    D C 70 ? ? N1    D C 70 ? ? "C1'" D C 70 ? ? 129.87 120.80 9.07   1.20 N 
212 1 C2    D C 70 ? ? N1    D C 70 ? ? "C1'" D C 70 ? ? 111.03 118.80 -7.77  1.10 N 
213 1 "O3'" D C 70 ? ? P     D G 71 ? ? OP2   D G 71 ? ? 119.45 110.50 8.95   1.10 Y 
214 1 "O5'" D G 71 ? ? P     D G 71 ? ? OP2   D G 71 ? ? 97.14  105.70 -8.56  0.90 N 
215 1 "C3'" D G 71 ? ? "C2'" D G 71 ? ? "C1'" D G 71 ? ? 97.07  101.30 -4.23  0.70 N 
216 1 N1    D G 71 ? ? C2    D G 71 ? ? N3    D G 71 ? ? 129.70 123.90 5.80   0.60 N 
217 1 C2    D G 71 ? ? N3    D G 71 ? ? C4    D G 71 ? ? 107.00 111.90 -4.90  0.50 N 
218 1 C5    D G 71 ? ? N7    D G 71 ? ? C8    D G 71 ? ? 107.50 104.30 3.20   0.50 N 
219 1 N3    D G 71 ? ? C2    D G 71 ? ? N2    D G 71 ? ? 115.20 119.90 -4.70  0.70 N 
220 1 OP1   D C 72 ? ? P     D C 72 ? ? OP2   D C 72 ? ? 133.35 119.60 13.75  1.50 N 
221 1 "O5'" D C 72 ? ? P     D C 72 ? ? OP1   D C 72 ? ? 120.46 110.70 9.76   1.20 N 
222 1 "O5'" D C 72 ? ? P     D C 72 ? ? OP2   D C 72 ? ? 95.26  105.70 -10.44 0.90 N 
223 1 "C1'" D C 72 ? ? "O4'" D C 72 ? ? "C4'" D C 72 ? ? 117.51 109.90 7.61   0.80 N 
224 1 "O4'" D C 72 ? ? "C1'" D C 72 ? ? "C2'" D C 72 ? ? 97.04  105.80 -8.76  1.00 N 
225 1 "O4'" D C 72 ? ? "C1'" D C 72 ? ? N1    D C 72 ? ? 127.55 108.50 19.05  0.70 N 
226 1 C6    D C 72 ? ? N1    D C 72 ? ? C2    D C 72 ? ? 116.91 120.30 -3.39  0.40 N 
227 1 C4    D C 72 ? ? C5    D C 72 ? ? C6    D C 72 ? ? 120.74 117.40 3.34   0.50 N 
228 1 N1    D C 72 ? ? C2    D C 72 ? ? O2    D C 72 ? ? 124.62 118.90 5.72   0.60 N 
229 1 N3    D C 72 ? ? C2    D C 72 ? ? O2    D C 72 ? ? 112.04 121.90 -9.86  0.70 N 
230 1 N3    D C 72 ? ? C4    D C 72 ? ? N4    D C 72 ? ? 112.87 118.00 -5.13  0.70 N 
231 1 C5    D C 72 ? ? C4    D C 72 ? ? N4    D C 72 ? ? 125.63 120.20 5.43   0.70 N 
# 
_pdbx_struct_special_symmetry.id              1 
_pdbx_struct_special_symmetry.PDB_model_num   1 
_pdbx_struct_special_symmetry.auth_asym_id    B 
_pdbx_struct_special_symmetry.auth_comp_id    HOH 
_pdbx_struct_special_symmetry.auth_seq_id     2010 
_pdbx_struct_special_symmetry.PDB_ins_code    ? 
_pdbx_struct_special_symmetry.label_asym_id   G 
_pdbx_struct_special_symmetry.label_comp_id   HOH 
_pdbx_struct_special_symmetry.label_seq_id    . 
# 
loop_
_chem_comp_atom.comp_id 
_chem_comp_atom.atom_id 
_chem_comp_atom.type_symbol 
_chem_comp_atom.pdbx_aromatic_flag 
_chem_comp_atom.pdbx_stereo_config 
_chem_comp_atom.pdbx_ordinal 
A   OP3    O  N N 1   
A   P      P  N N 2   
A   OP1    O  N N 3   
A   OP2    O  N N 4   
A   "O5'"  O  N N 5   
A   "C5'"  C  N N 6   
A   "C4'"  C  N R 7   
A   "O4'"  O  N N 8   
A   "C3'"  C  N S 9   
A   "O3'"  O  N N 10  
A   "C2'"  C  N R 11  
A   "O2'"  O  N N 12  
A   "C1'"  C  N R 13  
A   N9     N  Y N 14  
A   C8     C  Y N 15  
A   N7     N  Y N 16  
A   C5     C  Y N 17  
A   C6     C  Y N 18  
A   N6     N  N N 19  
A   N1     N  Y N 20  
A   C2     C  Y N 21  
A   N3     N  Y N 22  
A   C4     C  Y N 23  
A   HOP3   H  N N 24  
A   HOP2   H  N N 25  
A   "H5'"  H  N N 26  
A   "H5''" H  N N 27  
A   "H4'"  H  N N 28  
A   "H3'"  H  N N 29  
A   "HO3'" H  N N 30  
A   "H2'"  H  N N 31  
A   "HO2'" H  N N 32  
A   "H1'"  H  N N 33  
A   H8     H  N N 34  
A   H61    H  N N 35  
A   H62    H  N N 36  
A   H2     H  N N 37  
C   OP3    O  N N 38  
C   P      P  N N 39  
C   OP1    O  N N 40  
C   OP2    O  N N 41  
C   "O5'"  O  N N 42  
C   "C5'"  C  N N 43  
C   "C4'"  C  N R 44  
C   "O4'"  O  N N 45  
C   "C3'"  C  N S 46  
C   "O3'"  O  N N 47  
C   "C2'"  C  N R 48  
C   "O2'"  O  N N 49  
C   "C1'"  C  N R 50  
C   N1     N  N N 51  
C   C2     C  N N 52  
C   O2     O  N N 53  
C   N3     N  N N 54  
C   C4     C  N N 55  
C   N4     N  N N 56  
C   C5     C  N N 57  
C   C6     C  N N 58  
C   HOP3   H  N N 59  
C   HOP2   H  N N 60  
C   "H5'"  H  N N 61  
C   "H5''" H  N N 62  
C   "H4'"  H  N N 63  
C   "H3'"  H  N N 64  
C   "HO3'" H  N N 65  
C   "H2'"  H  N N 66  
C   "HO2'" H  N N 67  
C   "H1'"  H  N N 68  
C   H41    H  N N 69  
C   H42    H  N N 70  
C   H5     H  N N 71  
C   H6     H  N N 72  
G   OP3    O  N N 73  
G   P      P  N N 74  
G   OP1    O  N N 75  
G   OP2    O  N N 76  
G   "O5'"  O  N N 77  
G   "C5'"  C  N N 78  
G   "C4'"  C  N R 79  
G   "O4'"  O  N N 80  
G   "C3'"  C  N S 81  
G   "O3'"  O  N N 82  
G   "C2'"  C  N R 83  
G   "O2'"  O  N N 84  
G   "C1'"  C  N R 85  
G   N9     N  Y N 86  
G   C8     C  Y N 87  
G   N7     N  Y N 88  
G   C5     C  Y N 89  
G   C6     C  N N 90  
G   O6     O  N N 91  
G   N1     N  N N 92  
G   C2     C  N N 93  
G   N2     N  N N 94  
G   N3     N  N N 95  
G   C4     C  Y N 96  
G   HOP3   H  N N 97  
G   HOP2   H  N N 98  
G   "H5'"  H  N N 99  
G   "H5''" H  N N 100 
G   "H4'"  H  N N 101 
G   "H3'"  H  N N 102 
G   "HO3'" H  N N 103 
G   "H2'"  H  N N 104 
G   "HO2'" H  N N 105 
G   "H1'"  H  N N 106 
G   H8     H  N N 107 
G   H1     H  N N 108 
G   H21    H  N N 109 
G   H22    H  N N 110 
HOH O      O  N N 111 
HOH H1     H  N N 112 
HOH H2     H  N N 113 
MG  MG     MG N N 114 
U   OP3    O  N N 115 
U   P      P  N N 116 
U   OP1    O  N N 117 
U   OP2    O  N N 118 
U   "O5'"  O  N N 119 
U   "C5'"  C  N N 120 
U   "C4'"  C  N R 121 
U   "O4'"  O  N N 122 
U   "C3'"  C  N S 123 
U   "O3'"  O  N N 124 
U   "C2'"  C  N R 125 
U   "O2'"  O  N N 126 
U   "C1'"  C  N R 127 
U   N1     N  N N 128 
U   C2     C  N N 129 
U   O2     O  N N 130 
U   N3     N  N N 131 
U   C4     C  N N 132 
U   O4     O  N N 133 
U   C5     C  N N 134 
U   C6     C  N N 135 
U   HOP3   H  N N 136 
U   HOP2   H  N N 137 
U   "H5'"  H  N N 138 
U   "H5''" H  N N 139 
U   "H4'"  H  N N 140 
U   "H3'"  H  N N 141 
U   "HO3'" H  N N 142 
U   "H2'"  H  N N 143 
U   "HO2'" H  N N 144 
U   "H1'"  H  N N 145 
U   H3     H  N N 146 
U   H5     H  N N 147 
U   H6     H  N N 148 
# 
loop_
_chem_comp_bond.comp_id 
_chem_comp_bond.atom_id_1 
_chem_comp_bond.atom_id_2 
_chem_comp_bond.value_order 
_chem_comp_bond.pdbx_aromatic_flag 
_chem_comp_bond.pdbx_stereo_config 
_chem_comp_bond.pdbx_ordinal 
A   OP3   P      sing N N 1   
A   OP3   HOP3   sing N N 2   
A   P     OP1    doub N N 3   
A   P     OP2    sing N N 4   
A   P     "O5'"  sing N N 5   
A   OP2   HOP2   sing N N 6   
A   "O5'" "C5'"  sing N N 7   
A   "C5'" "C4'"  sing N N 8   
A   "C5'" "H5'"  sing N N 9   
A   "C5'" "H5''" sing N N 10  
A   "C4'" "O4'"  sing N N 11  
A   "C4'" "C3'"  sing N N 12  
A   "C4'" "H4'"  sing N N 13  
A   "O4'" "C1'"  sing N N 14  
A   "C3'" "O3'"  sing N N 15  
A   "C3'" "C2'"  sing N N 16  
A   "C3'" "H3'"  sing N N 17  
A   "O3'" "HO3'" sing N N 18  
A   "C2'" "O2'"  sing N N 19  
A   "C2'" "C1'"  sing N N 20  
A   "C2'" "H2'"  sing N N 21  
A   "O2'" "HO2'" sing N N 22  
A   "C1'" N9     sing N N 23  
A   "C1'" "H1'"  sing N N 24  
A   N9    C8     sing Y N 25  
A   N9    C4     sing Y N 26  
A   C8    N7     doub Y N 27  
A   C8    H8     sing N N 28  
A   N7    C5     sing Y N 29  
A   C5    C6     sing Y N 30  
A   C5    C4     doub Y N 31  
A   C6    N6     sing N N 32  
A   C6    N1     doub Y N 33  
A   N6    H61    sing N N 34  
A   N6    H62    sing N N 35  
A   N1    C2     sing Y N 36  
A   C2    N3     doub Y N 37  
A   C2    H2     sing N N 38  
A   N3    C4     sing Y N 39  
C   OP3   P      sing N N 40  
C   OP3   HOP3   sing N N 41  
C   P     OP1    doub N N 42  
C   P     OP2    sing N N 43  
C   P     "O5'"  sing N N 44  
C   OP2   HOP2   sing N N 45  
C   "O5'" "C5'"  sing N N 46  
C   "C5'" "C4'"  sing N N 47  
C   "C5'" "H5'"  sing N N 48  
C   "C5'" "H5''" sing N N 49  
C   "C4'" "O4'"  sing N N 50  
C   "C4'" "C3'"  sing N N 51  
C   "C4'" "H4'"  sing N N 52  
C   "O4'" "C1'"  sing N N 53  
C   "C3'" "O3'"  sing N N 54  
C   "C3'" "C2'"  sing N N 55  
C   "C3'" "H3'"  sing N N 56  
C   "O3'" "HO3'" sing N N 57  
C   "C2'" "O2'"  sing N N 58  
C   "C2'" "C1'"  sing N N 59  
C   "C2'" "H2'"  sing N N 60  
C   "O2'" "HO2'" sing N N 61  
C   "C1'" N1     sing N N 62  
C   "C1'" "H1'"  sing N N 63  
C   N1    C2     sing N N 64  
C   N1    C6     sing N N 65  
C   C2    O2     doub N N 66  
C   C2    N3     sing N N 67  
C   N3    C4     doub N N 68  
C   C4    N4     sing N N 69  
C   C4    C5     sing N N 70  
C   N4    H41    sing N N 71  
C   N4    H42    sing N N 72  
C   C5    C6     doub N N 73  
C   C5    H5     sing N N 74  
C   C6    H6     sing N N 75  
G   OP3   P      sing N N 76  
G   OP3   HOP3   sing N N 77  
G   P     OP1    doub N N 78  
G   P     OP2    sing N N 79  
G   P     "O5'"  sing N N 80  
G   OP2   HOP2   sing N N 81  
G   "O5'" "C5'"  sing N N 82  
G   "C5'" "C4'"  sing N N 83  
G   "C5'" "H5'"  sing N N 84  
G   "C5'" "H5''" sing N N 85  
G   "C4'" "O4'"  sing N N 86  
G   "C4'" "C3'"  sing N N 87  
G   "C4'" "H4'"  sing N N 88  
G   "O4'" "C1'"  sing N N 89  
G   "C3'" "O3'"  sing N N 90  
G   "C3'" "C2'"  sing N N 91  
G   "C3'" "H3'"  sing N N 92  
G   "O3'" "HO3'" sing N N 93  
G   "C2'" "O2'"  sing N N 94  
G   "C2'" "C1'"  sing N N 95  
G   "C2'" "H2'"  sing N N 96  
G   "O2'" "HO2'" sing N N 97  
G   "C1'" N9     sing N N 98  
G   "C1'" "H1'"  sing N N 99  
G   N9    C8     sing Y N 100 
G   N9    C4     sing Y N 101 
G   C8    N7     doub Y N 102 
G   C8    H8     sing N N 103 
G   N7    C5     sing Y N 104 
G   C5    C6     sing N N 105 
G   C5    C4     doub Y N 106 
G   C6    O6     doub N N 107 
G   C6    N1     sing N N 108 
G   N1    C2     sing N N 109 
G   N1    H1     sing N N 110 
G   C2    N2     sing N N 111 
G   C2    N3     doub N N 112 
G   N2    H21    sing N N 113 
G   N2    H22    sing N N 114 
G   N3    C4     sing N N 115 
HOH O     H1     sing N N 116 
HOH O     H2     sing N N 117 
U   OP3   P      sing N N 118 
U   OP3   HOP3   sing N N 119 
U   P     OP1    doub N N 120 
U   P     OP2    sing N N 121 
U   P     "O5'"  sing N N 122 
U   OP2   HOP2   sing N N 123 
U   "O5'" "C5'"  sing N N 124 
U   "C5'" "C4'"  sing N N 125 
U   "C5'" "H5'"  sing N N 126 
U   "C5'" "H5''" sing N N 127 
U   "C4'" "O4'"  sing N N 128 
U   "C4'" "C3'"  sing N N 129 
U   "C4'" "H4'"  sing N N 130 
U   "O4'" "C1'"  sing N N 131 
U   "C3'" "O3'"  sing N N 132 
U   "C3'" "C2'"  sing N N 133 
U   "C3'" "H3'"  sing N N 134 
U   "O3'" "HO3'" sing N N 135 
U   "C2'" "O2'"  sing N N 136 
U   "C2'" "C1'"  sing N N 137 
U   "C2'" "H2'"  sing N N 138 
U   "O2'" "HO2'" sing N N 139 
U   "C1'" N1     sing N N 140 
U   "C1'" "H1'"  sing N N 141 
U   N1    C2     sing N N 142 
U   N1    C6     sing N N 143 
U   C2    O2     doub N N 144 
U   C2    N3     sing N N 145 
U   N3    C4     sing N N 146 
U   N3    H3     sing N N 147 
U   C4    O4     doub N N 148 
U   C4    C5     sing N N 149 
U   C5    C6     doub N N 150 
U   C5    H5     sing N N 151 
U   C6    H6     sing N N 152 
# 
_ndb_struct_conf_na.entry_id   2VAL 
_ndb_struct_conf_na.feature    'a-form double helix' 
# 
loop_
_ndb_struct_na_base_pair.model_number 
_ndb_struct_na_base_pair.i_label_asym_id 
_ndb_struct_na_base_pair.i_label_comp_id 
_ndb_struct_na_base_pair.i_label_seq_id 
_ndb_struct_na_base_pair.i_symmetry 
_ndb_struct_na_base_pair.j_label_asym_id 
_ndb_struct_na_base_pair.j_label_comp_id 
_ndb_struct_na_base_pair.j_label_seq_id 
_ndb_struct_na_base_pair.j_symmetry 
_ndb_struct_na_base_pair.shear 
_ndb_struct_na_base_pair.stretch 
_ndb_struct_na_base_pair.stagger 
_ndb_struct_na_base_pair.buckle 
_ndb_struct_na_base_pair.propeller 
_ndb_struct_na_base_pair.opening 
_ndb_struct_na_base_pair.pair_number 
_ndb_struct_na_base_pair.pair_name 
_ndb_struct_na_base_pair.i_auth_asym_id 
_ndb_struct_na_base_pair.i_auth_seq_id 
_ndb_struct_na_base_pair.i_PDB_ins_code 
_ndb_struct_na_base_pair.j_auth_asym_id 
_ndb_struct_na_base_pair.j_auth_seq_id 
_ndb_struct_na_base_pair.j_PDB_ins_code 
_ndb_struct_na_base_pair.hbond_type_28 
_ndb_struct_na_base_pair.hbond_type_12 
1 A G 1 1_555 C C 7 1_555 -0.835 0.059  -0.024 -0.655 -8.911  5.394   1  A_G1:C72_C A 1 ? C 72 ? 19 1 
1 A C 2 1_555 C G 6 1_555 0.859  -0.235 -0.038 5.011  -12.308 3.581   2  A_C2:G71_C A 2 ? C 71 ? 19 1 
1 A G 3 1_555 C C 5 1_555 -0.436 -0.331 -0.018 1.716  -8.167  0.916   3  A_G3:C70_C A 3 ? C 70 ? 19 1 
1 A G 4 1_555 C C 4 1_555 -0.144 0.074  -0.107 -3.540 -9.830  5.585   4  A_G4:C69_C A 4 ? C 69 ? 19 1 
1 A G 5 1_555 C C 3 1_555 -0.409 -0.081 -0.181 -7.556 -9.110  -0.128  5  A_G5:C68_C A 5 ? C 68 ? 19 1 
1 A A 6 1_555 C U 2 1_555 -0.105 0.030  -0.134 -7.548 -14.950 3.945   6  A_A6:U67_C A 6 ? C 67 ? 20 1 
1 A A 7 1_555 C U 1 1_555 -0.343 -0.301 -0.071 -5.636 -9.023  1.064   7  A_A7:U66_C A 7 ? C 66 ? 20 1 
1 B G 1 1_555 D C 7 1_555 0.377  -0.319 -0.229 -6.912 -7.383  -9.076  8  B_G1:C72_D B 1 ? D 72 ? 19 1 
1 B C 2 1_555 D G 6 1_555 0.476  -0.252 -0.020 0.762  -6.714  1.131   9  B_C2:G71_D B 2 ? D 71 ? 19 1 
1 B G 3 1_555 D C 5 1_555 0.031  -0.065 -0.166 -2.496 -10.145 -1.000  10 B_G3:C70_D B 3 ? D 70 ? 19 1 
1 B G 4 1_555 D C 4 1_555 0.609  -0.112 0.107  -3.065 -13.702 3.304   11 B_G4:C69_D B 4 ? D 69 ? 19 1 
1 B G 5 1_555 D C 3 1_555 -0.525 -0.067 0.350  -1.541 -16.180 5.451   12 B_G5:C68_D B 5 ? D 68 ? 19 1 
1 B A 6 1_555 D U 2 1_555 -0.223 -0.091 0.021  -5.157 -14.575 -10.792 13 B_A6:U67_D B 6 ? D 67 ? 20 1 
1 B A 7 1_555 D U 1 1_555 0.422  -0.053 0.035  -3.058 -7.061  -11.086 14 B_A7:U66_D B 7 ? D 66 ? 20 1 
# 
loop_
_ndb_struct_na_base_pair_step.model_number 
_ndb_struct_na_base_pair_step.i_label_asym_id_1 
_ndb_struct_na_base_pair_step.i_label_comp_id_1 
_ndb_struct_na_base_pair_step.i_label_seq_id_1 
_ndb_struct_na_base_pair_step.i_symmetry_1 
_ndb_struct_na_base_pair_step.j_label_asym_id_1 
_ndb_struct_na_base_pair_step.j_label_comp_id_1 
_ndb_struct_na_base_pair_step.j_label_seq_id_1 
_ndb_struct_na_base_pair_step.j_symmetry_1 
_ndb_struct_na_base_pair_step.i_label_asym_id_2 
_ndb_struct_na_base_pair_step.i_label_comp_id_2 
_ndb_struct_na_base_pair_step.i_label_seq_id_2 
_ndb_struct_na_base_pair_step.i_symmetry_2 
_ndb_struct_na_base_pair_step.j_label_asym_id_2 
_ndb_struct_na_base_pair_step.j_label_comp_id_2 
_ndb_struct_na_base_pair_step.j_label_seq_id_2 
_ndb_struct_na_base_pair_step.j_symmetry_2 
_ndb_struct_na_base_pair_step.shift 
_ndb_struct_na_base_pair_step.slide 
_ndb_struct_na_base_pair_step.rise 
_ndb_struct_na_base_pair_step.tilt 
_ndb_struct_na_base_pair_step.roll 
_ndb_struct_na_base_pair_step.twist 
_ndb_struct_na_base_pair_step.x_displacement 
_ndb_struct_na_base_pair_step.y_displacement 
_ndb_struct_na_base_pair_step.helical_rise 
_ndb_struct_na_base_pair_step.inclination 
_ndb_struct_na_base_pair_step.tip 
_ndb_struct_na_base_pair_step.helical_twist 
_ndb_struct_na_base_pair_step.step_number 
_ndb_struct_na_base_pair_step.step_name 
_ndb_struct_na_base_pair_step.i_auth_asym_id_1 
_ndb_struct_na_base_pair_step.i_auth_seq_id_1 
_ndb_struct_na_base_pair_step.i_PDB_ins_code_1 
_ndb_struct_na_base_pair_step.j_auth_asym_id_1 
_ndb_struct_na_base_pair_step.j_auth_seq_id_1 
_ndb_struct_na_base_pair_step.j_PDB_ins_code_1 
_ndb_struct_na_base_pair_step.i_auth_asym_id_2 
_ndb_struct_na_base_pair_step.i_auth_seq_id_2 
_ndb_struct_na_base_pair_step.i_PDB_ins_code_2 
_ndb_struct_na_base_pair_step.j_auth_asym_id_2 
_ndb_struct_na_base_pair_step.j_auth_seq_id_2 
_ndb_struct_na_base_pair_step.j_PDB_ins_code_2 
1 A G 1 1_555 C C 7 1_555 A C 2 1_555 C G 6 1_555 -0.034 -1.583 3.193 -0.334 3.031  40.305 -2.618 0.013  3.071 4.391  0.484  
40.416 1  AA_G1C2:G71C72_CC A 1 ? C 72 ? A 2 ? C 71 ? 
1 A C 2 1_555 C G 6 1_555 A G 3 1_555 C C 5 1_555 -0.623 -1.810 3.204 -1.452 10.417 24.659 -6.274 1.015  2.294 23.095 3.219  
26.776 2  AA_C2G3:C70G71_CC A 2 ? C 71 ? A 3 ? C 70 ? 
1 A G 3 1_555 C C 5 1_555 A G 4 1_555 C C 4 1_555 0.646  -1.902 3.405 0.789  5.572  30.506 -4.622 -1.057 3.033 10.478 -1.485 
31.009 3  AA_G3G4:C69C70_CC A 3 ? C 70 ? A 4 ? C 69 ? 
1 A G 4 1_555 C C 4 1_555 A G 5 1_555 C C 3 1_555 -0.265 -1.982 3.271 0.861  8.240  31.007 -4.957 0.623  2.662 15.079 -1.575 
32.069 4  AA_G4G5:C68C69_CC A 4 ? C 69 ? A 5 ? C 68 ? 
1 A G 5 1_555 C C 3 1_555 A A 6 1_555 C U 2 1_555 0.595  -1.725 3.172 1.790  12.183 27.045 -5.593 -0.834 2.237 24.503 -3.599 
29.669 5  AA_G5A6:U67C68_CC A 5 ? C 68 ? A 6 ? C 67 ? 
1 A A 6 1_555 C U 2 1_555 A A 7 1_555 C U 1 1_555 0.196  -1.822 3.213 -0.182 5.585  31.418 -4.264 -0.387 2.854 10.212 0.332  
31.898 6  AA_A6A7:U66U67_CC A 6 ? C 67 ? A 7 ? C 66 ? 
1 B G 1 1_555 D C 7 1_555 B C 2 1_555 D G 6 1_555 -0.258 -1.506 3.091 -1.522 7.300  29.398 -4.194 0.219  2.659 14.100 2.941  
30.309 7  BB_G1C2:G71C72_DD B 1 ? D 72 ? B 2 ? D 71 ? 
1 B C 2 1_555 D G 6 1_555 B G 3 1_555 D C 5 1_555 0.126  -1.344 3.377 1.764  11.055 31.614 -4.096 0.062  2.767 19.540 -3.118 
33.489 8  BB_C2G3:C70G71_DD B 2 ? D 71 ? B 3 ? D 70 ? 
1 B G 3 1_555 D C 5 1_555 B G 4 1_555 D C 4 1_555 -0.024 -1.675 3.140 -1.097 8.416  35.469 -3.733 -0.100 2.685 13.575 1.770  
36.438 9  BB_G3G4:C69C70_DD B 3 ? D 70 ? B 4 ? D 69 ? 
1 B G 4 1_555 D C 4 1_555 B G 5 1_555 D C 3 1_555 0.224  -2.232 3.086 -0.366 6.119  19.464 -8.607 -0.771 2.279 17.544 1.049  
20.397 10 BB_G4G5:C68C69_DD B 4 ? D 69 ? B 5 ? D 68 ? 
1 B G 5 1_555 D C 3 1_555 B A 6 1_555 D U 2 1_555 -0.631 -1.641 3.212 2.414  4.260  36.862 -3.113 1.294  2.965 6.700  -3.797 
37.175 11 BB_G5A6:U67C68_DD B 5 ? D 68 ? B 6 ? D 67 ? 
1 B A 6 1_555 D U 2 1_555 B A 7 1_555 D U 1 1_555 -0.255 -2.446 3.265 3.188  6.411  38.242 -4.403 0.745  2.805 9.682  -4.814 
38.882 12 BB_A6A7:U66U67_DD B 6 ? D 67 ? B 7 ? D 66 ? 
# 
_atom_sites.entry_id                    2VAL 
_atom_sites.fract_transf_matrix[1][1]   -0.01531601 
_atom_sites.fract_transf_matrix[1][2]   0.02632951 
_atom_sites.fract_transf_matrix[1][3]   0.01180117 
_atom_sites.fract_transf_matrix[2][1]   0.01701887 
_atom_sites.fract_transf_matrix[2][2]   0.02693898 
_atom_sites.fract_transf_matrix[2][3]   0.00719599 
_atom_sites.fract_transf_matrix[3][1]   -0.00106242 
_atom_sites.fract_transf_matrix[3][2]   0.00257287 
_atom_sites.fract_transf_matrix[3][3]   -0.00711915 
_atom_sites.fract_transf_vector[1]      -0.262370 
_atom_sites.fract_transf_vector[2]      0.499316 
_atom_sites.fract_transf_vector[3]      -0.089994 
# 
loop_
_atom_type.symbol 
C  
MG 
N  
O  
P  
# 
loop_
_atom_site.group_PDB 
_atom_site.id 
_atom_site.type_symbol 
_atom_site.label_atom_id 
_atom_site.label_alt_id 
_atom_site.label_comp_id 
_atom_site.label_asym_id 
_atom_site.label_entity_id 
_atom_site.label_seq_id 
_atom_site.pdbx_PDB_ins_code 
_atom_site.Cartn_x 
_atom_site.Cartn_y 
_atom_site.Cartn_z 
_atom_site.occupancy 
_atom_site.B_iso_or_equiv 
_atom_site.pdbx_formal_charge 
_atom_site.auth_seq_id 
_atom_site.auth_comp_id 
_atom_site.auth_asym_id 
_atom_site.auth_atom_id 
_atom_site.pdbx_PDB_model_num 
ATOM   1   O  "O5'" . G   A 1 1 ? -13.300 10.436  -13.991 1.00 38.71 ? 1    G   A "O5'" 1 
ATOM   2   C  "C5'" . G   A 1 1 ? -13.482 10.803  -15.309 1.00 38.32 ? 1    G   A "C5'" 1 
ATOM   3   C  "C4'" . G   A 1 1 ? -12.185 11.399  -15.744 1.00 34.71 ? 1    G   A "C4'" 1 
ATOM   4   O  "O4'" . G   A 1 1 ? -11.839 12.360  -14.714 1.00 36.46 ? 1    G   A "O4'" 1 
ATOM   5   C  "C3'" . G   A 1 1 ? -11.001 10.492  -15.725 1.00 32.23 ? 1    G   A "C3'" 1 
ATOM   6   O  "O3'" . G   A 1 1 ? -10.988 9.518   -16.762 1.00 34.89 ? 1    G   A "O3'" 1 
ATOM   7   C  "C2'" . G   A 1 1 ? -10.070 11.642  -15.927 1.00 29.65 ? 1    G   A "C2'" 1 
ATOM   8   O  "O2'" . G   A 1 1 ? -9.892  12.175  -17.204 1.00 36.15 ? 1    G   A "O2'" 1 
ATOM   9   C  "C1'" . G   A 1 1 ? -10.514 12.621  -14.840 1.00 31.26 ? 1    G   A "C1'" 1 
ATOM   10  N  N9    . G   A 1 1 ? -10.039 12.352  -13.453 1.00 21.84 ? 1    G   A N9    1 
ATOM   11  C  C8    . G   A 1 1 ? -10.702 11.891  -12.324 1.00 30.32 ? 1    G   A C8    1 
ATOM   12  N  N7    . G   A 1 1 ? -9.910  11.851  -11.209 1.00 26.96 ? 1    G   A N7    1 
ATOM   13  C  C5    . G   A 1 1 ? -8.675  12.288  -11.699 1.00 23.39 ? 1    G   A C5    1 
ATOM   14  C  C6    . G   A 1 1 ? -7.432  12.433  -11.046 1.00 29.97 ? 1    G   A C6    1 
ATOM   15  O  O6    . G   A 1 1 ? -7.079  12.241  -9.837  1.00 31.93 ? 1    G   A O6    1 
ATOM   16  N  N1    . G   A 1 1 ? -6.465  12.833  -11.893 1.00 27.39 ? 1    G   A N1    1 
ATOM   17  C  C2    . G   A 1 1 ? -6.611  13.204  -13.225 1.00 30.77 ? 1    G   A C2    1 
ATOM   18  N  N2    . G   A 1 1 ? -5.409  13.554  -13.748 1.00 30.59 ? 1    G   A N2    1 
ATOM   19  N  N3    . G   A 1 1 ? -7.741  13.056  -13.869 1.00 23.66 ? 1    G   A N3    1 
ATOM   20  C  C4    . G   A 1 1 ? -8.718  12.579  -13.048 1.00 16.49 ? 1    G   A C4    1 
ATOM   21  P  P     . C   A 1 2 ? -10.034 8.230   -16.983 1.00 34.35 ? 2    C   A P     1 
ATOM   22  O  OP1   . C   A 1 2 ? -10.387 7.577   -18.261 1.00 38.58 ? 2    C   A OP1   1 
ATOM   23  O  OP2   . C   A 1 2 ? -10.340 7.559   -15.705 1.00 35.04 ? 2    C   A OP2   1 
ATOM   24  O  "O5'" . C   A 1 2 ? -8.592  8.719   -17.192 1.00 25.27 ? 2    C   A "O5'" 1 
ATOM   25  C  "C5'" . C   A 1 2 ? -8.010  9.376   -18.367 1.00 27.62 ? 2    C   A "C5'" 1 
ATOM   26  C  "C4'" . C   A 1 2 ? -6.663  9.726   -17.819 1.00 31.83 ? 2    C   A "C4'" 1 
ATOM   27  O  "O4'" . C   A 1 2 ? -6.853  10.371  -16.530 1.00 28.30 ? 2    C   A "O4'" 1 
ATOM   28  C  "C3'" . C   A 1 2 ? -6.061  8.455   -17.214 1.00 30.51 ? 2    C   A "C3'" 1 
ATOM   29  O  "O3'" . C   A 1 2 ? -5.440  7.604   -18.209 1.00 37.79 ? 2    C   A "O3'" 1 
ATOM   30  C  "C2'" . C   A 1 2 ? -4.913  9.124   -16.602 1.00 28.43 ? 2    C   A "C2'" 1 
ATOM   31  O  "O2'" . C   A 1 2 ? -4.076  9.634   -17.637 1.00 30.83 ? 2    C   A "O2'" 1 
ATOM   32  C  "C1'" . C   A 1 2 ? -5.533  10.241  -15.864 1.00 24.76 ? 2    C   A "C1'" 1 
ATOM   33  N  N1    . C   A 1 2 ? -5.902  9.896   -14.378 1.00 24.14 ? 2    C   A N1    1 
ATOM   34  C  C2    . C   A 1 2 ? -4.969  10.028  -13.319 1.00 20.37 ? 2    C   A C2    1 
ATOM   35  O  O2    . C   A 1 2 ? -3.844  10.413  -13.570 1.00 26.63 ? 2    C   A O2    1 
ATOM   36  N  N3    . C   A 1 2 ? -5.293  9.705   -12.032 1.00 19.40 ? 2    C   A N3    1 
ATOM   37  C  C4    . C   A 1 2 ? -6.491  9.271   -11.756 1.00 18.77 ? 2    C   A C4    1 
ATOM   38  N  N4    . C   A 1 2 ? -6.746  9.029   -10.432 1.00 28.03 ? 2    C   A N4    1 
ATOM   39  C  C5    . C   A 1 2 ? -7.544  9.119   -12.782 1.00 22.30 ? 2    C   A C5    1 
ATOM   40  C  C6    . C   A 1 2 ? -7.155  9.395   -14.092 1.00 20.45 ? 2    C   A C6    1 
ATOM   41  P  P     . G   A 1 3 ? -5.381  6.031   -17.862 1.00 40.09 ? 3    G   A P     1 
ATOM   42  O  OP1   . G   A 1 3 ? -4.861  5.343   -19.063 1.00 42.23 ? 3    G   A OP1   1 
ATOM   43  O  OP2   . G   A 1 3 ? -6.454  5.435   -17.184 1.00 35.90 ? 3    G   A OP2   1 
ATOM   44  O  "O5'" . G   A 1 3 ? -4.095  5.991   -16.964 1.00 36.04 ? 3    G   A "O5'" 1 
ATOM   45  C  "C5'" . G   A 1 3 ? -2.912  6.211   -17.845 1.00 34.32 ? 3    G   A "C5'" 1 
ATOM   46  C  "C4'" . G   A 1 3 ? -1.581  6.494   -17.045 1.00 35.18 ? 3    G   A "C4'" 1 
ATOM   47  O  "O4'" . G   A 1 3 ? -1.842  7.520   -16.024 1.00 35.33 ? 3    G   A "O4'" 1 
ATOM   48  C  "C3'" . G   A 1 3 ? -1.181  5.336   -16.159 1.00 33.93 ? 3    G   A "C3'" 1 
ATOM   49  O  "O3'" . G   A 1 3 ? -0.724  4.162   -16.943 1.00 38.88 ? 3    G   A "O3'" 1 
ATOM   50  C  "C2'" . G   A 1 3 ? -0.126  5.974   -15.216 1.00 24.24 ? 3    G   A "C2'" 1 
ATOM   51  O  "O2'" . G   A 1 3 ? 1.154   6.371   -15.731 1.00 33.38 ? 3    G   A "O2'" 1 
ATOM   52  C  "C1'" . G   A 1 3 ? -0.917  7.246   -14.878 1.00 26.47 ? 3    G   A "C1'" 1 
ATOM   53  N  N9    . G   A 1 3 ? -1.843  7.042   -13.820 1.00 21.45 ? 3    G   A N9    1 
ATOM   54  C  C8    . G   A 1 3 ? -3.197  6.828   -13.952 1.00 17.52 ? 3    G   A C8    1 
ATOM   55  N  N7    . G   A 1 3 ? -3.834  6.757   -12.782 1.00 24.51 ? 3    G   A N7    1 
ATOM   56  C  C5    . G   A 1 3 ? -2.713  6.809   -11.862 1.00 17.76 ? 3    G   A C5    1 
ATOM   57  C  C6    . G   A 1 3 ? -2.738  6.703   -10.548 1.00 21.92 ? 3    G   A C6    1 
ATOM   58  O  O6    . G   A 1 3 ? -3.902  6.601   -10.238 1.00 25.85 ? 3    G   A O6    1 
ATOM   59  N  N1    . G   A 1 3 ? -1.456  6.786   -9.860  1.00 22.93 ? 3    G   A N1    1 
ATOM   60  C  C2    . G   A 1 3 ? -0.276  6.950   -10.548 1.00 25.27 ? 3    G   A C2    1 
ATOM   61  N  N2    . G   A 1 3 ? 0.862   7.030   -9.875  1.00 20.03 ? 3    G   A N2    1 
ATOM   62  N  N3    . G   A 1 3 ? -0.208  7.059   -11.985 1.00 19.33 ? 3    G   A N3    1 
ATOM   63  C  C4    . G   A 1 3 ? -1.476  6.940   -12.450 1.00 20.33 ? 3    G   A C4    1 
ATOM   64  P  P     . G   A 1 4 ? -0.877  2.620   -16.511 1.00 39.37 ? 4    G   A P     1 
ATOM   65  O  OP1   . G   A 1 4 ? -0.003  1.933   -17.469 1.00 43.17 ? 4    G   A OP1   1 
ATOM   66  O  OP2   . G   A 1 4 ? -2.199  2.230   -16.003 1.00 35.97 ? 4    G   A OP2   1 
ATOM   67  O  "O5'" . G   A 1 4 ? 0.162   2.606   -15.228 1.00 31.96 ? 4    G   A "O5'" 1 
ATOM   68  C  "C5'" . G   A 1 4 ? 1.539   2.596   -15.263 1.00 25.09 ? 4    G   A "C5'" 1 
ATOM   69  C  "C4'" . G   A 1 4 ? 1.958   2.670   -13.752 1.00 18.58 ? 4    G   A "C4'" 1 
ATOM   70  O  "O4'" . G   A 1 4 ? 1.327   3.851   -13.076 1.00 20.74 ? 4    G   A "O4'" 1 
ATOM   71  C  "C3'" . G   A 1 4 ? 1.471   1.535   -12.861 1.00 18.53 ? 4    G   A "C3'" 1 
ATOM   72  O  "O3'" . G   A 1 4 ? 2.422   0.487   -13.099 1.00 21.21 ? 4    G   A "O3'" 1 
ATOM   73  C  "C2'" . G   A 1 4 ? 1.708   2.142   -11.426 1.00 18.53 ? 4    G   A "C2'" 1 
ATOM   74  O  "O2'" . G   A 1 4 ? 3.005   2.330   -11.494 1.00 21.50 ? 4    G   A "O2'" 1 
ATOM   75  C  "C1'" . G   A 1 4 ? 1.244   3.564   -11.581 1.00 22.80 ? 4    G   A "C1'" 1 
ATOM   76  N  N9    . G   A 1 4 ? -0.227  3.537   -11.393 1.00 20.18 ? 4    G   A N9    1 
ATOM   77  C  C8    . G   A 1 4 ? -1.281  3.521   -12.272 1.00 24.51 ? 4    G   A C8    1 
ATOM   78  N  N7    . G   A 1 4 ? -2.402  3.455   -11.598 1.00 28.88 ? 4    G   A N7    1 
ATOM   79  C  C5    . G   A 1 4 ? -2.059  3.421   -10.219 1.00 24.48 ? 4    G   A C5    1 
ATOM   80  C  C6    . G   A 1 4 ? -2.837  3.316   -9.073  1.00 25.41 ? 4    G   A C6    1 
ATOM   81  O  O6    . G   A 1 4 ? -4.076  3.441   -8.993  1.00 21.76 ? 4    G   A O6    1 
ATOM   82  N  N1    . G   A 1 4 ? -2.026  3.311   -7.935  1.00 24.81 ? 4    G   A N1    1 
ATOM   83  C  C2    . G   A 1 4 ? -0.632  3.275   -7.884  1.00 28.43 ? 4    G   A C2    1 
ATOM   84  N  N2    . G   A 1 4 ? 0.013   3.146   -6.669  1.00 21.56 ? 4    G   A N2    1 
ATOM   85  N  N3    . G   A 1 4 ? 0.121   3.377   -8.985  1.00 15.68 ? 4    G   A N3    1 
ATOM   86  C  C4    . G   A 1 4 ? -0.733  3.433   -10.063 1.00 25.98 ? 4    G   A C4    1 
ATOM   87  P  P     . G   A 1 5 ? 2.008   -1.034  -12.940 1.00 26.44 ? 5    G   A P     1 
ATOM   88  O  OP1   . G   A 1 5 ? 3.174   -1.728  -13.457 1.00 23.44 ? 5    G   A OP1   1 
ATOM   89  O  OP2   . G   A 1 5 ? 0.589   -0.968  -13.199 1.00 23.85 ? 5    G   A OP2   1 
ATOM   90  O  "O5'" . G   A 1 5 ? 2.011   -1.014  -11.240 1.00 24.52 ? 5    G   A "O5'" 1 
ATOM   91  C  "C5'" . G   A 1 5 ? 3.283   -1.130  -10.578 1.00 26.70 ? 5    G   A "C5'" 1 
ATOM   92  C  "C4'" . G   A 1 5 ? 3.131   -1.219  -9.032  1.00 21.98 ? 5    G   A "C4'" 1 
ATOM   93  O  "O4'" . G   A 1 5 ? 2.260   -0.102  -8.685  1.00 23.22 ? 5    G   A "O4'" 1 
ATOM   94  C  "C3'" . G   A 1 5 ? 2.298   -2.407  -8.598  1.00 25.72 ? 5    G   A "C3'" 1 
ATOM   95  O  "O3'" . G   A 1 5 ? 3.109   -3.450  -8.656  1.00 31.21 ? 5    G   A "O3'" 1 
ATOM   96  C  "C2'" . G   A 1 5 ? 1.775   -1.937  -7.287  1.00 24.29 ? 5    G   A "C2'" 1 
ATOM   97  O  "O2'" . G   A 1 5 ? 2.795   -1.802  -6.324  1.00 24.10 ? 5    G   A "O2'" 1 
ATOM   98  C  "C1'" . G   A 1 5 ? 1.437   -0.418  -7.619  1.00 26.98 ? 5    G   A "C1'" 1 
ATOM   99  N  N9    . G   A 1 5 ? 0.090   -0.192  -7.997  1.00 24.20 ? 5    G   A N9    1 
ATOM   100 C  C8    . G   A 1 5 ? -0.473  -0.052  -9.218  1.00 22.87 ? 5    G   A C8    1 
ATOM   101 N  N7    . G   A 1 5 ? -1.761  -0.003  -9.083  1.00 24.54 ? 5    G   A N7    1 
ATOM   102 C  C5    . G   A 1 5 ? -2.066  -0.006  -7.694  1.00 21.96 ? 5    G   A C5    1 
ATOM   103 C  C6    . G   A 1 5 ? -3.295  0.062   -7.089  1.00 25.04 ? 5    G   A C6    1 
ATOM   104 O  O6    . G   A 1 5 ? -4.330  0.229   -7.785  1.00 25.66 ? 5    G   A O6    1 
ATOM   105 N  N1    . G   A 1 5 ? -3.296  -0.141  -5.662  1.00 24.15 ? 5    G   A N1    1 
ATOM   106 C  C2    . G   A 1 5 ? -2.024  -0.346  -5.050  1.00 25.33 ? 5    G   A C2    1 
ATOM   107 N  N2    . G   A 1 5 ? -2.096  -0.469  -3.734  1.00 23.86 ? 5    G   A N2    1 
ATOM   108 N  N3    . G   A 1 5 ? -0.811  -0.378  -5.661  1.00 23.88 ? 5    G   A N3    1 
ATOM   109 C  C4    . G   A 1 5 ? -0.923  -0.201  -7.012  1.00 24.82 ? 5    G   A C4    1 
ATOM   110 P  P     . A   A 1 6 ? 2.413   -4.877  -8.828  1.00 28.23 ? 6    A   A P     1 
ATOM   111 O  OP1   . A   A 1 6 ? 3.603   -5.767  -8.811  1.00 30.75 ? 6    A   A OP1   1 
ATOM   112 O  OP2   . A   A 1 6 ? 1.351   -4.972  -9.870  1.00 33.46 ? 6    A   A OP2   1 
ATOM   113 O  "O5'" . A   A 1 6 ? 1.401   -5.135  -7.559  1.00 30.12 ? 6    A   A "O5'" 1 
ATOM   114 C  "C5'" . A   A 1 6 ? 1.801   -5.364  -6.324  1.00 32.02 ? 6    A   A "C5'" 1 
ATOM   115 C  "C4'" . A   A 1 6 ? 0.507   -5.315  -5.370  1.00 29.43 ? 6    A   A "C4'" 1 
ATOM   116 O  "O4'" . A   A 1 6 ? -0.186  -4.041  -5.487  1.00 27.04 ? 6    A   A "O4'" 1 
ATOM   117 C  "C3'" . A   A 1 6 ? -0.671  -6.273  -5.499  1.00 29.58 ? 6    A   A "C3'" 1 
ATOM   118 O  "O3'" . A   A 1 6 ? -0.116  -7.642  -5.207  1.00 38.37 ? 6    A   A "O3'" 1 
ATOM   119 C  "C2'" . A   A 1 6 ? -1.611  -5.638  -4.464  1.00 26.84 ? 6    A   A "C2'" 1 
ATOM   120 O  "O2'" . A   A 1 6 ? -0.958  -5.784  -3.206  1.00 22.04 ? 6    A   A "O2'" 1 
ATOM   121 C  "C1'" . A   A 1 6 ? -1.486  -4.164  -4.966  1.00 27.42 ? 6    A   A "C1'" 1 
ATOM   122 N  N9    . A   A 1 6 ? -2.300  -3.741  -6.087  1.00 20.83 ? 6    A   A N9    1 
ATOM   123 C  C8    . A   A 1 6 ? -1.992  -3.487  -7.427  1.00 21.40 ? 6    A   A C8    1 
ATOM   124 N  N7    . A   A 1 6 ? -3.144  -3.227  -8.031  1.00 18.88 ? 6    A   A N7    1 
ATOM   125 C  C5    . A   A 1 6 ? -4.164  -3.077  -7.016  1.00 19.40 ? 6    A   A C5    1 
ATOM   126 C  C6    . A   A 1 6 ? -5.531  -2.800  -6.879  1.00 17.43 ? 6    A   A C6    1 
ATOM   127 N  N6    . A   A 1 6 ? -6.529  -2.413  -7.763  1.00 23.08 ? 6    A   A N6    1 
ATOM   128 N  N1    . A   A 1 6 ? -6.085  -2.883  -5.598  1.00 24.48 ? 6    A   A N1    1 
ATOM   129 C  C2    . A   A 1 6 ? -5.430  -3.295  -4.494  1.00 20.54 ? 6    A   A C2    1 
ATOM   130 N  N3    . A   A 1 6 ? -4.186  -3.543  -4.452  1.00 18.45 ? 6    A   A N3    1 
ATOM   131 C  C4    . A   A 1 6 ? -3.602  -3.468  -5.794  1.00 18.13 ? 6    A   A C4    1 
ATOM   132 P  P     . A   A 1 7 ? -0.882  -8.974  -5.591  1.00 35.16 ? 7    A   A P     1 
ATOM   133 O  OP1   . A   A 1 7 ? 0.226   -9.853  -5.068  1.00 36.99 ? 7    A   A OP1   1 
ATOM   134 O  OP2   . A   A 1 7 ? -1.369  -8.828  -6.981  1.00 43.98 ? 7    A   A OP2   1 
ATOM   135 O  "O5'" . A   A 1 7 ? -2.281  -8.756  -4.969  1.00 35.93 ? 7    A   A "O5'" 1 
ATOM   136 C  "C5'" . A   A 1 7 ? -2.367  -9.063  -3.532  1.00 37.24 ? 7    A   A "C5'" 1 
ATOM   137 C  "C4'" . A   A 1 7 ? -3.792  -8.830  -3.095  1.00 34.59 ? 7    A   A "C4'" 1 
ATOM   138 O  "O4'" . A   A 1 7 ? -4.156  -7.429  -3.201  1.00 23.94 ? 7    A   A "O4'" 1 
ATOM   139 C  "C3'" . A   A 1 7 ? -4.951  -9.669  -3.770  1.00 32.90 ? 7    A   A "C3'" 1 
ATOM   140 O  "O3'" . A   A 1 7 ? -4.929  -11.074 -3.384  1.00 34.86 ? 7    A   A "O3'" 1 
ATOM   141 C  "C2'" . A   A 1 7 ? -6.114  -8.854  -3.261  1.00 24.86 ? 7    A   A "C2'" 1 
ATOM   142 O  "O2'" . A   A 1 7 ? -6.776  -8.876  -1.960  1.00 32.21 ? 7    A   A "O2'" 1 
ATOM   143 C  "C1'" . A   A 1 7 ? -5.618  -7.335  -3.489  1.00 28.01 ? 7    A   A "C1'" 1 
ATOM   144 N  N9    . A   A 1 7 ? -5.977  -6.761  -4.911  1.00 24.26 ? 7    A   A N9    1 
ATOM   145 C  C8    . A   A 1 7 ? -5.149  -6.664  -6.066  1.00 30.16 ? 7    A   A C8    1 
ATOM   146 N  N7    . A   A 1 7 ? -5.857  -6.142  -7.151  1.00 28.73 ? 7    A   A N7    1 
ATOM   147 C  C5    . A   A 1 7 ? -7.171  -5.839  -6.677  1.00 27.34 ? 7    A   A C5    1 
ATOM   148 C  C6    . A   A 1 7 ? -8.439  -5.278  -7.221  1.00 26.10 ? 7    A   A C6    1 
ATOM   149 N  N6    . A   A 1 7 ? -8.557  -4.772  -8.552  1.00 34.22 ? 7    A   A N6    1 
ATOM   150 N  N1    . A   A 1 7 ? -9.611  -5.082  -6.518  1.00 28.73 ? 7    A   A N1    1 
ATOM   151 C  C2    . A   A 1 7 ? -9.563  -5.573  -5.225  1.00 31.69 ? 7    A   A C2    1 
ATOM   152 N  N3    . A   A 1 7 ? -8.434  -6.081  -4.648  1.00 25.60 ? 7    A   A N3    1 
ATOM   153 C  C4    . A   A 1 7 ? -7.238  -6.240  -5.314  1.00 22.90 ? 7    A   A C4    1 
ATOM   154 O  "O5'" . G   B 1 1 ? 4.286   -13.034 1.030   1.00 43.66 ? 1    G   B "O5'" 1 
ATOM   155 C  "C5'" . G   B 1 1 ? 4.638   -13.479 -0.260  1.00 44.72 ? 1    G   B "C5'" 1 
ATOM   156 C  "C4'" . G   B 1 1 ? 3.975   -12.683 -1.364  1.00 39.74 ? 1    G   B "C4'" 1 
ATOM   157 O  "O4'" . G   B 1 1 ? 2.536   -12.745 -1.323  1.00 38.26 ? 1    G   B "O4'" 1 
ATOM   158 C  "C3'" . G   B 1 1 ? 4.118   -11.203 -1.239  1.00 44.92 ? 1    G   B "C3'" 1 
ATOM   159 O  "O3'" . G   B 1 1 ? 5.353   -10.942 -1.746  1.00 46.32 ? 1    G   B "O3'" 1 
ATOM   160 C  "C2'" . G   B 1 1 ? 2.940   -10.623 -2.031  1.00 39.96 ? 1    G   B "C2'" 1 
ATOM   161 O  "O2'" . G   B 1 1 ? 2.862   -11.058 -3.333  1.00 40.24 ? 1    G   B "O2'" 1 
ATOM   162 C  "C1'" . G   B 1 1 ? 1.856   -11.492 -1.408  1.00 35.12 ? 1    G   B "C1'" 1 
ATOM   163 N  N9    . G   B 1 1 ? 1.387   -11.063 -0.082  1.00 32.02 ? 1    G   B N9    1 
ATOM   164 C  C8    . G   B 1 1 ? 1.663   -11.670 1.146   1.00 35.19 ? 1    G   B C8    1 
ATOM   165 N  N7    . G   B 1 1 ? 1.053   -11.127 2.182   1.00 34.20 ? 1    G   B N7    1 
ATOM   166 C  C5    . G   B 1 1 ? 0.256   -10.156 1.564   1.00 33.37 ? 1    G   B C5    1 
ATOM   167 C  C6    . G   B 1 1 ? -0.607  -9.282  2.172   1.00 37.87 ? 1    G   B C6    1 
ATOM   168 O  O6    . G   B 1 1 ? -0.849  -9.218  3.374   1.00 38.90 ? 1    G   B O6    1 
ATOM   169 N  N1    . G   B 1 1 ? -1.311  -8.414  1.315   1.00 33.99 ? 1    G   B N1    1 
ATOM   170 C  C2    . G   B 1 1 ? -1.063  -8.431  -0.021  1.00 35.67 ? 1    G   B C2    1 
ATOM   171 N  N2    . G   B 1 1 ? -1.900  -7.471  -0.486  1.00 34.78 ? 1    G   B N2    1 
ATOM   172 N  N3    . G   B 1 1 ? -0.209  -9.265  -0.702  1.00 27.88 ? 1    G   B N3    1 
ATOM   173 C  C4    . G   B 1 1 ? 0.442   -10.063 0.186   1.00 29.06 ? 1    G   B C4    1 
ATOM   174 P  P     . C   B 1 2 ? 5.880   -9.445  -1.678  1.00 45.32 ? 2    C   B P     1 
ATOM   175 O  OP1   . C   B 1 2 ? 6.935   -9.738  -2.721  1.00 49.38 ? 2    C   B OP1   1 
ATOM   176 O  OP2   . C   B 1 2 ? 6.132   -9.379  -0.172  1.00 45.26 ? 2    C   B OP2   1 
ATOM   177 O  "O5'" . C   B 1 2 ? 5.287   -8.086  -2.174  1.00 37.89 ? 2    C   B "O5'" 1 
ATOM   178 C  "C5'" . C   B 1 2 ? 4.891   -7.817  -3.519  1.00 38.76 ? 2    C   B "C5'" 1 
ATOM   179 C  "C4'" . C   B 1 2 ? 4.005   -6.563  -3.399  1.00 37.76 ? 2    C   B "C4'" 1 
ATOM   180 O  "O4'" . C   B 1 2 ? 2.837   -6.960  -2.587  1.00 36.74 ? 2    C   B "O4'" 1 
ATOM   181 C  "C3'" . C   B 1 2 ? 4.458   -5.364  -2.508  1.00 42.52 ? 2    C   B "C3'" 1 
ATOM   182 O  "O3'" . C   B 1 2 ? 5.521   -4.356  -2.992  1.00 47.53 ? 2    C   B "O3'" 1 
ATOM   183 C  "C2'" . C   B 1 2 ? 3.158   -4.622  -2.127  1.00 39.41 ? 2    C   B "C2'" 1 
ATOM   184 O  "O2'" . C   B 1 2 ? 2.692   -3.671  -3.143  1.00 36.00 ? 2    C   B "O2'" 1 
ATOM   185 C  "C1'" . C   B 1 2 ? 2.158   -5.821  -1.982  1.00 35.81 ? 2    C   B "C1'" 1 
ATOM   186 N  N1    . C   B 1 2 ? 1.925   -6.151  -0.589  1.00 30.75 ? 2    C   B N1    1 
ATOM   187 C  C2    . C   B 1 2 ? 1.039   -5.470  0.217   1.00 32.55 ? 2    C   B C2    1 
ATOM   188 O  O2    . C   B 1 2 ? 0.401   -4.478  -0.216  1.00 36.04 ? 2    C   B O2    1 
ATOM   189 N  N3    . C   B 1 2 ? 0.944   -5.916  1.502   1.00 27.24 ? 2    C   B N3    1 
ATOM   190 C  C4    . C   B 1 2 ? 1.711   -6.892  1.977   1.00 30.92 ? 2    C   B C4    1 
ATOM   191 N  N4    . C   B 1 2 ? 1.656   -7.213  3.261   1.00 30.89 ? 2    C   B N4    1 
ATOM   192 C  C5    . C   B 1 2 ? 2.626   -7.605  1.154   1.00 36.68 ? 2    C   B C5    1 
ATOM   193 C  C6    . C   B 1 2 ? 2.674   -7.165  -0.113  1.00 32.46 ? 2    C   B C6    1 
ATOM   194 P  P     . G   B 1 3 ? 6.544   -3.903  -1.883  1.00 43.97 ? 3    G   B P     1 
ATOM   195 O  OP1   . G   B 1 3 ? 7.906   -3.588  -2.468  1.00 45.52 ? 3    G   B OP1   1 
ATOM   196 O  OP2   . G   B 1 3 ? 6.667   -4.781  -0.685  1.00 42.07 ? 3    G   B OP2   1 
ATOM   197 O  "O5'" . G   B 1 3 ? 5.862   -2.529  -1.455  1.00 43.54 ? 3    G   B "O5'" 1 
ATOM   198 C  "C5'" . G   B 1 3 ? 5.484   -1.453  -2.330  1.00 42.18 ? 3    G   B "C5'" 1 
ATOM   199 C  "C4'" . G   B 1 3 ? 4.442   -0.583  -1.562  1.00 42.96 ? 3    G   B "C4'" 1 
ATOM   200 O  "O4'" . G   B 1 3 ? 3.201   -1.325  -1.263  1.00 38.86 ? 3    G   B "O4'" 1 
ATOM   201 C  "C3'" . G   B 1 3 ? 4.831   -0.026  -0.170  1.00 42.85 ? 3    G   B "C3'" 1 
ATOM   202 O  "O3'" . G   B 1 3 ? 5.670   1.182   -0.213  1.00 41.24 ? 3    G   B "O3'" 1 
ATOM   203 C  "C2'" . G   B 1 3 ? 3.471   0.302   0.463   1.00 39.72 ? 3    G   B "C2'" 1 
ATOM   204 O  "O2'" . G   B 1 3 ? 2.966   1.599   0.101   1.00 40.01 ? 3    G   B "O2'" 1 
ATOM   205 C  "C1'" . G   B 1 3 ? 2.651   -0.924  0.021   1.00 38.06 ? 3    G   B "C1'" 1 
ATOM   206 N  N9    . G   B 1 3 ? 2.755   -1.957  1.046   1.00 33.07 ? 3    G   B N9    1 
ATOM   207 C  C8    . G   B 1 3 ? 3.630   -3.049  1.008   1.00 35.32 ? 3    G   B C8    1 
ATOM   208 N  N7    . G   B 1 3 ? 3.701   -3.800  2.102   1.00 27.86 ? 3    G   B N7    1 
ATOM   209 C  C5    . G   B 1 3 ? 2.708   -3.117  2.878   1.00 31.02 ? 3    G   B C5    1 
ATOM   210 C  C6    . G   B 1 3 ? 2.372   -3.486  4.135   1.00 33.07 ? 3    G   B C6    1 
ATOM   211 O  O6    . G   B 1 3 ? 2.951   -4.559  4.408   1.00 34.76 ? 3    G   B O6    1 
ATOM   212 N  N1    . G   B 1 3 ? 1.462   -2.622  4.945   1.00 37.09 ? 3    G   B N1    1 
ATOM   213 C  C2    . G   B 1 3 ? 0.986   -1.454  4.308   1.00 36.40 ? 3    G   B C2    1 
ATOM   214 N  N2    . G   B 1 3 ? 0.211   -0.646  5.084   1.00 29.86 ? 3    G   B N2    1 
ATOM   215 N  N3    . G   B 1 3 ? 1.337   -1.114  2.996   1.00 33.68 ? 3    G   B N3    1 
ATOM   216 C  C4    . G   B 1 3 ? 2.187   -1.966  2.354   1.00 28.40 ? 3    G   B C4    1 
ATOM   217 P  P     . G   B 1 4 ? 6.743   1.414   1.018   1.00 45.10 ? 4    G   B P     1 
ATOM   218 O  OP1   . G   B 1 4 ? 7.441   2.700   0.684   1.00 51.02 ? 4    G   B OP1   1 
ATOM   219 O  OP2   . G   B 1 4 ? 7.510   0.165   1.513   1.00 41.91 ? 4    G   B OP2   1 
ATOM   220 O  "O5'" . G   B 1 4 ? 5.630   1.826   2.134   1.00 44.45 ? 4    G   B "O5'" 1 
ATOM   221 C  "C5'" . G   B 1 4 ? 5.197   3.164   2.166   1.00 39.28 ? 4    G   B "C5'" 1 
ATOM   222 C  "C4'" . G   B 1 4 ? 4.313   3.433   3.290   1.00 30.05 ? 4    G   B "C4'" 1 
ATOM   223 O  "O4'" . G   B 1 4 ? 3.280   2.462   3.445   1.00 32.11 ? 4    G   B "O4'" 1 
ATOM   224 C  "C3'" . G   B 1 4 ? 5.044   3.247   4.670   1.00 31.18 ? 4    G   B "C3'" 1 
ATOM   225 O  "O3'" . G   B 1 4 ? 6.088   4.221   4.767   1.00 34.39 ? 4    G   B "O3'" 1 
ATOM   226 C  "C2'" . G   B 1 4 ? 3.843   3.204   5.600   1.00 25.36 ? 4    G   B "C2'" 1 
ATOM   227 O  "O2'" . G   B 1 4 ? 2.980   4.252   6.001   1.00 32.32 ? 4    G   B "O2'" 1 
ATOM   228 C  "C1'" . G   B 1 4 ? 3.014   2.146   4.894   1.00 29.19 ? 4    G   B "C1'" 1 
ATOM   229 N  N9    . G   B 1 4 ? 3.604   0.814   5.099   1.00 32.01 ? 4    G   B N9    1 
ATOM   230 C  C8    . G   B 1 4 ? 4.380   0.137   4.176   1.00 27.73 ? 4    G   B C8    1 
ATOM   231 N  N7    . G   B 1 4 ? 4.872   -1.003  4.488   1.00 30.14 ? 4    G   B N7    1 
ATOM   232 C  C5    . G   B 1 4 ? 4.296   -1.010  5.803   1.00 29.24 ? 4    G   B C5    1 
ATOM   233 C  C6    . G   B 1 4 ? 4.339   -2.011  6.644   1.00 30.93 ? 4    G   B C6    1 
ATOM   234 O  O6    . G   B 1 4 ? 5.009   -2.928  6.168   1.00 33.42 ? 4    G   B O6    1 
ATOM   235 N  N1    . G   B 1 4 ? 3.691   -1.828  7.951   1.00 33.98 ? 4    G   B N1    1 
ATOM   236 C  C2    . G   B 1 4 ? 2.943   -0.672  8.306   1.00 34.68 ? 4    G   B C2    1 
ATOM   237 N  N2    . G   B 1 4 ? 2.340   -0.476  9.571   1.00 29.26 ? 4    G   B N2    1 
ATOM   238 N  N3    . G   B 1 4 ? 2.775   0.258   7.331   1.00 26.33 ? 4    G   B N3    1 
ATOM   239 C  C4    . G   B 1 4 ? 3.544   0.039   6.221   1.00 28.56 ? 4    G   B C4    1 
ATOM   240 P  P     . G   B 1 5 ? 7.419   4.303   5.458   1.00 37.00 ? 5    G   B P     1 
ATOM   241 O  OP1   . G   B 1 5 ? 7.779   5.696   5.120   1.00 36.42 ? 5    G   B OP1   1 
ATOM   242 O  OP2   . G   B 1 5 ? 8.316   3.215   5.254   1.00 32.96 ? 5    G   B OP2   1 
ATOM   243 O  "O5'" . G   B 1 5 ? 6.505   4.334   6.780   1.00 29.48 ? 5    G   B "O5'" 1 
ATOM   244 C  "C5'" . G   B 1 5 ? 5.876   5.407   7.493   1.00 35.41 ? 5    G   B "C5'" 1 
ATOM   245 C  "C4'" . G   B 1 5 ? 5.326   4.769   8.826   1.00 29.23 ? 5    G   B "C4'" 1 
ATOM   246 O  "O4'" . G   B 1 5 ? 4.683   3.500   8.571   1.00 38.00 ? 5    G   B "O4'" 1 
ATOM   247 C  "C3'" . G   B 1 5 ? 6.495   4.264   9.700   1.00 29.67 ? 5    G   B "C3'" 1 
ATOM   248 O  "O3'" . G   B 1 5 ? 7.249   5.319   10.226  1.00 31.03 ? 5    G   B "O3'" 1 
ATOM   249 C  "C2'" . G   B 1 5 ? 5.689   3.446   10.688  1.00 30.94 ? 5    G   B "C2'" 1 
ATOM   250 O  "O2'" . G   B 1 5 ? 4.779   4.166   11.476  1.00 30.91 ? 5    G   B "O2'" 1 
ATOM   251 C  "C1'" . G   B 1 5 ? 4.953   2.557   9.641   1.00 28.71 ? 5    G   B "C1'" 1 
ATOM   252 N  N9    . G   B 1 5 ? 5.667   1.316   9.203   1.00 24.68 ? 5    G   B N9    1 
ATOM   253 C  C8    . G   B 1 5 ? 6.377   0.983   8.095   1.00 26.65 ? 5    G   B C8    1 
ATOM   254 N  N7    . G   B 1 5 ? 6.893   -0.186  7.999   1.00 31.40 ? 5    G   B N7    1 
ATOM   255 C  C5    . G   B 1 5 ? 6.513   -0.773  9.259   1.00 28.16 ? 5    G   B C5    1 
ATOM   256 C  C6    . G   B 1 5 ? 6.801   -2.008  9.758   1.00 31.33 ? 5    G   B C6    1 
ATOM   257 O  O6    . G   B 1 5 ? 7.477   -2.731  9.046   1.00 30.65 ? 5    G   B O6    1 
ATOM   258 N  N1    . G   B 1 5 ? 6.389   -2.319  11.181  1.00 31.77 ? 5    G   B N1    1 
ATOM   259 C  C2    . G   B 1 5 ? 5.679   -1.324  11.849  1.00 32.53 ? 5    G   B C2    1 
ATOM   260 N  N2    . G   B 1 5 ? 5.302   -1.675  13.161  1.00 27.72 ? 5    G   B N2    1 
ATOM   261 N  N3    . G   B 1 5 ? 5.358   -0.021  11.275  1.00 28.67 ? 5    G   B N3    1 
ATOM   262 C  C4    . G   B 1 5 ? 5.839   0.141   10.033  1.00 27.87 ? 5    G   B C4    1 
ATOM   263 P  P     . A   B 1 6 ? 8.582   5.124   11.283  1.00 34.41 ? 6    A   B P     1 
ATOM   264 O  OP1   . A   B 1 6 ? 8.597   6.503   11.815  1.00 33.44 ? 6    A   B OP1   1 
ATOM   265 O  OP2   . A   B 1 6 ? 9.474   4.487   10.335  1.00 33.65 ? 6    A   B OP2   1 
ATOM   266 O  "O5'" . A   B 1 6 ? 8.433   4.134   12.541  1.00 38.88 ? 6    A   B "O5'" 1 
ATOM   267 C  "C5'" . A   B 1 6 ? 7.677   4.607   13.705  1.00 39.42 ? 6    A   B "C5'" 1 
ATOM   268 C  "C4'" . A   B 1 6 ? 7.688   3.512   14.768  1.00 45.14 ? 6    A   B "C4'" 1 
ATOM   269 O  "O4'" . A   B 1 6 ? 6.974   2.382   14.199  1.00 43.04 ? 6    A   B "O4'" 1 
ATOM   270 C  "C3'" . A   B 1 6 ? 9.063   2.922   15.159  1.00 44.23 ? 6    A   B "C3'" 1 
ATOM   271 O  "O3'" . A   B 1 6 ? 9.780   3.837   16.131  1.00 49.90 ? 6    A   B "O3'" 1 
ATOM   272 C  "C2'" . A   B 1 6 ? 8.617   1.566   15.706  1.00 38.57 ? 6    A   B "C2'" 1 
ATOM   273 O  "O2'" . A   B 1 6 ? 7.748   1.572   16.835  1.00 36.91 ? 6    A   B "O2'" 1 
ATOM   274 C  "C1'" . A   B 1 6 ? 7.687   1.223   14.519  1.00 35.00 ? 6    A   B "C1'" 1 
ATOM   275 N  N9    . A   B 1 6 ? 8.277   0.556   13.353  1.00 29.95 ? 6    A   B N9    1 
ATOM   276 C  C8    . A   B 1 6 ? 8.639   0.934   12.145  1.00 26.25 ? 6    A   B C8    1 
ATOM   277 N  N7    . A   B 1 6 ? 9.200   -0.051  11.492  1.00 30.00 ? 6    A   B N7    1 
ATOM   278 C  C5    . A   B 1 6 ? 9.193   -1.197  12.273  1.00 30.68 ? 6    A   B C5    1 
ATOM   279 C  C6    . A   B 1 6 ? 9.592   -2.535  12.168  1.00 32.73 ? 6    A   B C6    1 
ATOM   280 N  N6    . A   B 1 6 ? 10.153  -3.192  11.103  1.00 27.96 ? 6    A   B N6    1 
ATOM   281 N  N1    . A   B 1 6 ? 9.385   -3.302  13.314  1.00 29.37 ? 6    A   B N1    1 
ATOM   282 C  C2    . A   B 1 6 ? 8.799   -2.818  14.408  1.00 29.57 ? 6    A   B C2    1 
ATOM   283 N  N3    . A   B 1 6 ? 8.432   -1.544  14.579  1.00 30.86 ? 6    A   B N3    1 
ATOM   284 C  C4    . A   B 1 6 ? 8.648   -0.797  13.476  1.00 33.81 ? 6    A   B C4    1 
ATOM   285 P  P     . A   B 1 7 ? 11.260  3.888   17.004  1.00 51.95 ? 7    A   B P     1 
ATOM   286 O  OP1   . A   B 1 7 ? 11.558  4.737   18.182  1.00 55.84 ? 7    A   B OP1   1 
ATOM   287 O  OP2   . A   B 1 7 ? 11.649  4.383   15.650  1.00 54.12 ? 7    A   B OP2   1 
ATOM   288 O  "O5'" . A   B 1 7 ? 11.882  2.407   17.276  1.00 45.62 ? 7    A   B "O5'" 1 
ATOM   289 C  "C5'" . A   B 1 7 ? 11.001  1.497   18.018  1.00 41.43 ? 7    A   B "C5'" 1 
ATOM   290 C  "C4'" . A   B 1 7 ? 11.469  0.125   18.267  1.00 33.86 ? 7    A   B "C4'" 1 
ATOM   291 O  "O4'" . A   B 1 7 ? 11.088  -0.966  17.357  1.00 29.54 ? 7    A   B "O4'" 1 
ATOM   292 C  "C3'" . A   B 1 7 ? 12.991  0.045   18.285  1.00 37.95 ? 7    A   B "C3'" 1 
ATOM   293 O  "O3'" . A   B 1 7 ? 13.795  0.838   19.353  1.00 45.39 ? 7    A   B "O3'" 1 
ATOM   294 C  "C2'" . A   B 1 7 ? 13.099  -1.480  18.305  1.00 32.46 ? 7    A   B "C2'" 1 
ATOM   295 O  "O2'" . A   B 1 7 ? 12.877  -2.050  19.635  1.00 37.27 ? 7    A   B "O2'" 1 
ATOM   296 C  "C1'" . A   B 1 7 ? 12.018  -2.019  17.312  1.00 32.29 ? 7    A   B "C1'" 1 
ATOM   297 N  N9    . A   B 1 7 ? 12.309  -2.299  15.899  1.00 28.68 ? 7    A   B N9    1 
ATOM   298 C  C8    . A   B 1 7 ? 12.286  -1.248  15.016  1.00 32.65 ? 7    A   B C8    1 
ATOM   299 N  N7    . A   B 1 7 ? 12.621  -1.642  13.724  1.00 30.75 ? 7    A   B N7    1 
ATOM   300 C  C5    . A   B 1 7 ? 12.861  -3.015  13.838  1.00 30.02 ? 7    A   B C5    1 
ATOM   301 C  C6    . A   B 1 7 ? 13.200  -4.038  12.843  1.00 33.33 ? 7    A   B C6    1 
ATOM   302 N  N6    . A   B 1 7 ? 13.357  -3.763  11.424  1.00 29.96 ? 7    A   B N6    1 
ATOM   303 N  N1    . A   B 1 7 ? 13.338  -5.338  13.252  1.00 32.84 ? 7    A   B N1    1 
ATOM   304 C  C2    . A   B 1 7 ? 13.198  -5.678  14.558  1.00 28.45 ? 7    A   B C2    1 
ATOM   305 N  N3    . A   B 1 7 ? 12.924  -4.789  15.519  1.00 36.74 ? 7    A   B N3    1 
ATOM   306 C  C4    . A   B 1 7 ? 12.681  -3.434  15.168  1.00 32.20 ? 7    A   B C4    1 
ATOM   307 O  "O5'" . U   C 2 1 ? -15.758 -0.733  -8.807  1.00 31.01 ? 66   U   C "O5'" 1 
ATOM   308 C  "C5'" . U   C 2 1 ? -16.946 -0.601  -7.921  1.00 32.22 ? 66   U   C "C5'" 1 
ATOM   309 C  "C4'" . U   C 2 1 ? -16.625 -1.563  -6.754  1.00 34.66 ? 66   U   C "C4'" 1 
ATOM   310 O  "O4'" . U   C 2 1 ? -15.931 -2.613  -7.343  1.00 28.36 ? 66   U   C "O4'" 1 
ATOM   311 C  "C3'" . U   C 2 1 ? -15.462 -1.150  -5.818  1.00 33.32 ? 66   U   C "C3'" 1 
ATOM   312 O  "O3'" . U   C 2 1 ? -16.000 -0.117  -4.951  1.00 38.69 ? 66   U   C "O3'" 1 
ATOM   313 C  "C2'" . U   C 2 1 ? -15.009 -2.468  -5.205  1.00 30.21 ? 66   U   C "C2'" 1 
ATOM   314 O  "O2'" . U   C 2 1 ? -16.085 -3.041  -4.503  1.00 34.86 ? 66   U   C "O2'" 1 
ATOM   315 C  "C1'" . U   C 2 1 ? -14.994 -3.318  -6.484  1.00 32.04 ? 66   U   C "C1'" 1 
ATOM   316 N  N1    . U   C 2 1 ? -13.769 -3.411  -7.268  1.00 30.07 ? 66   U   C N1    1 
ATOM   317 C  C2    . U   C 2 1 ? -12.611 -4.051  -6.851  1.00 27.19 ? 66   U   C C2    1 
ATOM   318 O  O2    . U   C 2 1 ? -12.412 -4.723  -5.831  1.00 31.69 ? 66   U   C O2    1 
ATOM   319 N  N3    . U   C 2 1 ? -11.572 -3.958  -7.704  1.00 29.35 ? 66   U   C N3    1 
ATOM   320 C  C4    . U   C 2 1 ? -11.547 -3.371  -8.963  1.00 29.37 ? 66   U   C C4    1 
ATOM   321 O  O4    . U   C 2 1 ? -10.468 -3.472  -9.582  1.00 33.24 ? 66   U   C O4    1 
ATOM   322 C  C5    . U   C 2 1 ? -12.732 -2.668  -9.311  1.00 28.74 ? 66   U   C C5    1 
ATOM   323 C  C6    . U   C 2 1 ? -13.769 -2.710  -8.464  1.00 29.94 ? 66   U   C C6    1 
ATOM   324 P  P     . U   C 2 2 ? -14.929 0.980   -4.391  1.00 38.36 ? 67   U   C P     1 
ATOM   325 O  OP1   . U   C 2 2 ? -15.756 1.826   -3.606  1.00 40.50 ? 67   U   C OP1   1 
ATOM   326 O  OP2   . U   C 2 2 ? -14.115 1.468   -5.597  1.00 36.85 ? 67   U   C OP2   1 
ATOM   327 O  "O5'" . U   C 2 2 ? -13.888 0.126   -3.441  1.00 31.52 ? 67   U   C "O5'" 1 
ATOM   328 C  "C5'" . U   C 2 2 ? -14.436 -0.700  -2.302  1.00 27.49 ? 67   U   C "C5'" 1 
ATOM   329 C  "C4'" . U   C 2 2 ? -13.212 -1.351  -1.602  1.00 31.09 ? 67   U   C "C4'" 1 
ATOM   330 O  "O4'" . U   C 2 2 ? -12.685 -2.342  -2.479  1.00 26.42 ? 67   U   C "O4'" 1 
ATOM   331 C  "C3'" . U   C 2 2 ? -11.927 -0.558  -1.375  1.00 31.10 ? 67   U   C "C3'" 1 
ATOM   332 O  "O3'" . U   C 2 2 ? -12.000 0.302   -0.256  1.00 37.87 ? 67   U   C "O3'" 1 
ATOM   333 C  "C2'" . U   C 2 2 ? -10.813 -1.580  -1.175  1.00 26.81 ? 67   U   C "C2'" 1 
ATOM   334 O  "O2'" . U   C 2 2 ? -11.074 -2.203  -0.006  1.00 27.76 ? 67   U   C "O2'" 1 
ATOM   335 C  "C1'" . U   C 2 2 ? -11.267 -2.473  -2.326  1.00 29.72 ? 67   U   C "C1'" 1 
ATOM   336 N  N1    . U   C 2 2 ? -10.655 -2.095  -3.676  1.00 25.93 ? 67   U   C N1    1 
ATOM   337 C  C2    . U   C 2 2 ? -9.407  -2.532  -3.970  1.00 27.35 ? 67   U   C C2    1 
ATOM   338 O  O2    . U   C 2 2 ? -8.720  -3.287  -3.213  1.00 32.25 ? 67   U   C O2    1 
ATOM   339 N  N3    . U   C 2 2 ? -8.896  -2.191  -5.199  1.00 25.37 ? 67   U   C N3    1 
ATOM   340 C  C4    . U   C 2 2 ? -9.669  -1.496  -6.128  1.00 28.61 ? 67   U   C C4    1 
ATOM   341 O  O4    . U   C 2 2 ? -9.086  -1.212  -7.143  1.00 31.65 ? 67   U   C O4    1 
ATOM   342 C  C5    . U   C 2 2 ? -10.951 -0.977  -5.747  1.00 24.74 ? 67   U   C C5    1 
ATOM   343 C  C6    . U   C 2 2 ? -11.399 -1.310  -4.536  1.00 33.37 ? 67   U   C C6    1 
ATOM   344 P  P     . C   C 2 3 ? -11.487 1.795   -0.284  1.00 39.25 ? 68   C   C P     1 
ATOM   345 O  OP1   . C   C 2 3 ? -12.221 2.253   0.893   1.00 39.52 ? 68   C   C OP1   1 
ATOM   346 O  OP2   . C   C 2 3 ? -11.637 2.614   -1.439  1.00 36.61 ? 68   C   C OP2   1 
ATOM   347 O  "O5'" . C   C 2 3 ? -9.867  1.692   -0.086  1.00 33.83 ? 68   C   C "O5'" 1 
ATOM   348 C  "C5'" . C   C 2 3 ? -9.328  1.283   1.142   1.00 29.76 ? 68   C   C "C5'" 1 
ATOM   349 C  "C4'" . C   C 2 3 ? -7.891  0.816   0.944   1.00 26.92 ? 68   C   C "C4'" 1 
ATOM   350 O  "O4'" . C   C 2 3 ? -7.811  -0.238  0.010   1.00 25.05 ? 68   C   C "O4'" 1 
ATOM   351 C  "C3'" . C   C 2 3 ? -6.868  1.720   0.357   1.00 28.56 ? 68   C   C "C3'" 1 
ATOM   352 O  "O3'" . C   C 2 3 ? -6.676  2.691   1.445   1.00 32.23 ? 68   C   C "O3'" 1 
ATOM   353 C  "C2'" . C   C 2 3 ? -5.690  0.807   0.168   1.00 24.36 ? 68   C   C "C2'" 1 
ATOM   354 O  "O2'" . C   C 2 3 ? -5.157  0.363   1.449   1.00 31.37 ? 68   C   C "O2'" 1 
ATOM   355 C  "C1'" . C   C 2 3 ? -6.563  -0.185  -0.578  1.00 26.19 ? 68   C   C "C1'" 1 
ATOM   356 N  N1    . C   C 2 3 ? -6.812  0.102   -2.133  1.00 26.58 ? 68   C   C N1    1 
ATOM   357 C  C2    . C   C 2 3 ? -5.669  -0.118  -2.920  1.00 29.35 ? 68   C   C C2    1 
ATOM   358 O  O2    . C   C 2 3 ? -4.506  -0.461  -2.478  1.00 23.25 ? 68   C   C O2    1 
ATOM   359 N  N3    . C   C 2 3 ? -5.822  0.051   -4.277  1.00 29.48 ? 68   C   C N3    1 
ATOM   360 C  C4    . C   C 2 3 ? -6.937  0.505   -4.796  1.00 29.80 ? 68   C   C C4    1 
ATOM   361 N  N4    . C   C 2 3 ? -6.828  0.628   -6.190  1.00 28.55 ? 68   C   C N4    1 
ATOM   362 C  C5    . C   C 2 3 ? -8.068  0.752   -3.967  1.00 27.63 ? 68   C   C C5    1 
ATOM   363 C  C6    . C   C 2 3 ? -7.998  0.530   -2.613  1.00 24.15 ? 68   C   C C6    1 
ATOM   364 P  P     . C   C 2 4 ? -6.228  4.136   1.166   1.00 36.44 ? 69   C   C P     1 
ATOM   365 O  OP1   . C   C 2 4 ? -6.183  4.652   2.568   1.00 41.28 ? 69   C   C OP1   1 
ATOM   366 O  OP2   . C   C 2 4 ? -7.029  4.788   0.103   1.00 36.69 ? 69   C   C OP2   1 
ATOM   367 O  "O5'" . C   C 2 4 ? -4.694  4.024   0.747   1.00 28.76 ? 69   C   C "O5'" 1 
ATOM   368 C  "C5'" . C   C 2 4 ? -3.661  3.605   1.560   1.00 25.34 ? 69   C   C "C5'" 1 
ATOM   369 C  "C4'" . C   C 2 4 ? -2.568  3.304   0.570   1.00 26.13 ? 69   C   C "C4'" 1 
ATOM   370 O  "O4'" . C   C 2 4 ? -3.065  2.526   -0.498  1.00 23.80 ? 69   C   C "O4'" 1 
ATOM   371 C  "C3'" . C   C 2 4 ? -2.157  4.504   -0.231  1.00 20.94 ? 69   C   C "C3'" 1 
ATOM   372 O  "O3'" . C   C 2 4 ? -1.213  5.489   0.404   1.00 24.38 ? 69   C   C "O3'" 1 
ATOM   373 C  "C2'" . C   C 2 4 ? -1.255  3.772   -1.212  1.00 18.11 ? 69   C   C "C2'" 1 
ATOM   374 O  "O2'" . C   C 2 4 ? 0.128   3.430   -0.810  1.00 25.46 ? 69   C   C "O2'" 1 
ATOM   375 C  "C1'" . C   C 2 4 ? -2.105  2.607   -1.598  1.00 27.01 ? 69   C   C "C1'" 1 
ATOM   376 N  N1    . C   C 2 4 ? -2.908  2.887   -2.836  1.00 23.68 ? 69   C   C N1    1 
ATOM   377 C  C2    . C   C 2 4 ? -2.409  2.911   -4.128  1.00 26.48 ? 69   C   C C2    1 
ATOM   378 O  O2    . C   C 2 4 ? -1.242  2.774   -4.562  1.00 28.84 ? 69   C   C O2    1 
ATOM   379 N  N3    . C   C 2 4 ? -3.282  3.046   -5.090  1.00 27.74 ? 69   C   C N3    1 
ATOM   380 C  C4    . C   C 2 4 ? -4.500  3.259   -4.925  1.00 30.22 ? 69   C   C C4    1 
ATOM   381 N  N4    . C   C 2 4 ? -5.092  3.490   -6.145  1.00 29.53 ? 69   C   C N4    1 
ATOM   382 C  C5    . C   C 2 4 ? -5.084  3.296   -3.600  1.00 30.81 ? 69   C   C C5    1 
ATOM   383 C  C6    . C   C 2 4 ? -4.240  3.112   -2.590  1.00 19.69 ? 69   C   C C6    1 
ATOM   384 P  P     . C   C 2 5 ? -1.281  7.054   0.028   1.00 29.96 ? 70   C   C P     1 
ATOM   385 O  OP1   . C   C 2 5 ? -0.451  7.486   1.142   1.00 33.24 ? 70   C   C OP1   1 
ATOM   386 O  OP2   . C   C 2 5 ? -2.633  7.319   -0.271  1.00 33.79 ? 70   C   C OP2   1 
ATOM   387 O  "O5'" . C   C 2 5 ? -0.170  6.973   -1.159  1.00 26.41 ? 70   C   C "O5'" 1 
ATOM   388 C  "C5'" . C   C 2 5 ? 1.152   6.796   -0.977  1.00 26.17 ? 70   C   C "C5'" 1 
ATOM   389 C  "C4'" . C   C 2 5 ? 1.832   6.804   -2.346  1.00 30.98 ? 70   C   C "C4'" 1 
ATOM   390 O  "O4'" . C   C 2 5 ? 1.127   5.874   -3.163  1.00 32.64 ? 70   C   C "O4'" 1 
ATOM   391 C  "C3'" . C   C 2 5 ? 1.650   8.050   -3.117  1.00 29.96 ? 70   C   C "C3'" 1 
ATOM   392 O  "O3'" . C   C 2 5 ? 2.444   9.124   -2.623  1.00 27.37 ? 70   C   C "O3'" 1 
ATOM   393 C  "C2'" . C   C 2 5 ? 2.043   7.540   -4.531  1.00 29.71 ? 70   C   C "C2'" 1 
ATOM   394 O  "O2'" . C   C 2 5 ? 3.363   7.192   -4.797  1.00 25.90 ? 70   C   C "O2'" 1 
ATOM   395 C  "C1'" . C   C 2 5 ? 1.287   6.217   -4.569  1.00 31.14 ? 70   C   C "C1'" 1 
ATOM   396 N  N1    . C   C 2 5 ? -0.142  6.304   -5.240  1.00 25.97 ? 70   C   C N1    1 
ATOM   397 C  C2    . C   C 2 5 ? -0.266  6.425   -6.683  1.00 27.16 ? 70   C   C C2    1 
ATOM   398 O  O2    . C   C 2 5 ? 0.799   6.411   -7.360  1.00 24.55 ? 70   C   C O2    1 
ATOM   399 N  N3    . C   C 2 5 ? -1.540  6.510   -7.220  1.00 25.45 ? 70   C   C N3    1 
ATOM   400 C  C4    . C   C 2 5 ? -2.566  6.494   -6.361  1.00 21.38 ? 70   C   C C4    1 
ATOM   401 N  N4    . C   C 2 5 ? -3.802  6.552   -6.825  1.00 29.13 ? 70   C   C N4    1 
ATOM   402 C  C5    . C   C 2 5 ? -2.427  6.397   -4.898  1.00 23.65 ? 70   C   C C5    1 
ATOM   403 C  C6    . C   C 2 5 ? -1.213  6.350   -4.430  1.00 21.03 ? 70   C   C C6    1 
ATOM   404 P  P     . G   C 2 6 ? 1.849   10.599  -2.862  1.00 31.32 ? 71   G   C P     1 
ATOM   405 O  OP1   . G   C 2 6 ? 2.643   11.625  -2.147  1.00 30.97 ? 71   G   C OP1   1 
ATOM   406 O  OP2   . G   C 2 6 ? 0.464   10.556  -2.478  1.00 32.92 ? 71   G   C OP2   1 
ATOM   407 O  "O5'" . G   C 2 6 ? 1.934   10.869  -4.501  1.00 24.90 ? 71   G   C "O5'" 1 
ATOM   408 C  "C5'" . G   C 2 6 ? 3.208   11.058  -5.113  1.00 30.25 ? 71   G   C "C5'" 1 
ATOM   409 C  "C4'" . G   C 2 6 ? 3.109   11.075  -6.657  1.00 25.02 ? 71   G   C "C4'" 1 
ATOM   410 O  "O4'" . G   C 2 6 ? 2.428   9.871   -7.074  1.00 24.94 ? 71   G   C "O4'" 1 
ATOM   411 C  "C3'" . G   C 2 6 ? 2.227   12.147  -7.375  1.00 21.83 ? 71   G   C "C3'" 1 
ATOM   412 O  "O3'" . G   C 2 6 ? 3.044   13.284  -7.294  1.00 27.71 ? 71   G   C "O3'" 1 
ATOM   413 C  "C2'" . G   C 2 6 ? 2.104   11.542  -8.766  1.00 17.58 ? 71   G   C "C2'" 1 
ATOM   414 O  "O2'" . G   C 2 6 ? 3.381   11.453  -9.289  1.00 21.17 ? 71   G   C "O2'" 1 
ATOM   415 C  "C1'" . G   C 2 6 ? 1.668   10.118  -8.317  1.00 24.96 ? 71   G   C "C1'" 1 
ATOM   416 N  N9    . G   C 2 6 ? 0.219   9.978   -8.016  1.00 20.94 ? 71   G   C N9    1 
ATOM   417 C  C8    . G   C 2 6 ? -0.520  9.885   -6.827  1.00 24.92 ? 71   G   C C8    1 
ATOM   418 N  N7    . G   C 2 6 ? -1.826  9.804   -7.064  1.00 22.73 ? 71   G   C N7    1 
ATOM   419 C  C5    . G   C 2 6 ? -1.906  9.807   -8.458  1.00 25.37 ? 71   G   C C5    1 
ATOM   420 C  C6    . G   C 2 6 ? -3.026  9.829   -9.252  1.00 24.47 ? 71   G   C C6    1 
ATOM   421 O  O6    . G   C 2 6 ? -4.170  9.738   -8.821  1.00 22.13 ? 71   G   C O6    1 
ATOM   422 N  N1    . G   C 2 6 ? -2.727  9.952   -10.607 1.00 22.64 ? 71   G   C N1    1 
ATOM   423 C  C2    . G   C 2 6 ? -1.532  10.184  -11.067 1.00 21.36 ? 71   G   C C2    1 
ATOM   424 N  N2    . G   C 2 6 ? -1.399  10.324  -12.403 1.00 24.01 ? 71   G   C N2    1 
ATOM   425 N  N3    . G   C 2 6 ? -0.412  10.179  -10.374 1.00 21.45 ? 71   G   C N3    1 
ATOM   426 C  C4    . G   C 2 6 ? -0.726  10.022  -9.045  1.00 26.89 ? 71   G   C C4    1 
ATOM   427 P  P     . C   C 2 7 ? 2.411   14.734  -7.275  1.00 31.07 ? 72   C   C P     1 
ATOM   428 O  OP1   . C   C 2 7 ? 3.710   15.463  -7.246  1.00 31.81 ? 72   C   C OP1   1 
ATOM   429 O  OP2   . C   C 2 7 ? 1.247   14.796  -6.328  1.00 27.74 ? 72   C   C OP2   1 
ATOM   430 O  "O5'" . C   C 2 7 ? 1.718   14.745  -8.779  1.00 32.33 ? 72   C   C "O5'" 1 
ATOM   431 C  "C5'" . C   C 2 7 ? 2.561   14.709  -9.997  1.00 34.91 ? 72   C   C "C5'" 1 
ATOM   432 C  "C4'" . C   C 2 7 ? 1.748   14.831  -11.301 1.00 30.57 ? 72   C   C "C4'" 1 
ATOM   433 O  "O4'" . C   C 2 7 ? 0.835   13.674  -11.538 1.00 32.90 ? 72   C   C "O4'" 1 
ATOM   434 C  "C3'" . C   C 2 7 ? 0.752   15.982  -11.115 1.00 34.18 ? 72   C   C "C3'" 1 
ATOM   435 O  "O3'" . C   C 2 7 ? 1.269   17.418  -11.162 1.00 41.01 ? 72   C   C "O3'" 1 
ATOM   436 C  "C2'" . C   C 2 7 ? -0.346  15.562  -12.087 1.00 23.10 ? 72   C   C "C2'" 1 
ATOM   437 O  "O2'" . C   C 2 7 ? 0.253   15.517  -13.391 1.00 36.79 ? 72   C   C "O2'" 1 
ATOM   438 C  "C1'" . C   C 2 7 ? -0.489  14.066  -11.761 1.00 29.41 ? 72   C   C "C1'" 1 
ATOM   439 N  N1    . C   C 2 7 ? -1.530  13.677  -10.714 1.00 30.48 ? 72   C   C N1    1 
ATOM   440 C  C2    . C   C 2 7 ? -2.832  13.476  -11.165 1.00 32.53 ? 72   C   C C2    1 
ATOM   441 O  O2    . C   C 2 7 ? -3.209  13.530  -12.384 1.00 30.40 ? 72   C   C O2    1 
ATOM   442 N  N3    . C   C 2 7 ? -3.723  13.151  -10.286 1.00 31.46 ? 72   C   C N3    1 
ATOM   443 C  C4    . C   C 2 7 ? -3.335  13.125  -9.001  1.00 33.71 ? 72   C   C C4    1 
ATOM   444 N  N4    . C   C 2 7 ? -4.321  12.829  -8.126  1.00 32.66 ? 72   C   C N4    1 
ATOM   445 C  C5    . C   C 2 7 ? -2.061  13.421  -8.520  1.00 27.08 ? 72   C   C C5    1 
ATOM   446 C  C6    . C   C 2 7 ? -1.169  13.676  -9.411  1.00 29.00 ? 72   C   C C6    1 
ATOM   447 O  "O5'" . U   D 2 1 ? 14.263  -12.309 7.951   1.00 40.67 ? 66   U   D "O5'" 1 
ATOM   448 C  "C5'" . U   D 2 1 ? 14.152  -13.505 8.810   1.00 41.36 ? 66   U   D "C5'" 1 
ATOM   449 C  "C4'" . U   D 2 1 ? 14.092  -12.990 10.270  1.00 36.19 ? 66   U   D "C4'" 1 
ATOM   450 O  "O4'" . U   D 2 1 ? 15.119  -11.949 10.466  1.00 39.69 ? 66   U   D "O4'" 1 
ATOM   451 C  "C3'" . U   D 2 1 ? 12.879  -12.220 10.782  1.00 34.91 ? 66   U   D "C3'" 1 
ATOM   452 O  "O3'" . U   D 2 1 ? 12.090  -13.180 11.129  1.00 37.48 ? 66   U   D "O3'" 1 
ATOM   453 C  "C2'" . U   D 2 1 ? 13.469  -11.577 12.040  1.00 37.25 ? 66   U   D "C2'" 1 
ATOM   454 O  "O2'" . U   D 2 1 ? 13.816  -12.640 12.973  1.00 41.39 ? 66   U   D "O2'" 1 
ATOM   455 C  "C1'" . U   D 2 1 ? 14.679  -10.907 11.325  1.00 35.76 ? 66   U   D "C1'" 1 
ATOM   456 N  N1    . U   D 2 1 ? 14.474  -9.585  10.717  1.00 34.94 ? 66   U   D N1    1 
ATOM   457 C  C2    . U   D 2 1 ? 14.227  -8.741  11.667  1.00 35.16 ? 66   U   D C2    1 
ATOM   458 O  O2    . U   D 2 1 ? 14.254  -9.185  12.772  1.00 39.26 ? 66   U   D O2    1 
ATOM   459 N  N3    . U   D 2 1 ? 13.955  -7.497  11.406  1.00 34.21 ? 66   U   D N3    1 
ATOM   460 C  C4    . U   D 2 1 ? 13.916  -6.970  10.142  1.00 37.68 ? 66   U   D C4    1 
ATOM   461 O  O4    . U   D 2 1 ? 13.632  -5.771  10.167  1.00 40.16 ? 66   U   D O4    1 
ATOM   462 C  C5    . U   D 2 1 ? 14.143  -7.884  9.058   1.00 37.80 ? 66   U   D C5    1 
ATOM   463 C  C6    . U   D 2 1 ? 14.409  -9.195  9.360   1.00 44.82 ? 66   U   D C6    1 
ATOM   464 P  P     . U   D 2 2 ? 10.484  -13.140 11.095  1.00 39.98 ? 67   U   D P     1 
ATOM   465 O  OP1   . U   D 2 2 ? 10.195  -14.554 10.744  1.00 35.40 ? 67   U   D OP1   1 
ATOM   466 O  OP2   . U   D 2 2 ? 10.208  -11.963 10.246  1.00 44.17 ? 67   U   D OP2   1 
ATOM   467 O  "O5'" . U   D 2 2 ? 9.964   -12.420 12.389  1.00 43.03 ? 67   U   D "O5'" 1 
ATOM   468 C  "C5'" . U   D 2 2 ? 10.114  -12.908 13.758  1.00 44.55 ? 67   U   D "C5'" 1 
ATOM   469 C  "C4'" . U   D 2 2 ? 10.085  -11.604 14.573  1.00 39.24 ? 67   U   D "C4'" 1 
ATOM   470 O  "O4'" . U   D 2 2 ? 10.892  -10.606 14.020  1.00 32.46 ? 67   U   D "O4'" 1 
ATOM   471 C  "C3'" . U   D 2 2 ? 8.836   -10.769 14.644  1.00 37.08 ? 67   U   D "C3'" 1 
ATOM   472 O  "O3'" . U   D 2 2 ? 7.828   -11.364 15.409  1.00 38.59 ? 67   U   D "O3'" 1 
ATOM   473 C  "C2'" . U   D 2 2 ? 9.275   -9.592  15.413  1.00 33.02 ? 67   U   D "C2'" 1 
ATOM   474 O  "O2'" . U   D 2 2 ? 9.407   -10.006 16.788  1.00 41.39 ? 67   U   D "O2'" 1 
ATOM   475 C  "C1'" . U   D 2 2 ? 10.573  -9.351  14.584  1.00 35.11 ? 67   U   D "C1'" 1 
ATOM   476 N  N1    . U   D 2 2 ? 10.484  -8.271  13.386  1.00 31.10 ? 67   U   D N1    1 
ATOM   477 C  C2    . U   D 2 2 ? 10.183  -6.960  13.719  1.00 34.52 ? 67   U   D C2    1 
ATOM   478 O  O2    . U   D 2 2 ? 9.955   -6.470  14.890  1.00 29.70 ? 67   U   D O2    1 
ATOM   479 N  N3    . U   D 2 2 ? 10.165  -6.094  12.597  1.00 29.77 ? 67   U   D N3    1 
ATOM   480 C  C4    . U   D 2 2 ? 10.387  -6.507  11.257  1.00 31.66 ? 67   U   D C4    1 
ATOM   481 O  O4    . U   D 2 2 ? 10.228  -5.568  10.405  1.00 36.45 ? 67   U   D O4    1 
ATOM   482 C  C5    . U   D 2 2 ? 10.629  -7.865  10.987  1.00 28.20 ? 67   U   D C5    1 
ATOM   483 C  C6    . U   D 2 2 ? 10.672  -8.740  12.061  1.00 31.59 ? 67   U   D C6    1 
ATOM   484 P  P     . C   D 2 3 ? 6.328   -11.444 14.841  1.00 33.89 ? 68   C   D P     1 
ATOM   485 O  OP1   . C   D 2 3 ? 5.720   -12.631 15.475  1.00 30.57 ? 68   C   D OP1   1 
ATOM   486 O  OP2   . C   D 2 3 ? 6.277   -11.571 13.441  1.00 33.50 ? 68   C   D OP2   1 
ATOM   487 O  "O5'" . C   D 2 3 ? 5.717   -10.124 15.177  1.00 33.23 ? 68   C   D "O5'" 1 
ATOM   488 C  "C5'" . C   D 2 3 ? 5.625   -9.827  16.570  1.00 34.36 ? 68   C   D "C5'" 1 
ATOM   489 C  "C4'" . C   D 2 3 ? 5.539   -8.347  16.738  1.00 29.69 ? 68   C   D "C4'" 1 
ATOM   490 O  "O4'" . C   D 2 3 ? 6.601   -7.645  16.038  1.00 30.46 ? 68   C   D "O4'" 1 
ATOM   491 C  "C3'" . C   D 2 3 ? 4.423   -7.826  15.890  1.00 30.77 ? 68   C   D "C3'" 1 
ATOM   492 O  "O3'" . C   D 2 3 ? 3.068   -8.134  16.417  1.00 33.41 ? 68   C   D "O3'" 1 
ATOM   493 C  "C2'" . C   D 2 3 ? 4.730   -6.327  16.056  1.00 27.19 ? 68   C   D "C2'" 1 
ATOM   494 O  "O2'" . C   D 2 3 ? 4.186   -5.769  17.236  1.00 36.28 ? 68   C   D "O2'" 1 
ATOM   495 C  "C1'" . C   D 2 3 ? 6.194   -6.261  15.809  1.00 31.56 ? 68   C   D "C1'" 1 
ATOM   496 N  N1    . C   D 2 3 ? 6.455   -6.080  14.304  1.00 26.63 ? 68   C   D N1    1 
ATOM   497 C  C2    . C   D 2 3 ? 6.337   -4.912  13.566  1.00 34.80 ? 68   C   D C2    1 
ATOM   498 O  O2    . C   D 2 3 ? 6.011   -3.838  14.120  1.00 32.73 ? 68   C   D O2    1 
ATOM   499 N  N3    . C   D 2 3 ? 6.605   -4.980  12.199  1.00 29.71 ? 68   C   D N3    1 
ATOM   500 C  C4    . C   D 2 3 ? 6.951   -6.125  11.561  1.00 35.57 ? 68   C   D C4    1 
ATOM   501 N  N4    . C   D 2 3 ? 7.216   -6.160  10.163  1.00 32.69 ? 68   C   D N4    1 
ATOM   502 C  C5    . C   D 2 3 ? 7.053   -7.349  12.287  1.00 30.60 ? 68   C   D C5    1 
ATOM   503 C  C6    . C   D 2 3 ? 6.742   -7.213  13.613  1.00 24.68 ? 68   C   D C6    1 
ATOM   504 P  P     . C   D 2 4 ? 1.738   -8.349  15.525  1.00 35.92 ? 69   C   D P     1 
ATOM   505 O  OP1   . C   D 2 4 ? 0.607   -8.788  16.405  1.00 40.11 ? 69   C   D OP1   1 
ATOM   506 O  OP2   . C   D 2 4 ? 2.017   -8.793  14.169  1.00 33.61 ? 69   C   D OP2   1 
ATOM   507 O  "O5'" . C   D 2 4 ? 1.331   -6.762  15.249  1.00 35.20 ? 69   C   D "O5'" 1 
ATOM   508 C  "C5'" . C   D 2 4 ? 0.921   -5.864  16.256  1.00 35.05 ? 69   C   D "C5'" 1 
ATOM   509 C  "C4'" . C   D 2 4 ? 0.887   -4.525  15.599  1.00 36.97 ? 69   C   D "C4'" 1 
ATOM   510 O  "O4'" . C   D 2 4 ? 2.159   -4.209  15.017  1.00 37.07 ? 69   C   D "O4'" 1 
ATOM   511 C  "C3'" . C   D 2 4 ? -0.016  -4.431  14.404  1.00 36.28 ? 69   C   D "C3'" 1 
ATOM   512 O  "O3'" . C   D 2 4 ? -1.404  -4.503  14.798  1.00 37.54 ? 69   C   D "O3'" 1 
ATOM   513 C  "C2'" . C   D 2 4 ? 0.452   -3.078  13.885  1.00 38.24 ? 69   C   D "C2'" 1 
ATOM   514 O  "O2'" . C   D 2 4 ? -0.101  -1.993  14.642  1.00 37.39 ? 69   C   D "O2'" 1 
ATOM   515 C  "C1'" . C   D 2 4 ? 1.970   -3.235  13.993  1.00 36.28 ? 69   C   D "C1'" 1 
ATOM   516 N  N1    . C   D 2 4 ? 2.611   -3.734  12.680  1.00 29.99 ? 69   C   D N1    1 
ATOM   517 C  C2    . C   D 2 4 ? 2.716   -2.828  11.595  1.00 37.18 ? 69   C   D C2    1 
ATOM   518 O  O2    . C   D 2 4 ? 2.382   -1.621  11.649  1.00 30.69 ? 69   C   D O2    1 
ATOM   519 N  N3    . C   D 2 4 ? 3.219   -3.229  10.385  1.00 34.51 ? 69   C   D N3    1 
ATOM   520 C  C4    . C   D 2 4 ? 3.605   -4.469  10.230  1.00 33.70 ? 69   C   D C4    1 
ATOM   521 N  N4    . C   D 2 4 ? 4.070   -4.574  8.949   1.00 32.91 ? 69   C   D N4    1 
ATOM   522 C  C5    . C   D 2 4 ? 3.501   -5.466  11.283  1.00 30.62 ? 69   C   D C5    1 
ATOM   523 C  C6    . C   D 2 4 ? 2.957   -5.093  12.465  1.00 27.02 ? 69   C   D C6    1 
ATOM   524 P  P     . C   D 2 5 ? -2.538  -4.895  13.687  1.00 38.47 ? 70   C   D P     1 
ATOM   525 O  OP1   . C   D 2 5 ? -3.785  -5.091  14.470  1.00 46.03 ? 70   C   D OP1   1 
ATOM   526 O  OP2   . C   D 2 5 ? -2.139  -5.929  12.782  1.00 39.47 ? 70   C   D OP2   1 
ATOM   527 O  "O5'" . C   D 2 5 ? -2.441  -3.502  12.928  1.00 33.67 ? 70   C   D "O5'" 1 
ATOM   528 C  "C5'" . C   D 2 5 ? -3.155  -2.214  13.179  1.00 33.10 ? 70   C   D "C5'" 1 
ATOM   529 C  "C4'" . C   D 2 5 ? -2.886  -1.299  11.949  1.00 28.21 ? 70   C   D "C4'" 1 
ATOM   530 O  "O4'" . C   D 2 5 ? -1.519  -1.084  11.440  1.00 30.39 ? 70   C   D "O4'" 1 
ATOM   531 C  "C3'" . C   D 2 5 ? -3.542  -1.793  10.711  1.00 28.95 ? 70   C   D "C3'" 1 
ATOM   532 O  "O3'" . C   D 2 5 ? -4.938  -1.513  10.815  1.00 31.20 ? 70   C   D "O3'" 1 
ATOM   533 C  "C2'" . C   D 2 5 ? -2.969  -0.953  9.619   1.00 20.74 ? 70   C   D "C2'" 1 
ATOM   534 O  "O2'" . C   D 2 5 ? -3.249  0.424   9.728   1.00 22.45 ? 70   C   D "O2'" 1 
ATOM   535 C  "C1'" . C   D 2 5 ? -1.447  -1.136  9.972   1.00 24.35 ? 70   C   D "C1'" 1 
ATOM   536 N  N1    . C   D 2 5 ? -0.683  -2.279  9.498   1.00 29.40 ? 70   C   D N1    1 
ATOM   537 C  C2    . C   D 2 5 ? -0.136  -2.028  8.244   1.00 29.92 ? 70   C   D C2    1 
ATOM   538 O  O2    . C   D 2 5 ? -0.418  -1.008  7.645   1.00 25.40 ? 70   C   D O2    1 
ATOM   539 N  N3    . C   D 2 5 ? 0.578   -2.932  7.612   1.00 31.76 ? 70   C   D N3    1 
ATOM   540 C  C4    . C   D 2 5 ? 0.840   -4.115  8.175   1.00 27.23 ? 70   C   D C4    1 
ATOM   541 N  N4    . C   D 2 5 ? 1.616   -4.782  7.241   1.00 28.88 ? 70   C   D N4    1 
ATOM   542 C  C5    . C   D 2 5 ? 0.314   -4.478  9.509   1.00 27.85 ? 70   C   D C5    1 
ATOM   543 C  C6    . C   D 2 5 ? -0.430  -3.525  10.122  1.00 26.88 ? 70   C   D C6    1 
ATOM   544 P  P     . G   D 2 6 ? -5.975  -2.329  9.984   1.00 29.57 ? 71   G   D P     1 
ATOM   545 O  OP1   . G   D 2 6 ? -7.305  -1.836  10.502  1.00 29.45 ? 71   G   D OP1   1 
ATOM   546 O  OP2   . G   D 2 6 ? -5.767  -3.759  9.783   1.00 27.35 ? 71   G   D OP2   1 
ATOM   547 O  "O5'" . G   D 2 6 ? -5.719  -1.859  8.405   1.00 27.45 ? 71   G   D "O5'" 1 
ATOM   548 C  "C5'" . G   D 2 6 ? -6.456  -0.736  7.870   1.00 25.54 ? 71   G   D "C5'" 1 
ATOM   549 C  "C4'" . G   D 2 6 ? -5.998  -0.483  6.365   1.00 16.07 ? 71   G   D "C4'" 1 
ATOM   550 O  "O4'" . G   D 2 6 ? -4.535  -0.442  6.269   1.00 27.62 ? 71   G   D "O4'" 1 
ATOM   551 C  "C3'" . G   D 2 6 ? -6.241  -1.673  5.623   1.00 21.62 ? 71   G   D "C3'" 1 
ATOM   552 O  "O3'" . G   D 2 6 ? -7.753  -1.585  5.444   1.00 29.06 ? 71   G   D "O3'" 1 
ATOM   553 C  "C2'" . G   D 2 6 ? -5.474  -1.254  4.357   1.00 24.45 ? 71   G   D "C2'" 1 
ATOM   554 O  "O2'" . G   D 2 6 ? -5.885  -0.013  3.841   1.00 26.59 ? 71   G   D "O2'" 1 
ATOM   555 C  "C1'" . G   D 2 6 ? -4.150  -0.995  5.019   1.00 28.46 ? 71   G   D "C1'" 1 
ATOM   556 N  N9    . G   D 2 6 ? -3.370  -2.214  5.253   1.00 29.17 ? 71   G   D N9    1 
ATOM   557 C  C8    . G   D 2 6 ? -3.287  -3.030  6.440   1.00 23.83 ? 71   G   D C8    1 
ATOM   558 N  N7    . G   D 2 6 ? -2.428  -4.002  6.263   1.00 20.06 ? 71   G   D N7    1 
ATOM   559 C  C5    . G   D 2 6 ? -1.956  -3.914  4.943   1.00 25.80 ? 71   G   D C5    1 
ATOM   560 C  C6    . G   D 2 6 ? -1.057  -4.697  4.245   1.00 24.90 ? 71   G   D C6    1 
ATOM   561 O  O6    . G   D 2 6 ? -0.488  -5.716  4.588   1.00 27.25 ? 71   G   D O6    1 
ATOM   562 N  N1    . G   D 2 6 ? -0.904  -4.274  2.944   1.00 25.16 ? 71   G   D N1    1 
ATOM   563 C  C2    . G   D 2 6 ? -1.481  -3.129  2.453   1.00 24.42 ? 71   G   D C2    1 
ATOM   564 N  N2    . G   D 2 6 ? -1.167  -2.836  1.212   1.00 30.02 ? 71   G   D N2    1 
ATOM   565 N  N3    . G   D 2 6 ? -2.322  -2.315  3.017   1.00 25.84 ? 71   G   D N3    1 
ATOM   566 C  C4    . G   D 2 6 ? -2.513  -2.765  4.311   1.00 29.63 ? 71   G   D C4    1 
ATOM   567 P  P     . C   D 2 7 ? -8.714  -2.807  5.269   1.00 33.75 ? 72   C   D P     1 
ATOM   568 O  OP1   . C   D 2 7 ? -9.922  -1.975  5.450   1.00 41.40 ? 72   C   D OP1   1 
ATOM   569 O  OP2   . C   D 2 7 ? -8.172  -3.963  5.986   1.00 36.81 ? 72   C   D OP2   1 
ATOM   570 O  "O5'" . C   D 2 7 ? -8.276  -3.361  3.729   1.00 30.34 ? 72   C   D "O5'" 1 
ATOM   571 C  "C5'" . C   D 2 7 ? -8.441  -2.323  2.726   1.00 29.02 ? 72   C   D "C5'" 1 
ATOM   572 C  "C4'" . C   D 2 7 ? -7.790  -2.886  1.468   1.00 20.29 ? 72   C   D "C4'" 1 
ATOM   573 O  "O4'" . C   D 2 7 ? -6.357  -2.806  1.574   1.00 27.11 ? 72   C   D "O4'" 1 
ATOM   574 C  "C3'" . C   D 2 7 ? -7.991  -4.319  1.057   1.00 26.93 ? 72   C   D "C3'" 1 
ATOM   575 O  "O3'" . C   D 2 7 ? -9.150  -4.302  0.255   1.00 25.15 ? 72   C   D "O3'" 1 
ATOM   576 C  "C2'" . C   D 2 7 ? -6.716  -4.570  0.281   1.00 32.00 ? 72   C   D "C2'" 1 
ATOM   577 O  "O2'" . C   D 2 7 ? -6.655  -3.891  -1.006  1.00 24.63 ? 72   C   D "O2'" 1 
ATOM   578 C  "C1'" . C   D 2 7 ? -5.615  -3.921  1.166   1.00 26.22 ? 72   C   D "C1'" 1 
ATOM   579 N  N1    . C   D 2 7 ? -4.823  -4.869  2.037   1.00 27.98 ? 72   C   D N1    1 
ATOM   580 C  C2    . C   D 2 7 ? -3.814  -5.676  1.425   1.00 31.47 ? 72   C   D C2    1 
ATOM   581 O  O2    . C   D 2 7 ? -3.455  -5.584  0.213   1.00 28.01 ? 72   C   D O2    1 
ATOM   582 N  N3    . C   D 2 7 ? -3.061  -6.562  2.111   1.00 27.17 ? 72   C   D N3    1 
ATOM   583 C  C4    . C   D 2 7 ? -3.387  -6.770  3.403   1.00 34.00 ? 72   C   D C4    1 
ATOM   584 N  N4    . C   D 2 7 ? -2.606  -7.752  4.007   1.00 30.83 ? 72   C   D N4    1 
ATOM   585 C  C5    . C   D 2 7 ? -4.444  -6.053  4.025   1.00 28.30 ? 72   C   D C5    1 
ATOM   586 C  C6    . C   D 2 7 ? -5.138  -5.153  3.352   1.00 31.60 ? 72   C   D C6    1 
HETATM 587 MG MG    . MG  E 3 . ? -8.605  6.369   -6.796  1.00 50.06 ? 1073 MG  C MG    1 
HETATM 588 O  O     . HOH F 4 . ? -9.740  5.209   -19.326 1.00 35.38 ? 2001 HOH A O     1 
HETATM 589 O  O     . HOH F 4 . ? 3.549   7.556   -10.211 1.00 46.91 ? 2002 HOH A O     1 
HETATM 590 O  O     . HOH F 4 . ? 2.699   6.788   -13.581 1.00 46.23 ? 2003 HOH A O     1 
HETATM 591 O  O     . HOH F 4 . ? -7.919  6.015   -14.741 1.00 37.37 ? 2004 HOH A O     1 
HETATM 592 O  O     . HOH F 4 . ? -5.050  2.222   -19.151 1.00 40.62 ? 2005 HOH A O     1 
HETATM 593 O  O     . HOH F 4 . ? 3.270   3.525   -8.792  1.00 33.08 ? 2006 HOH A O     1 
HETATM 594 O  O     . HOH F 4 . ? 3.228   2.411   -5.715  1.00 46.82 ? 2007 HOH A O     1 
HETATM 595 O  O     . HOH F 4 . ? -5.111  3.427   -12.199 1.00 23.33 ? 2008 HOH A O     1 
HETATM 596 O  O     . HOH F 4 . ? 1.625   1.208   -19.731 1.00 34.97 ? 2009 HOH A O     1 
HETATM 597 O  O     . HOH F 4 . ? -0.346  -0.061  -1.137  1.00 34.64 ? 2010 HOH A O     1 
HETATM 598 O  O     . HOH F 4 . ? -7.019  -2.181  -10.712 1.00 43.49 ? 2011 HOH A O     1 
HETATM 599 O  O     . HOH F 4 . ? -3.863  -12.359 -5.252  1.00 44.95 ? 2012 HOH A O     1 
HETATM 600 O  O     . HOH G 4 . ? 3.368   -9.248  3.954   1.00 40.71 ? 2001 HOH B O     1 
HETATM 601 O  O     . HOH G 4 . ? 7.156   -11.300 -5.017  1.00 43.72 ? 2002 HOH B O     1 
HETATM 602 O  O     . HOH G 4 . ? 1.756   -9.083  5.898   1.00 46.91 ? 2003 HOH B O     1 
HETATM 603 O  O     . HOH G 4 . ? 6.214   -6.802  1.104   1.00 35.79 ? 2004 HOH B O     1 
HETATM 604 O  O     . HOH G 4 . ? 7.072   2.127   -3.074  1.00 48.38 ? 2005 HOH B O     1 
HETATM 605 O  O     . HOH G 4 . ? 5.533   -6.298  5.510   1.00 34.14 ? 2006 HOH B O     1 
HETATM 606 O  O     . HOH G 4 . ? -0.178  0.932   1.276   1.00 31.48 ? 2007 HOH B O     1 
HETATM 607 O  O     . HOH G 4 . ? -2.335  2.007   4.298   1.00 33.56 ? 2008 HOH B O     1 
HETATM 608 O  O     . HOH G 4 . ? 8.810   -4.447  6.928   1.00 40.51 ? 2009 HOH B O     1 
HETATM 609 O  O     . HOH G 4 . ? 4.407   6.881   12.599  0.50 31.42 ? 2010 HOH B O     1 
HETATM 610 O  O     . HOH G 4 . ? 8.819   -1.424  6.073   1.00 42.31 ? 2011 HOH B O     1 
HETATM 611 O  O     . HOH G 4 . ? 10.534  -2.021  8.553   1.00 34.91 ? 2012 HOH B O     1 
HETATM 612 O  O     . HOH G 4 . ? 9.666   1.301   9.388   1.00 40.49 ? 2013 HOH B O     1 
HETATM 613 O  O     . HOH G 4 . ? 11.372  6.598   13.370  1.00 41.35 ? 2014 HOH B O     1 
HETATM 614 O  O     . HOH G 4 . ? 13.318  -4.313  18.375  1.00 42.86 ? 2015 HOH B O     1 
HETATM 615 O  O     . HOH H 4 . ? -18.609 0.708   -3.718  1.00 46.28 ? 2001 HOH C O     1 
HETATM 616 O  O     . HOH H 4 . ? -15.278 -5.403  -3.323  1.00 39.59 ? 2002 HOH C O     1 
HETATM 617 O  O     . HOH H 4 . ? -13.840 4.610   -0.270  1.00 47.56 ? 2003 HOH C O     1 
HETATM 618 O  O     . HOH H 4 . ? -9.208  4.023   -2.696  1.00 41.56 ? 2004 HOH C O     1 
HETATM 619 O  O     . HOH H 4 . ? 0.933   1.419   -3.266  1.00 40.29 ? 2005 HOH C O     1 
HETATM 620 O  O     . HOH H 4 . ? 0.107   4.828   3.447   1.00 39.94 ? 2006 HOH C O     1 
HETATM 621 O  O     . HOH H 4 . ? -4.823  6.671   -1.951  1.00 35.30 ? 2007 HOH C O     1 
HETATM 622 O  O     . HOH H 4 . ? 0.082   10.557  1.032   1.00 51.28 ? 2008 HOH C O     1 
HETATM 623 O  O     . HOH H 4 . ? -4.638  7.756   1.363   1.00 46.39 ? 2009 HOH C O     1 
HETATM 624 O  O     . HOH H 4 . ? 0.963   10.846  -14.266 1.00 46.02 ? 2010 HOH C O     1 
HETATM 625 O  O     . HOH H 4 . ? -1.963  9.752   -2.721  1.00 34.10 ? 2011 HOH C O     1 
HETATM 626 O  O     . HOH H 4 . ? 4.543   13.384  -2.836  1.00 36.97 ? 2012 HOH C O     1 
HETATM 627 O  O     . HOH H 4 . ? 5.248   12.177  -8.936  0.50 16.54 ? 2013 HOH C O     1 
HETATM 628 O  O     . HOH H 4 . ? 4.290   17.912  -8.203  1.00 39.38 ? 2014 HOH C O     1 
HETATM 629 O  O     . HOH H 4 . ? 2.582   14.721  -3.434  1.00 36.15 ? 2015 HOH C O     1 
HETATM 630 O  O     . HOH H 4 . ? -0.210  16.901  -16.232 1.00 45.63 ? 2016 HOH C O     1 
HETATM 631 O  O     . HOH H 4 . ? -0.752  13.271  -5.209  1.00 36.27 ? 2017 HOH C O     1 
HETATM 632 O  O     . HOH H 4 . ? 3.518   17.018  -13.355 1.00 38.57 ? 2018 HOH C O     1 
HETATM 633 O  O     . HOH I 4 . ? 9.377   -18.118 12.181  1.00 53.55 ? 2001 HOH D O     1 
HETATM 634 O  O     . HOH I 4 . ? 12.093  -16.376 12.527  1.00 48.54 ? 2002 HOH D O     1 
HETATM 635 O  O     . HOH I 4 . ? -1.651  -2.329  17.220  1.00 37.82 ? 2003 HOH D O     1 
HETATM 636 O  O     . HOH I 4 . ? -2.391  -8.483  14.428  1.00 47.76 ? 2004 HOH D O     1 
HETATM 637 O  O     . HOH I 4 . ? -4.910  1.471   11.513  0.50 26.76 ? 2005 HOH D O     1 
HETATM 638 O  O     . HOH I 4 . ? 0.180   -7.169  12.037  1.00 39.73 ? 2006 HOH D O     1 
HETATM 639 O  O     . HOH I 4 . ? -9.454  -3.026  9.559   1.00 35.99 ? 2007 HOH D O     1 
HETATM 640 O  O     . HOH I 4 . ? -2.861  -1.884  -0.520  1.00 32.68 ? 2008 HOH D O     1 
HETATM 641 O  O     . HOH I 4 . ? -8.566  -2.885  12.892  1.00 46.29 ? 2009 HOH D O     1 
HETATM 642 O  O     . HOH I 4 . ? -11.987 -3.638  3.375   1.00 37.38 ? 2010 HOH D O     1 
HETATM 643 O  O     . HOH I 4 . ? -3.057  -4.174  -1.910  1.00 22.96 ? 2011 HOH D O     1 
# 
